data_8YI2
#
_entry.id   8YI2
#
_cell.length_a   117.463
_cell.length_b   65.885
_cell.length_c   129.853
_cell.angle_alpha   90.00
_cell.angle_beta   111.42
_cell.angle_gamma   90.00
#
_symmetry.space_group_name_H-M   'P 1 21 1'
#
_entity_poly.entity_id   1
_entity_poly.type   'polypeptide(L)'
_entity_poly.pdbx_seq_one_letter_code
;MAEIKTSLTFTVRRREPELVVPAEPTPRELKLLSDIDDQEILQSHLAGIQFFRHVPKMRNKKPATVIKEALAKFLVFYYP
FAGRVREGPSGKLMVDCSGQGALFIEAEADVTLSQFGDPLQPPFPCVEELLYNVPGTSGIIDTPLLLCQVTHLLCGGFIF
AFRFNHTMTDAQGLTLIMSALGEIARGAKAPSILPVWQRELLCSSDRPPMPITHDQIADAAEKDMTQKSFFITNTEISAL
RRHVPTHLQKCTTFELLTACIWRCHTIALQPDPKEEMHMIWPVNVRNKFKFIPPLPVGYYGNLLAFPDAVSTARDLCNKP
LGYALELVMKARYDVTKKRVGSVSDLVKPFKGPVPARHAIVSDLTRSGNNTVDYGWGNPAFVGPASGGIDNNPGLTTYLI
PHTNNKGESGIVVPIRLPSGVLDRFVKEINNMLTQAQKNEVLEEHKSPTPSKL
;
_entity_poly.pdbx_strand_id   B,A,C,D
#
# COMPACT_ATOMS: atom_id res chain seq x y z
N MET A 1 19.42 -24.00 43.68
CA MET A 1 19.06 -24.20 42.28
C MET A 1 20.21 -24.88 41.56
N ALA A 2 19.90 -25.99 40.88
CA ALA A 2 20.92 -26.87 40.33
C ALA A 2 21.59 -26.24 39.11
N GLU A 3 22.86 -26.56 38.93
CA GLU A 3 23.55 -26.31 37.67
C GLU A 3 23.63 -27.58 36.84
N ILE A 4 23.61 -27.41 35.52
CA ILE A 4 23.69 -28.53 34.57
C ILE A 4 24.99 -28.32 33.81
N LYS A 5 25.94 -29.21 34.01
CA LYS A 5 27.21 -29.20 33.29
C LYS A 5 27.17 -30.30 32.25
N THR A 6 27.51 -29.97 31.01
CA THR A 6 27.54 -30.99 29.98
C THR A 6 28.80 -31.85 30.15
N SER A 7 28.61 -33.14 30.34
CA SER A 7 29.73 -34.02 30.63
C SER A 7 29.80 -35.07 29.53
N LEU A 8 30.11 -34.62 28.30
CA LEU A 8 30.42 -35.46 27.15
C LEU A 8 31.28 -34.66 26.21
N THR A 9 32.32 -35.27 25.67
CA THR A 9 33.16 -34.55 24.74
C THR A 9 33.75 -35.55 23.77
N PHE A 10 33.87 -35.17 22.50
CA PHE A 10 34.32 -36.08 21.48
C PHE A 10 35.09 -35.28 20.44
N THR A 11 35.99 -35.96 19.75
CA THR A 11 36.58 -35.41 18.53
C THR A 11 35.51 -35.26 17.44
N VAL A 12 35.71 -34.27 16.56
CA VAL A 12 34.94 -34.16 15.32
C VAL A 12 35.92 -33.90 14.19
N ARG A 13 35.83 -34.67 13.12
CA ARG A 13 36.59 -34.42 11.91
C ARG A 13 35.63 -33.97 10.82
N ARG A 14 35.93 -32.84 10.18
CA ARG A 14 35.11 -32.25 9.14
C ARG A 14 35.95 -32.07 7.88
N ARG A 15 35.36 -32.33 6.72
CA ARG A 15 35.99 -31.94 5.46
C ARG A 15 35.87 -30.43 5.25
N GLU A 16 36.47 -29.92 4.18
CA GLU A 16 36.37 -28.48 3.98
C GLU A 16 34.96 -28.16 3.46
N PRO A 17 34.36 -27.09 3.94
CA PRO A 17 32.97 -26.79 3.51
C PRO A 17 32.87 -26.57 2.00
N GLU A 18 31.73 -26.99 1.43
CA GLU A 18 31.47 -26.88 -0.01
C GLU A 18 30.23 -26.02 -0.28
N LEU A 19 30.33 -25.19 -1.32
CA LEU A 19 29.23 -24.37 -1.80
C LEU A 19 28.26 -25.26 -2.57
N VAL A 20 27.00 -25.27 -2.18
CA VAL A 20 25.96 -26.01 -2.89
C VAL A 20 25.09 -24.99 -3.59
N VAL A 21 24.98 -25.16 -4.89
CA VAL A 21 24.31 -24.26 -5.79
C VAL A 21 23.05 -24.97 -6.22
N PRO A 22 22.03 -24.30 -6.72
CA PRO A 22 20.83 -25.04 -7.09
C PRO A 22 21.17 -25.94 -8.25
N ALA A 23 20.60 -27.16 -8.22
CA ALA A 23 20.88 -28.19 -9.21
C ALA A 23 20.54 -27.78 -10.65
N GLU A 24 19.75 -26.72 -10.82
CA GLU A 24 19.22 -26.29 -12.09
C GLU A 24 19.33 -24.77 -12.07
N PRO A 25 19.58 -24.13 -13.20
CA PRO A 25 19.67 -22.66 -13.21
C PRO A 25 18.37 -22.05 -12.71
N THR A 26 18.49 -21.06 -11.86
CA THR A 26 17.33 -20.40 -11.26
C THR A 26 17.30 -18.93 -11.66
N PRO A 27 16.20 -18.21 -11.42
CA PRO A 27 16.15 -16.78 -11.77
C PRO A 27 17.15 -15.92 -10.99
N ARG A 28 17.87 -15.05 -11.73
CA ARG A 28 18.81 -14.07 -11.16
C ARG A 28 18.04 -12.79 -10.84
N GLU A 29 17.55 -12.66 -9.63
CA GLU A 29 16.80 -11.45 -9.36
C GLU A 29 17.32 -10.77 -8.09
N LEU A 30 16.80 -9.58 -7.84
CA LEU A 30 17.03 -8.84 -6.62
C LEU A 30 15.70 -8.81 -5.89
N LYS A 31 15.61 -9.52 -4.78
CA LYS A 31 14.38 -9.65 -4.03
C LYS A 31 14.49 -8.75 -2.82
N LEU A 32 13.34 -8.38 -2.27
CA LEU A 32 13.25 -7.48 -1.14
C LEU A 32 12.93 -8.31 0.11
N LEU A 33 13.56 -7.96 1.24
CA LEU A 33 13.20 -8.52 2.53
C LEU A 33 12.10 -7.66 3.16
N SER A 34 11.14 -8.30 3.83
CA SER A 34 10.00 -7.55 4.39
C SER A 34 10.43 -6.62 5.53
N ASP A 35 9.49 -5.87 6.09
CA ASP A 35 9.87 -4.95 7.17
C ASP A 35 9.94 -5.68 8.51
N ILE A 36 9.33 -6.86 8.58
CA ILE A 36 9.50 -7.70 9.75
C ILE A 36 10.84 -8.41 9.73
N ASP A 37 11.18 -9.10 8.63
CA ASP A 37 12.46 -9.79 8.70
C ASP A 37 13.66 -8.84 8.58
N ASP A 38 13.42 -7.57 8.37
CA ASP A 38 14.48 -6.58 8.21
C ASP A 38 14.94 -5.93 9.52
N GLN A 39 14.13 -6.02 10.59
CA GLN A 39 14.34 -5.25 11.79
C GLN A 39 15.58 -5.73 12.54
N GLU A 40 16.15 -4.80 13.32
CA GLU A 40 17.46 -5.01 13.94
C GLU A 40 17.46 -6.28 14.78
N ILE A 41 16.50 -6.43 15.69
CA ILE A 41 16.58 -7.52 16.66
C ILE A 41 16.62 -8.86 15.97
N LEU A 42 16.09 -8.92 14.76
CA LEU A 42 16.04 -10.15 13.99
C LEU A 42 17.24 -10.33 13.06
N GLN A 43 18.22 -9.42 13.12
CA GLN A 43 19.44 -9.52 12.32
C GLN A 43 20.43 -10.41 13.06
N SER A 44 20.02 -11.65 13.25
CA SER A 44 20.86 -12.64 13.88
C SER A 44 20.83 -13.90 13.01
N HIS A 45 21.25 -15.02 13.59
CA HIS A 45 21.14 -16.30 12.97
C HIS A 45 20.17 -17.14 13.79
N LEU A 46 19.69 -18.23 13.19
CA LEU A 46 18.70 -19.06 13.82
C LEU A 46 19.06 -20.53 13.57
N ALA A 47 19.21 -21.31 14.65
CA ALA A 47 19.97 -22.55 14.57
C ALA A 47 19.14 -23.73 15.05
N GLY A 48 19.39 -24.90 14.45
CA GLY A 48 18.67 -26.11 14.80
C GLY A 48 19.55 -27.35 14.67
N ILE A 49 19.10 -28.41 15.35
CA ILE A 49 19.82 -29.68 15.39
C ILE A 49 18.86 -30.88 15.45
N GLN A 50 19.18 -31.91 14.64
CA GLN A 50 18.40 -33.12 14.48
C GLN A 50 19.31 -34.32 14.73
N PHE A 51 18.83 -35.31 15.51
CA PHE A 51 19.57 -36.54 15.80
C PHE A 51 18.85 -37.72 15.18
N PHE A 52 19.59 -38.51 14.39
CA PHE A 52 19.03 -39.65 13.69
C PHE A 52 19.78 -40.91 14.08
N ARG A 53 19.02 -41.89 14.55
CA ARG A 53 19.52 -43.21 14.89
C ARG A 53 19.91 -43.95 13.62
N HIS A 54 20.85 -44.88 13.77
CA HIS A 54 21.27 -45.67 12.62
C HIS A 54 20.13 -46.58 12.15
N VAL A 55 20.08 -46.79 10.84
CA VAL A 55 19.13 -47.72 10.22
C VAL A 55 19.91 -48.71 9.37
N PRO A 56 19.83 -50.02 9.62
CA PRO A 56 20.68 -50.97 8.87
C PRO A 56 20.37 -51.05 7.37
N LYS A 57 19.08 -51.03 6.98
CA LYS A 57 18.77 -51.15 5.56
C LYS A 57 19.31 -49.97 4.78
N MET A 58 19.45 -48.82 5.44
CA MET A 58 20.08 -47.66 4.81
C MET A 58 21.61 -47.80 4.75
N ARG A 59 22.15 -49.02 4.83
CA ARG A 59 23.60 -49.21 4.91
C ARG A 59 24.31 -48.76 3.65
N ASN A 60 23.68 -48.90 2.47
CA ASN A 60 24.39 -48.58 1.24
C ASN A 60 24.43 -47.09 0.95
N LYS A 61 23.86 -46.26 1.81
CA LYS A 61 23.66 -44.84 1.52
C LYS A 61 24.36 -43.96 2.55
N LYS A 62 25.03 -42.90 2.07
CA LYS A 62 25.75 -41.96 2.92
C LYS A 62 24.87 -40.74 3.21
N PRO A 63 24.42 -40.53 4.47
CA PRO A 63 23.45 -39.45 4.73
C PRO A 63 23.91 -38.07 4.25
N ALA A 64 25.17 -37.74 4.49
CA ALA A 64 25.70 -36.52 3.90
C ALA A 64 25.43 -36.47 2.40
N THR A 65 25.54 -37.59 1.69
CA THR A 65 25.44 -37.52 0.23
C THR A 65 23.99 -37.38 -0.25
N VAL A 66 23.10 -38.19 0.32
CA VAL A 66 21.67 -38.01 0.08
C VAL A 66 21.25 -36.57 0.39
N ILE A 67 21.67 -36.05 1.55
CA ILE A 67 21.17 -34.75 1.99
C ILE A 67 21.77 -33.63 1.14
N LYS A 68 23.09 -33.63 0.93
CA LYS A 68 23.73 -32.65 0.04
C LYS A 68 23.05 -32.59 -1.35
N GLU A 69 22.77 -33.76 -1.96
CA GLU A 69 22.18 -33.72 -3.31
C GLU A 69 20.72 -33.27 -3.26
N ALA A 70 19.98 -33.76 -2.25
CA ALA A 70 18.66 -33.24 -1.95
C ALA A 70 18.70 -31.74 -1.88
N LEU A 71 19.69 -31.20 -1.19
CA LEU A 71 19.84 -29.76 -0.99
C LEU A 71 19.92 -29.04 -2.32
N ALA A 72 20.81 -29.50 -3.21
CA ALA A 72 20.82 -28.96 -4.59
C ALA A 72 19.40 -28.84 -5.16
N LYS A 73 18.71 -29.98 -5.16
CA LYS A 73 17.38 -30.00 -5.75
C LYS A 73 16.39 -29.09 -5.00
N PHE A 74 16.60 -28.93 -3.70
CA PHE A 74 15.72 -28.12 -2.86
C PHE A 74 15.93 -26.64 -3.16
N LEU A 75 17.20 -26.25 -3.24
CA LEU A 75 17.59 -24.90 -3.60
C LEU A 75 17.08 -24.51 -4.97
N VAL A 76 16.72 -25.46 -5.81
CA VAL A 76 16.04 -25.05 -7.04
C VAL A 76 14.81 -24.21 -6.71
N PHE A 77 13.95 -24.70 -5.82
CA PHE A 77 12.69 -24.00 -5.48
C PHE A 77 12.95 -22.87 -4.47
N TYR A 78 13.61 -23.18 -3.35
CA TYR A 78 14.04 -22.17 -2.39
C TYR A 78 15.34 -21.52 -2.84
N TYR A 79 15.37 -21.04 -4.10
CA TYR A 79 16.60 -20.42 -4.60
C TYR A 79 17.04 -19.11 -3.90
N PRO A 80 16.19 -18.39 -3.16
CA PRO A 80 16.76 -17.31 -2.33
C PRO A 80 17.77 -17.83 -1.33
N PHE A 81 17.59 -19.08 -0.88
CA PHE A 81 18.52 -19.56 0.13
C PHE A 81 19.89 -19.86 -0.46
N ALA A 82 20.06 -19.70 -1.77
CA ALA A 82 21.38 -19.76 -2.36
C ALA A 82 21.95 -18.40 -2.66
N GLY A 83 21.27 -17.33 -2.24
CA GLY A 83 21.70 -15.98 -2.51
C GLY A 83 22.40 -15.34 -1.31
N ARG A 84 22.84 -14.11 -1.50
CA ARG A 84 23.41 -13.39 -0.36
C ARG A 84 22.49 -12.23 0.00
N VAL A 85 22.40 -11.86 1.29
CA VAL A 85 21.70 -10.61 1.58
C VAL A 85 22.70 -9.48 1.49
N ARG A 86 22.20 -8.28 1.27
CA ARG A 86 23.08 -7.12 1.24
C ARG A 86 22.24 -5.85 1.37
N GLU A 87 22.97 -4.73 1.41
CA GLU A 87 22.38 -3.43 1.71
C GLU A 87 21.81 -2.79 0.47
N GLY A 88 20.48 -2.64 0.43
CA GLY A 88 19.86 -1.82 -0.56
C GLY A 88 20.23 -0.37 -0.35
N PRO A 89 19.83 0.49 -1.30
CA PRO A 89 19.91 1.92 -1.03
C PRO A 89 19.03 2.21 0.18
N SER A 90 19.20 3.41 0.74
CA SER A 90 18.56 3.83 1.99
C SER A 90 19.04 2.89 3.09
N GLY A 91 18.15 2.19 3.81
CA GLY A 91 18.62 1.31 4.85
C GLY A 91 17.94 -0.02 4.83
N LYS A 92 17.56 -0.49 3.65
CA LYS A 92 16.80 -1.71 3.55
C LYS A 92 17.65 -2.86 2.98
N LEU A 93 17.42 -4.06 3.51
CA LEU A 93 18.19 -5.22 3.12
C LEU A 93 17.47 -6.02 2.02
N MET A 94 18.24 -6.55 1.08
CA MET A 94 17.63 -7.34 0.00
C MET A 94 18.43 -8.60 -0.25
N VAL A 95 17.84 -9.54 -0.98
CA VAL A 95 18.52 -10.78 -1.33
C VAL A 95 18.99 -10.68 -2.77
N ASP A 96 20.26 -10.91 -2.97
CA ASP A 96 20.90 -10.99 -4.27
C ASP A 96 20.82 -12.46 -4.65
N CYS A 97 19.83 -12.78 -5.48
CA CYS A 97 19.58 -14.14 -5.91
C CYS A 97 20.42 -14.39 -7.15
N SER A 98 21.61 -14.97 -6.95
CA SER A 98 22.48 -15.32 -8.07
C SER A 98 23.04 -16.71 -7.91
N GLY A 99 22.45 -17.54 -7.05
CA GLY A 99 22.90 -18.92 -6.96
C GLY A 99 24.33 -19.07 -6.49
N GLN A 100 24.79 -18.19 -5.63
CA GLN A 100 26.15 -18.32 -5.09
C GLN A 100 26.32 -19.64 -4.35
N GLY A 101 25.27 -20.17 -3.73
CA GLY A 101 25.32 -21.41 -2.97
C GLY A 101 25.24 -21.25 -1.46
N ALA A 102 24.45 -22.11 -0.82
CA ALA A 102 24.50 -22.41 0.60
C ALA A 102 25.80 -23.14 0.96
N LEU A 103 26.12 -23.21 2.26
CA LEU A 103 27.30 -23.94 2.72
C LEU A 103 26.94 -25.30 3.29
N PHE A 104 27.81 -26.29 3.02
CA PHE A 104 27.55 -27.65 3.49
C PHE A 104 28.85 -28.29 3.98
N ILE A 105 28.81 -28.86 5.20
CA ILE A 105 29.96 -29.54 5.79
C ILE A 105 29.62 -31.02 6.03
N GLU A 106 30.49 -31.89 5.54
CA GLU A 106 30.50 -33.32 5.80
C GLU A 106 31.45 -33.65 6.93
N ALA A 107 30.97 -34.32 7.95
CA ALA A 107 31.81 -34.57 9.12
C ALA A 107 31.54 -35.96 9.68
N GLU A 108 32.42 -36.34 10.59
CA GLU A 108 32.34 -37.61 11.31
C GLU A 108 32.77 -37.33 12.75
N ALA A 109 32.18 -38.05 13.68
CA ALA A 109 32.46 -37.83 15.10
C ALA A 109 32.78 -39.15 15.81
N ASP A 110 33.84 -39.11 16.60
CA ASP A 110 34.29 -40.22 17.45
C ASP A 110 33.41 -40.37 18.69
N VAL A 111 32.18 -40.81 18.45
CA VAL A 111 31.18 -40.91 19.51
C VAL A 111 29.97 -41.56 18.89
N THR A 112 29.09 -42.09 19.73
CA THR A 112 27.88 -42.73 19.26
C THR A 112 26.67 -42.06 19.89
N LEU A 113 25.57 -42.13 19.15
CA LEU A 113 24.31 -41.61 19.63
C LEU A 113 24.04 -41.99 21.10
N SER A 114 24.37 -43.22 21.50
CA SER A 114 24.02 -43.67 22.85
C SER A 114 24.81 -42.89 23.89
N GLN A 115 26.08 -42.62 23.59
CA GLN A 115 26.95 -41.87 24.47
C GLN A 115 26.42 -40.46 24.76
N PHE A 116 25.36 -40.02 24.09
CA PHE A 116 24.77 -38.73 24.43
C PHE A 116 23.87 -38.83 25.63
N GLY A 117 23.31 -39.98 25.88
CA GLY A 117 22.51 -40.19 27.06
C GLY A 117 21.07 -40.49 26.72
N ASP A 118 20.36 -40.96 27.74
CA ASP A 118 18.93 -41.21 27.62
C ASP A 118 18.23 -40.28 28.60
N PRO A 119 17.40 -39.34 28.11
CA PRO A 119 17.17 -39.22 26.67
C PRO A 119 18.06 -38.17 26.00
N LEU A 120 17.99 -38.10 24.66
CA LEU A 120 18.45 -36.91 23.94
C LEU A 120 17.70 -35.70 24.48
N GLN A 121 18.40 -34.81 25.14
CA GLN A 121 17.79 -33.61 25.65
C GLN A 121 18.86 -32.55 25.66
N PRO A 122 18.50 -31.31 25.44
CA PRO A 122 19.49 -30.27 25.37
C PRO A 122 19.85 -29.77 26.77
N PRO A 123 20.87 -28.90 26.90
CA PRO A 123 21.77 -28.47 25.84
C PRO A 123 22.78 -29.54 25.55
N PHE A 124 23.19 -29.69 24.27
CA PHE A 124 24.00 -30.80 23.76
C PHE A 124 25.49 -30.51 23.86
N PRO A 125 26.28 -31.54 24.06
CA PRO A 125 27.73 -31.33 24.13
C PRO A 125 28.29 -31.08 22.75
N CYS A 126 29.38 -30.32 22.72
CA CYS A 126 30.21 -30.10 21.52
C CYS A 126 29.43 -29.54 20.32
N VAL A 127 28.28 -28.87 20.56
CA VAL A 127 27.44 -28.36 19.48
C VAL A 127 28.21 -27.36 18.61
N GLU A 128 29.11 -26.57 19.20
CA GLU A 128 29.99 -25.69 18.44
C GLU A 128 30.80 -26.45 17.40
N GLU A 129 30.97 -27.76 17.57
CA GLU A 129 31.71 -28.57 16.62
C GLU A 129 30.80 -29.31 15.64
N LEU A 130 29.59 -29.59 16.07
CA LEU A 130 28.60 -30.20 15.25
C LEU A 130 28.17 -29.30 14.12
N LEU A 131 28.20 -28.01 14.38
CA LEU A 131 27.83 -26.98 13.44
C LEU A 131 28.91 -25.93 13.46
N TYR A 132 29.99 -26.13 12.73
CA TYR A 132 31.14 -25.21 12.74
C TYR A 132 30.95 -23.81 12.22
N ASN A 133 31.67 -22.88 12.83
CA ASN A 133 31.54 -21.46 12.52
C ASN A 133 32.65 -21.05 11.56
N VAL A 134 32.51 -21.47 10.32
CA VAL A 134 33.53 -21.24 9.30
C VAL A 134 33.91 -19.76 9.34
N PRO A 135 35.17 -19.38 9.54
CA PRO A 135 35.50 -17.94 9.59
C PRO A 135 35.01 -17.19 8.35
N GLY A 136 34.64 -15.92 8.53
CA GLY A 136 33.96 -15.16 7.49
C GLY A 136 32.53 -15.58 7.13
N THR A 137 31.75 -16.12 8.10
CA THR A 137 30.36 -16.53 7.87
C THR A 137 29.33 -15.81 8.74
N SER A 138 29.72 -15.24 9.88
CA SER A 138 28.69 -15.02 10.88
C SER A 138 27.96 -13.71 10.67
N GLY A 139 28.45 -12.87 9.76
CA GLY A 139 27.76 -11.65 9.42
C GLY A 139 26.41 -11.89 8.77
N ILE A 140 25.53 -10.89 8.87
CA ILE A 140 24.23 -10.97 8.22
C ILE A 140 24.38 -10.81 6.72
N ILE A 141 25.11 -9.76 6.28
CA ILE A 141 25.19 -9.37 4.88
C ILE A 141 26.41 -10.06 4.27
N ASP A 142 26.26 -10.54 3.03
CA ASP A 142 27.33 -11.10 2.21
C ASP A 142 27.84 -12.44 2.72
N THR A 143 27.02 -13.16 3.47
CA THR A 143 27.35 -14.48 3.96
C THR A 143 26.33 -15.48 3.43
N PRO A 144 26.69 -16.75 3.32
CA PRO A 144 25.66 -17.76 2.99
C PRO A 144 24.50 -17.66 3.95
N LEU A 145 23.31 -17.86 3.42
CA LEU A 145 22.06 -17.74 4.15
C LEU A 145 21.68 -19.03 4.86
N LEU A 146 22.30 -20.15 4.45
CA LEU A 146 22.11 -21.46 5.05
C LEU A 146 23.48 -22.09 5.18
N LEU A 147 23.73 -22.66 6.36
CA LEU A 147 24.90 -23.50 6.59
C LEU A 147 24.44 -24.81 7.24
N CYS A 148 24.70 -25.93 6.61
CA CYS A 148 24.32 -27.18 7.28
C CYS A 148 25.47 -28.18 7.34
N GLN A 149 25.50 -28.91 8.44
CA GLN A 149 26.54 -29.90 8.70
C GLN A 149 25.85 -31.23 8.91
N VAL A 150 26.22 -32.23 8.10
CA VAL A 150 25.89 -33.62 8.40
C VAL A 150 27.13 -34.27 9.01
N THR A 151 26.98 -34.84 10.20
CA THR A 151 28.10 -35.45 10.91
C THR A 151 27.70 -36.89 11.22
N HIS A 152 28.43 -37.85 10.65
CA HIS A 152 28.00 -39.22 10.88
C HIS A 152 28.73 -39.80 12.09
N LEU A 153 28.10 -40.79 12.71
CA LEU A 153 28.52 -41.36 13.98
C LEU A 153 29.12 -42.76 13.81
N LEU A 154 30.01 -43.13 14.77
CA LEU A 154 30.56 -44.48 14.79
C LEU A 154 29.49 -45.55 14.79
N CYS A 155 28.33 -45.27 15.42
CA CYS A 155 27.23 -46.23 15.48
C CYS A 155 26.45 -46.32 14.18
N GLY A 156 26.75 -45.48 13.18
CA GLY A 156 25.99 -45.44 11.95
C GLY A 156 24.79 -44.50 11.93
N GLY A 157 24.46 -43.87 13.04
CA GLY A 157 23.53 -42.76 13.00
C GLY A 157 24.27 -41.52 12.53
N PHE A 158 23.58 -40.39 12.64
CA PHE A 158 24.19 -39.12 12.26
C PHE A 158 23.38 -37.97 12.81
N ILE A 159 24.07 -36.85 12.96
CA ILE A 159 23.50 -35.57 13.34
C ILE A 159 23.44 -34.66 12.12
N PHE A 160 22.36 -33.87 12.02
CA PHE A 160 22.19 -32.85 10.99
C PHE A 160 21.93 -31.51 11.68
N ALA A 161 22.87 -30.58 11.57
CA ALA A 161 22.74 -29.25 12.14
C ALA A 161 22.56 -28.24 11.01
N PHE A 162 21.86 -27.14 11.29
CA PHE A 162 21.71 -26.10 10.28
C PHE A 162 21.56 -24.75 10.95
N ARG A 163 22.19 -23.74 10.33
CA ARG A 163 22.04 -22.35 10.70
C ARG A 163 21.52 -21.54 9.54
N PHE A 164 20.30 -21.03 9.71
CA PHE A 164 19.73 -20.07 8.78
C PHE A 164 20.08 -18.64 9.17
N ASN A 165 20.21 -17.79 8.15
CA ASN A 165 20.22 -16.34 8.39
C ASN A 165 18.80 -15.87 8.75
N HIS A 166 18.65 -15.25 9.92
CA HIS A 166 17.31 -15.01 10.47
C HIS A 166 16.54 -13.90 9.74
N THR A 167 17.17 -13.14 8.86
CA THR A 167 16.39 -12.24 8.02
C THR A 167 15.52 -12.95 7.01
N MET A 168 15.67 -14.27 6.82
CA MET A 168 14.91 -14.95 5.76
C MET A 168 13.72 -15.73 6.27
N THR A 169 13.77 -16.27 7.47
CA THR A 169 12.63 -17.00 8.00
C THR A 169 12.80 -17.10 9.51
N ASP A 170 11.82 -17.69 10.16
CA ASP A 170 11.76 -17.95 11.59
C ASP A 170 11.58 -19.46 11.82
N ALA A 171 11.51 -19.85 13.10
CA ALA A 171 11.38 -21.25 13.48
C ALA A 171 10.25 -21.95 12.74
N GLN A 172 9.11 -21.28 12.59
CA GLN A 172 7.95 -21.90 11.93
C GLN A 172 8.22 -22.15 10.46
N GLY A 173 8.72 -21.12 9.78
CA GLY A 173 9.26 -21.32 8.46
C GLY A 173 10.25 -22.45 8.43
N LEU A 174 11.24 -22.43 9.33
CA LEU A 174 12.20 -23.52 9.36
C LEU A 174 11.48 -24.85 9.28
N THR A 175 10.40 -25.01 10.05
CA THR A 175 9.71 -26.29 10.07
C THR A 175 9.21 -26.66 8.67
N LEU A 176 8.50 -25.72 8.04
CA LEU A 176 8.06 -25.94 6.66
C LEU A 176 9.21 -26.33 5.74
N ILE A 177 10.28 -25.52 5.77
CA ILE A 177 11.43 -25.66 4.87
C ILE A 177 12.14 -27.00 5.09
N MET A 178 12.31 -27.37 6.35
CA MET A 178 12.94 -28.63 6.71
C MET A 178 12.13 -29.79 6.15
N SER A 179 10.81 -29.72 6.30
CA SER A 179 9.94 -30.75 5.74
C SER A 179 10.06 -30.80 4.21
N ALA A 180 10.16 -29.65 3.57
CA ALA A 180 10.33 -29.64 2.11
C ALA A 180 11.59 -30.38 1.72
N LEU A 181 12.72 -29.92 2.27
CA LEU A 181 13.98 -30.64 2.10
C LEU A 181 13.83 -32.15 2.33
N GLY A 182 13.04 -32.55 3.32
CA GLY A 182 12.94 -33.97 3.61
C GLY A 182 12.22 -34.74 2.51
N GLU A 183 11.13 -34.15 1.99
CA GLU A 183 10.41 -34.79 0.91
C GLU A 183 11.27 -34.89 -0.35
N ILE A 184 12.07 -33.84 -0.62
CA ILE A 184 12.94 -33.94 -1.78
C ILE A 184 14.04 -34.99 -1.56
N ALA A 185 14.54 -35.11 -0.33
CA ALA A 185 15.50 -36.17 0.00
C ALA A 185 14.88 -37.55 -0.14
N ARG A 186 13.56 -37.62 -0.02
CA ARG A 186 12.81 -38.85 0.09
C ARG A 186 12.24 -39.30 -1.26
N GLY A 187 12.69 -38.68 -2.36
CA GLY A 187 12.24 -39.03 -3.70
C GLY A 187 11.34 -38.02 -4.38
N ALA A 188 10.69 -37.12 -3.64
CA ALA A 188 9.76 -36.22 -4.26
C ALA A 188 10.46 -35.32 -5.28
N LYS A 189 9.69 -34.82 -6.22
CA LYS A 189 10.18 -33.93 -7.25
C LYS A 189 9.82 -32.47 -6.99
N ALA A 190 8.90 -32.23 -6.06
CA ALA A 190 8.54 -30.90 -5.60
C ALA A 190 8.10 -31.00 -4.14
N PRO A 191 8.35 -29.97 -3.34
CA PRO A 191 7.69 -29.92 -2.01
C PRO A 191 6.18 -30.02 -2.14
N SER A 192 5.55 -30.51 -1.08
CA SER A 192 4.09 -30.51 -1.01
C SER A 192 3.53 -29.10 -1.06
N ILE A 193 4.14 -28.18 -0.32
CA ILE A 193 3.82 -26.76 -0.43
C ILE A 193 4.87 -26.09 -1.30
N LEU A 194 4.41 -25.48 -2.39
CA LEU A 194 5.24 -24.66 -3.26
C LEU A 194 5.54 -23.29 -2.65
N PRO A 195 6.80 -22.95 -2.49
CA PRO A 195 7.14 -21.70 -1.78
C PRO A 195 6.82 -20.43 -2.57
N VAL A 196 6.32 -19.43 -1.88
CA VAL A 196 6.23 -18.13 -2.54
C VAL A 196 7.21 -17.22 -1.83
N TRP A 197 7.36 -16.01 -2.37
CA TRP A 197 8.19 -14.94 -1.83
C TRP A 197 7.47 -13.63 -2.02
N GLN A 198 6.68 -13.16 -1.07
CA GLN A 198 5.93 -11.95 -1.38
C GLN A 198 6.06 -10.98 -0.23
N ARG A 199 7.30 -10.68 0.10
CA ARG A 199 7.59 -9.97 1.33
C ARG A 199 7.07 -8.52 1.26
N GLU A 200 6.67 -8.10 0.07
CA GLU A 200 6.05 -6.82 -0.13
C GLU A 200 4.76 -6.68 0.67
N LEU A 201 3.99 -7.76 0.82
CA LEU A 201 2.78 -7.70 1.63
C LEU A 201 3.08 -7.24 3.07
N LEU A 202 4.35 -7.28 3.48
CA LEU A 202 4.76 -6.90 4.82
C LEU A 202 5.69 -5.70 4.78
N CYS A 203 5.61 -4.89 3.75
CA CYS A 203 6.40 -3.67 3.71
C CYS A 203 5.47 -2.46 3.72
N SER A 204 6.06 -1.30 3.97
CA SER A 204 5.39 -0.02 3.81
C SER A 204 6.38 1.09 4.12
N ASP A 224 35.39 -10.87 30.36
CA ASP A 224 35.11 -11.77 31.48
C ASP A 224 33.63 -12.07 31.63
N MET A 225 33.15 -13.06 30.88
CA MET A 225 31.80 -13.56 31.02
C MET A 225 31.86 -15.02 31.46
N THR A 226 30.82 -15.47 32.17
CA THR A 226 30.75 -16.87 32.56
C THR A 226 29.39 -17.43 32.16
N GLN A 227 29.36 -18.74 31.90
CA GLN A 227 28.13 -19.43 31.56
C GLN A 227 27.76 -20.40 32.67
N LYS A 228 26.46 -20.56 32.84
CA LYS A 228 25.88 -21.49 33.78
C LYS A 228 24.57 -21.91 33.16
N SER A 229 24.22 -23.17 33.30
CA SER A 229 22.89 -23.57 32.91
C SER A 229 22.20 -24.08 34.15
N PHE A 230 20.93 -23.73 34.32
CA PHE A 230 20.20 -24.08 35.53
C PHE A 230 18.97 -24.92 35.21
N PHE A 231 18.73 -25.89 36.07
CA PHE A 231 17.53 -26.70 35.98
C PHE A 231 16.62 -26.17 37.08
N ILE A 232 15.38 -25.88 36.74
CA ILE A 232 14.38 -25.66 37.76
C ILE A 232 13.34 -26.73 37.55
N THR A 233 13.28 -27.64 38.51
CA THR A 233 12.21 -28.62 38.65
C THR A 233 10.83 -27.96 38.62
N ASN A 234 9.83 -28.68 38.10
CA ASN A 234 8.44 -28.21 38.24
C ASN A 234 8.01 -28.09 39.70
N THR A 235 8.79 -28.63 40.65
CA THR A 235 8.57 -28.41 42.08
C THR A 235 8.67 -26.93 42.41
N GLU A 236 9.84 -26.36 42.12
CA GLU A 236 10.06 -24.96 42.39
C GLU A 236 9.10 -24.08 41.59
N ILE A 237 8.90 -24.38 40.30
CA ILE A 237 7.92 -23.64 39.49
C ILE A 237 6.57 -23.61 40.21
N SER A 238 6.14 -24.76 40.75
CA SER A 238 4.89 -24.83 41.49
C SER A 238 4.89 -23.87 42.66
N ALA A 239 6.00 -23.84 43.39
CA ALA A 239 6.15 -22.92 44.52
C ALA A 239 5.99 -21.46 44.09
N LEU A 240 6.74 -21.07 43.07
CA LEU A 240 6.64 -19.72 42.54
C LEU A 240 5.22 -19.38 42.13
N ARG A 241 4.50 -20.35 41.53
CA ARG A 241 3.11 -20.12 41.17
C ARG A 241 2.28 -19.82 42.40
N ARG A 242 2.43 -20.62 43.46
CA ARG A 242 1.53 -20.40 44.59
C ARG A 242 1.88 -19.13 45.37
N HIS A 243 3.07 -18.56 45.13
CA HIS A 243 3.48 -17.32 45.79
C HIS A 243 3.13 -16.05 45.00
N VAL A 244 2.08 -16.05 44.17
CA VAL A 244 1.75 -14.80 43.48
C VAL A 244 0.27 -14.46 43.63
N PRO A 245 -0.18 -13.24 43.32
CA PRO A 245 -1.62 -12.96 43.36
C PRO A 245 -2.42 -13.96 42.52
N THR A 246 -3.52 -14.44 43.11
CA THR A 246 -4.41 -15.38 42.41
C THR A 246 -4.85 -14.85 41.05
N HIS A 247 -5.16 -13.55 40.97
CA HIS A 247 -5.59 -13.03 39.69
C HIS A 247 -4.52 -13.14 38.61
N LEU A 248 -3.28 -13.42 39.01
CA LEU A 248 -2.18 -13.60 38.07
C LEU A 248 -1.68 -15.03 38.02
N GLN A 249 -2.25 -15.93 38.84
CA GLN A 249 -1.77 -17.30 38.99
C GLN A 249 -2.05 -18.17 37.76
N LYS A 250 -2.81 -17.69 36.78
CA LYS A 250 -3.17 -18.48 35.61
C LYS A 250 -2.19 -18.31 34.45
N CYS A 251 -1.11 -17.55 34.63
CA CYS A 251 -0.15 -17.26 33.57
C CYS A 251 0.42 -18.55 32.97
N THR A 252 1.15 -18.42 31.87
CA THR A 252 1.97 -19.55 31.43
C THR A 252 3.23 -19.66 32.29
N THR A 253 3.79 -20.86 32.38
CA THR A 253 5.06 -21.02 33.08
C THR A 253 6.19 -20.27 32.40
N PHE A 254 6.18 -20.17 31.07
CA PHE A 254 7.08 -19.22 30.41
C PHE A 254 6.91 -17.83 31.02
N GLU A 255 5.69 -17.30 31.01
CA GLU A 255 5.47 -15.95 31.50
C GLU A 255 6.05 -15.78 32.90
N LEU A 256 5.74 -16.73 33.80
CA LEU A 256 6.25 -16.72 35.16
C LEU A 256 7.77 -16.67 35.19
N LEU A 257 8.43 -17.61 34.51
CA LEU A 257 9.89 -17.70 34.56
C LEU A 257 10.54 -16.46 33.95
N THR A 258 9.91 -15.86 32.93
CA THR A 258 10.44 -14.63 32.36
C THR A 258 10.28 -13.47 33.33
N ALA A 259 9.17 -13.47 34.07
CA ALA A 259 9.04 -12.49 35.13
C ALA A 259 10.18 -12.62 36.10
N CYS A 260 10.41 -13.86 36.54
CA CYS A 260 11.50 -14.12 37.47
C CYS A 260 12.84 -13.66 36.90
N ILE A 261 13.09 -13.90 35.60
CA ILE A 261 14.41 -13.58 35.09
C ILE A 261 14.56 -12.06 34.98
N TRP A 262 13.56 -11.38 34.43
CA TRP A 262 13.58 -9.91 34.41
C TRP A 262 13.85 -9.30 35.79
N ARG A 263 13.09 -9.73 36.80
CA ARG A 263 13.28 -9.28 38.17
C ARG A 263 14.71 -9.50 38.64
N CYS A 264 15.19 -10.75 38.55
CA CYS A 264 16.51 -11.07 39.09
C CYS A 264 17.62 -10.40 38.31
N HIS A 265 17.58 -10.51 36.98
CA HIS A 265 18.58 -9.87 36.15
C HIS A 265 18.68 -8.40 36.47
N THR A 266 17.56 -7.73 36.79
CA THR A 266 17.63 -6.28 37.04
C THR A 266 18.24 -5.99 38.41
N ILE A 267 17.66 -6.56 39.48
CA ILE A 267 18.30 -6.46 40.80
C ILE A 267 19.80 -6.74 40.67
N ALA A 268 20.12 -7.92 40.13
CA ALA A 268 21.50 -8.39 40.02
C ALA A 268 22.35 -7.48 39.17
N LEU A 269 21.75 -6.79 38.22
CA LEU A 269 22.53 -5.94 37.34
C LEU A 269 23.06 -4.72 38.06
N GLN A 270 22.54 -4.44 39.26
CA GLN A 270 22.90 -3.26 40.05
C GLN A 270 22.92 -1.99 39.20
N PRO A 271 21.78 -1.60 38.58
CA PRO A 271 21.75 -0.37 37.78
C PRO A 271 21.14 0.80 38.54
N ASP A 272 21.23 1.98 37.95
CA ASP A 272 20.64 3.18 38.52
C ASP A 272 19.14 2.98 38.68
N PRO A 273 18.59 3.19 39.87
CA PRO A 273 17.14 2.99 40.06
C PRO A 273 16.25 3.71 39.06
N LYS A 274 16.78 4.71 38.35
CA LYS A 274 15.94 5.40 37.37
C LYS A 274 16.00 4.77 35.99
N GLU A 275 17.00 3.94 35.70
CA GLU A 275 17.12 3.34 34.37
C GLU A 275 15.84 2.61 33.99
N GLU A 276 15.50 2.67 32.71
CA GLU A 276 14.35 1.96 32.15
C GLU A 276 14.75 0.53 31.78
N MET A 277 13.97 -0.45 32.25
CA MET A 277 14.27 -1.87 32.04
C MET A 277 13.25 -2.48 31.07
N HIS A 278 13.78 -3.18 30.05
CA HIS A 278 12.99 -3.78 28.96
C HIS A 278 13.12 -5.32 28.99
N MET A 279 12.02 -6.00 28.75
CA MET A 279 11.95 -7.46 28.70
C MET A 279 11.21 -7.85 27.44
N ILE A 280 11.97 -8.29 26.44
CA ILE A 280 11.53 -8.42 25.06
C ILE A 280 11.48 -9.88 24.66
N TRP A 281 10.37 -10.29 24.05
CA TRP A 281 10.48 -11.67 23.57
C TRP A 281 9.75 -11.91 22.26
N PRO A 282 10.14 -12.92 21.48
CA PRO A 282 9.40 -13.22 20.25
C PRO A 282 8.11 -13.97 20.53
N VAL A 283 7.04 -13.58 19.84
CA VAL A 283 5.80 -14.35 19.81
C VAL A 283 5.35 -14.56 18.36
N ASN A 284 5.14 -15.81 17.99
CA ASN A 284 4.78 -16.16 16.64
C ASN A 284 3.30 -15.91 16.48
N VAL A 285 2.94 -15.16 15.43
CA VAL A 285 1.55 -14.80 15.20
C VAL A 285 1.00 -15.47 13.93
N ARG A 286 1.72 -16.45 13.38
CA ARG A 286 1.27 -17.10 12.15
C ARG A 286 -0.15 -17.62 12.31
N ASN A 287 -0.41 -18.28 13.44
CA ASN A 287 -1.69 -18.91 13.75
C ASN A 287 -2.45 -18.19 14.85
N LYS A 288 -1.99 -17.03 15.32
CA LYS A 288 -2.72 -16.30 16.35
C LYS A 288 -3.68 -15.29 15.77
N PHE A 289 -3.42 -14.82 14.56
CA PHE A 289 -4.28 -13.85 13.90
C PHE A 289 -4.99 -14.47 12.70
N LYS A 290 -6.15 -13.90 12.38
CA LYS A 290 -6.91 -14.22 11.19
C LYS A 290 -6.74 -13.03 10.27
N PHE A 291 -5.95 -13.21 9.23
CA PHE A 291 -5.60 -12.11 8.35
C PHE A 291 -6.58 -11.94 7.18
N ILE A 292 -6.86 -10.68 6.84
CA ILE A 292 -7.58 -10.35 5.62
C ILE A 292 -6.86 -9.25 4.85
N PRO A 293 -6.32 -9.54 3.65
CA PRO A 293 -6.23 -10.80 2.89
C PRO A 293 -5.48 -11.88 3.65
N PRO A 294 -5.75 -13.15 3.37
CA PRO A 294 -5.03 -14.21 4.06
C PRO A 294 -3.55 -14.14 3.73
N LEU A 295 -2.78 -14.99 4.33
CA LEU A 295 -1.40 -15.01 3.90
C LEU A 295 -1.24 -15.94 2.69
N PRO A 296 -0.25 -15.72 1.83
CA PRO A 296 -0.02 -16.67 0.72
C PRO A 296 0.41 -18.03 1.24
N VAL A 297 0.11 -19.05 0.45
CA VAL A 297 0.28 -20.44 0.89
C VAL A 297 1.77 -20.77 1.11
N GLY A 298 2.66 -20.19 0.31
CA GLY A 298 4.03 -20.59 0.53
C GLY A 298 4.86 -19.53 1.21
N TYR A 299 4.21 -18.64 1.95
CA TYR A 299 4.95 -17.59 2.63
C TYR A 299 5.87 -18.21 3.68
N TYR A 300 7.13 -17.79 3.68
CA TYR A 300 8.04 -18.32 4.69
C TYR A 300 8.85 -17.15 5.23
N GLY A 301 8.26 -15.99 5.21
CA GLY A 301 8.90 -14.88 5.83
C GLY A 301 8.66 -14.90 7.31
N ASN A 302 9.47 -14.07 7.95
CA ASN A 302 9.36 -13.83 9.38
C ASN A 302 7.93 -13.36 9.71
N LEU A 303 7.35 -13.96 10.75
CA LEU A 303 6.02 -13.61 11.20
C LEU A 303 5.92 -13.45 12.72
N LEU A 304 6.63 -12.46 13.27
CA LEU A 304 6.85 -12.40 14.70
C LEU A 304 6.47 -11.04 15.24
N ALA A 305 5.76 -11.05 16.37
CA ALA A 305 5.54 -9.86 17.19
C ALA A 305 6.55 -9.88 18.33
N PHE A 306 6.96 -8.69 18.78
CA PHE A 306 7.90 -8.57 19.88
C PHE A 306 7.24 -7.75 20.98
N PRO A 307 6.50 -8.40 21.87
CA PRO A 307 6.13 -7.74 23.12
C PRO A 307 7.37 -7.21 23.82
N ASP A 308 7.17 -6.05 24.45
CA ASP A 308 8.18 -5.21 25.07
C ASP A 308 7.62 -4.82 26.44
N ALA A 309 7.94 -5.59 27.50
CA ALA A 309 7.52 -5.18 28.85
C ALA A 309 8.55 -4.25 29.43
N VAL A 310 8.10 -3.07 29.88
CA VAL A 310 9.01 -2.08 30.46
C VAL A 310 8.64 -1.81 31.91
N SER A 311 9.63 -1.34 32.69
CA SER A 311 9.44 -0.81 34.04
C SER A 311 10.67 -0.01 34.47
N THR A 312 10.51 0.80 35.49
CA THR A 312 11.73 1.43 36.01
C THR A 312 12.46 0.37 36.81
N ALA A 313 13.79 0.49 36.84
CA ALA A 313 14.57 -0.38 37.69
C ALA A 313 13.99 -0.45 39.11
N ARG A 314 13.71 0.71 39.70
CA ARG A 314 13.41 0.68 41.12
C ARG A 314 12.09 0.00 41.41
N ASP A 315 11.13 0.09 40.50
CA ASP A 315 9.88 -0.64 40.73
C ASP A 315 10.08 -2.15 40.64
N LEU A 316 10.88 -2.63 39.66
CA LEU A 316 11.16 -4.06 39.57
C LEU A 316 11.83 -4.58 40.84
N CYS A 317 12.82 -3.84 41.36
CA CYS A 317 13.58 -4.23 42.56
C CYS A 317 12.80 -4.07 43.87
N ASN A 318 12.01 -3.02 43.99
CA ASN A 318 11.26 -2.75 45.21
C ASN A 318 9.98 -3.57 45.31
N LYS A 319 9.29 -3.78 44.17
CA LYS A 319 8.03 -4.49 44.22
C LYS A 319 8.26 -5.99 44.13
N PRO A 320 7.30 -6.76 44.59
CA PRO A 320 7.36 -8.22 44.44
C PRO A 320 7.30 -8.72 42.99
N LEU A 321 7.44 -10.05 42.87
CA LEU A 321 7.40 -10.71 41.57
C LEU A 321 6.09 -10.43 40.85
N GLY A 322 5.01 -10.15 41.60
CA GLY A 322 3.72 -9.92 40.97
C GLY A 322 3.73 -8.71 40.07
N TYR A 323 4.48 -7.67 40.47
CA TYR A 323 4.62 -6.49 39.62
C TYR A 323 5.19 -6.88 38.25
N ALA A 324 6.34 -7.59 38.25
CA ALA A 324 7.01 -7.94 37.00
C ALA A 324 6.17 -8.90 36.18
N LEU A 325 5.61 -9.92 36.84
CA LEU A 325 4.74 -10.86 36.18
C LEU A 325 3.58 -10.15 35.50
N GLU A 326 2.76 -9.42 36.29
CA GLU A 326 1.62 -8.67 35.76
C GLU A 326 2.03 -7.82 34.58
N LEU A 327 3.20 -7.19 34.67
CA LEU A 327 3.64 -6.35 33.57
C LEU A 327 3.88 -7.18 32.32
N VAL A 328 4.45 -8.38 32.48
CA VAL A 328 4.76 -9.27 31.36
C VAL A 328 3.47 -9.70 30.68
N MET A 329 2.47 -10.05 31.48
CA MET A 329 1.20 -10.46 30.88
C MET A 329 0.51 -9.29 30.18
N LYS A 330 0.52 -8.11 30.78
CA LYS A 330 -0.05 -6.98 30.08
C LYS A 330 0.70 -6.73 28.77
N ALA A 331 2.00 -7.03 28.73
CA ALA A 331 2.76 -6.86 27.49
C ALA A 331 2.26 -7.82 26.42
N ARG A 332 2.20 -9.11 26.78
CA ARG A 332 1.75 -10.16 25.89
C ARG A 332 0.40 -9.80 25.29
N TYR A 333 -0.57 -9.53 26.17
CA TYR A 333 -1.91 -9.15 25.73
C TYR A 333 -1.83 -7.95 24.79
N ASP A 334 -1.17 -6.86 25.20
CA ASP A 334 -1.13 -5.65 24.39
C ASP A 334 -0.64 -5.93 22.97
N VAL A 335 0.40 -6.74 22.83
CA VAL A 335 0.86 -7.05 21.47
C VAL A 335 -0.05 -8.03 20.72
N THR A 336 -0.92 -8.76 21.42
CA THR A 336 -1.82 -9.70 20.76
C THR A 336 -3.27 -9.18 20.69
N LYS A 337 -3.50 -7.91 21.07
CA LYS A 337 -4.85 -7.42 21.35
C LYS A 337 -5.77 -7.58 20.15
N LYS A 338 -5.36 -7.09 18.99
CA LYS A 338 -6.11 -7.18 17.74
C LYS A 338 -5.97 -8.60 17.18
N ARG A 339 -7.08 -9.20 16.78
CA ARG A 339 -6.99 -10.56 16.26
C ARG A 339 -7.51 -10.71 14.83
N VAL A 340 -7.94 -9.62 14.16
CA VAL A 340 -8.38 -9.66 12.76
C VAL A 340 -7.98 -8.38 12.02
N GLY A 341 -7.33 -8.54 10.86
CA GLY A 341 -6.94 -7.42 10.04
C GLY A 341 -5.89 -7.83 9.02
N SER A 342 -5.28 -6.82 8.41
CA SER A 342 -4.23 -7.11 7.45
C SER A 342 -2.92 -7.39 8.20
N VAL A 343 -2.03 -8.12 7.54
CA VAL A 343 -0.72 -8.36 8.13
C VAL A 343 -0.05 -7.06 8.53
N SER A 344 -0.01 -6.06 7.62
CA SER A 344 0.70 -4.81 7.90
C SER A 344 0.09 -4.07 9.08
N ASP A 345 -1.23 -4.16 9.22
CA ASP A 345 -1.85 -3.57 10.39
C ASP A 345 -1.63 -4.42 11.63
N LEU A 346 -1.64 -5.74 11.51
CA LEU A 346 -1.54 -6.59 12.68
C LEU A 346 -0.10 -6.94 13.10
N VAL A 347 0.86 -7.03 12.17
CA VAL A 347 2.24 -7.43 12.46
C VAL A 347 3.14 -6.23 12.22
N LYS A 348 3.91 -5.83 13.23
CA LYS A 348 4.72 -4.63 13.11
C LYS A 348 6.09 -4.85 13.72
N PRO A 349 7.12 -4.16 13.23
CA PRO A 349 8.47 -4.31 13.77
C PRO A 349 8.53 -3.93 15.25
N PHE A 350 9.66 -4.20 15.87
CA PHE A 350 9.85 -3.70 17.22
C PHE A 350 10.11 -2.21 17.12
N LYS A 351 9.27 -1.41 17.80
CA LYS A 351 9.33 0.02 17.62
C LYS A 351 10.65 0.59 18.16
N GLY A 352 11.34 1.35 17.31
CA GLY A 352 12.50 2.13 17.69
C GLY A 352 13.75 1.29 17.83
N PRO A 353 14.88 1.95 18.12
CA PRO A 353 16.13 1.20 18.37
C PRO A 353 16.00 0.33 19.61
N VAL A 354 16.25 -0.96 19.44
CA VAL A 354 16.21 -1.92 20.56
C VAL A 354 17.09 -1.33 21.64
N PRO A 355 16.60 -1.20 22.88
CA PRO A 355 17.39 -0.56 23.94
C PRO A 355 18.67 -1.30 24.25
N ALA A 356 19.43 -0.81 25.23
CA ALA A 356 20.60 -1.56 25.69
C ALA A 356 20.33 -2.31 26.99
N ARG A 357 19.49 -1.73 27.85
CA ARG A 357 19.13 -2.41 29.08
C ARG A 357 18.23 -3.61 28.87
N HIS A 358 17.82 -3.89 27.64
CA HIS A 358 16.91 -4.99 27.36
C HIS A 358 17.39 -6.34 27.91
N ALA A 359 16.46 -7.29 27.92
CA ALA A 359 16.69 -8.71 28.17
C ALA A 359 15.77 -9.51 27.25
N ILE A 360 16.26 -10.61 26.69
CA ILE A 360 15.50 -11.38 25.71
C ILE A 360 15.32 -12.79 26.23
N VAL A 361 14.15 -13.36 26.02
CA VAL A 361 13.87 -14.73 26.42
C VAL A 361 13.10 -15.40 25.29
N SER A 362 13.56 -16.57 24.83
CA SER A 362 12.81 -17.28 23.80
C SER A 362 12.24 -18.54 24.42
N ASP A 363 11.05 -18.92 23.99
CA ASP A 363 10.35 -20.08 24.54
C ASP A 363 10.62 -21.29 23.65
N LEU A 364 11.28 -22.30 24.19
CA LEU A 364 11.58 -23.48 23.38
C LEU A 364 10.84 -24.71 23.88
N THR A 365 9.64 -24.51 24.41
CA THR A 365 8.82 -25.60 24.93
C THR A 365 7.78 -26.13 23.94
N ARG A 366 7.49 -25.39 22.86
CA ARG A 366 6.42 -25.79 21.95
C ARG A 366 6.91 -25.94 20.51
N THR A 371 9.26 -34.44 12.86
CA THR A 371 8.52 -35.06 11.76
C THR A 371 9.14 -34.80 10.37
N VAL A 372 10.41 -34.41 10.37
CA VAL A 372 11.19 -34.41 9.14
C VAL A 372 11.89 -35.74 8.98
N ASP A 373 11.89 -36.23 7.75
CA ASP A 373 12.45 -37.53 7.43
C ASP A 373 13.27 -37.39 6.17
N TYR A 374 14.50 -37.90 6.20
CA TYR A 374 15.36 -37.88 5.02
C TYR A 374 15.62 -39.28 4.48
N GLY A 375 14.89 -40.28 4.96
CA GLY A 375 15.15 -41.68 4.65
C GLY A 375 15.47 -42.54 5.85
N TRP A 376 15.91 -41.94 6.95
CA TRP A 376 16.21 -42.69 8.15
C TRP A 376 15.10 -42.61 9.20
N GLY A 377 13.93 -42.12 8.83
CA GLY A 377 12.84 -42.00 9.77
C GLY A 377 12.78 -40.63 10.44
N ASN A 378 11.91 -40.56 11.43
CA ASN A 378 11.79 -39.35 12.21
C ASN A 378 12.97 -39.26 13.18
N PRO A 379 13.39 -38.04 13.53
CA PRO A 379 14.59 -37.88 14.37
C PRO A 379 14.38 -38.41 15.79
N ALA A 380 15.47 -38.80 16.43
CA ALA A 380 15.40 -39.23 17.83
C ALA A 380 15.16 -38.05 18.74
N PHE A 381 15.76 -36.90 18.42
CA PHE A 381 15.41 -35.58 18.95
C PHE A 381 15.56 -34.57 17.83
N VAL A 382 14.80 -33.49 17.89
CA VAL A 382 14.85 -32.42 16.89
C VAL A 382 14.59 -31.08 17.57
N GLY A 383 15.60 -30.23 17.60
CA GLY A 383 15.39 -28.93 18.23
C GLY A 383 16.30 -27.79 17.86
N PRO A 384 16.73 -26.98 18.90
CA PRO A 384 17.55 -25.85 18.51
C PRO A 384 18.92 -25.74 19.18
N ALA A 385 19.95 -25.52 18.38
CA ALA A 385 21.31 -25.32 18.88
C ALA A 385 21.31 -24.02 19.68
N PRO A 393 25.34 -8.02 24.56
CA PRO A 393 25.74 -7.31 25.78
C PRO A 393 24.65 -7.33 26.86
N GLY A 394 23.36 -7.25 26.49
CA GLY A 394 22.27 -7.54 27.40
C GLY A 394 22.13 -9.04 27.60
N LEU A 395 21.05 -9.44 28.24
CA LEU A 395 20.83 -10.86 28.52
C LEU A 395 19.95 -11.48 27.42
N THR A 396 20.42 -12.60 26.84
CA THR A 396 19.63 -13.39 25.89
C THR A 396 19.62 -14.84 26.37
N THR A 397 18.43 -15.38 26.66
CA THR A 397 18.34 -16.72 27.23
C THR A 397 17.12 -17.43 26.67
N TYR A 398 17.03 -18.74 26.97
CA TYR A 398 16.03 -19.65 26.42
C TYR A 398 15.40 -20.52 27.48
N LEU A 399 14.11 -20.78 27.36
CA LEU A 399 13.44 -21.72 28.26
C LEU A 399 13.39 -23.09 27.58
N ILE A 400 14.32 -23.96 27.96
CA ILE A 400 14.52 -25.26 27.30
C ILE A 400 13.88 -26.35 28.13
N PRO A 401 12.92 -27.10 27.62
CA PRO A 401 12.35 -28.19 28.42
C PRO A 401 13.42 -29.23 28.73
N HIS A 402 13.28 -29.89 29.87
CA HIS A 402 14.34 -30.82 30.26
C HIS A 402 13.82 -31.70 31.38
N THR A 403 13.65 -32.98 31.09
CA THR A 403 13.20 -33.91 32.11
C THR A 403 14.46 -34.46 32.80
N ASN A 404 14.45 -34.44 34.12
CA ASN A 404 15.70 -34.57 34.84
C ASN A 404 16.10 -36.03 35.03
N ASN A 405 17.22 -36.17 35.73
CA ASN A 405 17.80 -37.47 36.05
C ASN A 405 16.80 -38.43 36.70
N LYS A 406 15.90 -37.93 37.53
CA LYS A 406 15.08 -38.79 38.35
C LYS A 406 13.59 -38.76 38.00
N GLY A 407 13.20 -38.10 36.93
CA GLY A 407 11.81 -38.07 36.52
C GLY A 407 11.04 -36.80 36.81
N GLU A 408 11.72 -35.67 36.99
CA GLU A 408 11.09 -34.35 37.05
C GLU A 408 11.13 -33.72 35.67
N SER A 409 9.97 -33.43 35.10
CA SER A 409 9.93 -32.42 34.05
C SER A 409 10.45 -31.11 34.65
N GLY A 410 11.10 -30.29 33.84
CA GLY A 410 11.52 -28.99 34.32
C GLY A 410 12.04 -28.14 33.19
N ILE A 411 12.64 -27.00 33.53
CA ILE A 411 13.14 -26.08 32.53
C ILE A 411 14.62 -25.80 32.79
N VAL A 412 15.41 -25.84 31.73
CA VAL A 412 16.82 -25.47 31.73
C VAL A 412 16.93 -24.07 31.16
N VAL A 413 17.66 -23.21 31.87
CA VAL A 413 17.92 -21.83 31.48
C VAL A 413 19.43 -21.66 31.33
N PRO A 414 19.90 -21.45 30.16
CA PRO A 414 21.33 -21.20 29.94
C PRO A 414 21.72 -19.73 30.09
N ILE A 415 21.80 -19.27 31.34
CA ILE A 415 22.14 -17.89 31.62
C ILE A 415 23.64 -17.66 31.43
N ARG A 416 24.00 -16.53 30.81
CA ARG A 416 25.40 -16.14 30.70
C ARG A 416 25.58 -14.63 30.88
N LEU A 417 26.42 -14.25 31.85
CA LEU A 417 26.62 -12.88 32.30
C LEU A 417 28.08 -12.69 32.76
N PRO A 418 28.48 -11.48 33.19
CA PRO A 418 29.75 -11.34 33.94
C PRO A 418 29.71 -11.93 35.33
N SER A 419 30.88 -12.37 35.82
CA SER A 419 30.91 -13.18 37.04
C SER A 419 30.24 -12.43 38.19
N GLY A 420 30.45 -11.12 38.27
CA GLY A 420 29.80 -10.29 39.26
C GLY A 420 28.29 -10.37 39.13
N VAL A 421 27.81 -9.93 37.97
CA VAL A 421 26.38 -10.03 37.65
C VAL A 421 25.87 -11.45 37.81
N LEU A 422 26.64 -12.44 37.35
CA LEU A 422 26.13 -13.81 37.31
C LEU A 422 25.93 -14.38 38.70
N ASP A 423 26.89 -14.20 39.60
CA ASP A 423 26.70 -14.65 40.97
C ASP A 423 25.59 -13.88 41.64
N ARG A 424 25.49 -12.57 41.40
CA ARG A 424 24.38 -11.84 42.00
C ARG A 424 23.05 -12.35 41.47
N PHE A 425 23.00 -12.68 40.18
CA PHE A 425 21.82 -13.24 39.55
C PHE A 425 21.41 -14.56 40.19
N VAL A 426 22.40 -15.44 40.45
CA VAL A 426 22.05 -16.70 41.09
C VAL A 426 21.56 -16.45 42.52
N LYS A 427 22.24 -15.57 43.24
CA LYS A 427 21.85 -15.26 44.61
C LYS A 427 20.40 -14.82 44.69
N GLU A 428 20.01 -13.87 43.84
CA GLU A 428 18.67 -13.36 43.96
C GLU A 428 17.63 -14.41 43.52
N ILE A 429 17.90 -15.15 42.45
CA ILE A 429 16.95 -16.19 42.05
C ILE A 429 16.86 -17.32 43.09
N ASN A 430 17.98 -17.62 43.75
CA ASN A 430 17.95 -18.61 44.84
C ASN A 430 17.05 -18.13 45.98
N ASN A 431 17.24 -16.87 46.44
CA ASN A 431 16.38 -16.27 47.48
C ASN A 431 14.91 -16.40 47.15
N MET A 432 14.52 -15.97 45.94
CA MET A 432 13.12 -16.18 45.52
C MET A 432 12.71 -17.63 45.62
N LEU A 433 13.56 -18.56 45.13
CA LEU A 433 13.22 -19.98 45.20
C LEU A 433 12.99 -20.43 46.64
N THR A 434 13.95 -20.12 47.53
CA THR A 434 13.81 -20.58 48.91
C THR A 434 12.45 -20.20 49.44
N GLN A 435 12.08 -18.96 49.24
CA GLN A 435 10.84 -18.49 49.83
C GLN A 435 9.62 -19.17 49.27
N ALA A 436 9.55 -19.24 47.93
CA ALA A 436 8.31 -19.63 47.29
C ALA A 436 7.83 -20.99 47.79
N GLN A 437 8.74 -21.92 48.04
CA GLN A 437 8.32 -23.20 48.55
C GLN A 437 8.30 -23.22 50.07
N LYS A 438 9.29 -22.56 50.71
CA LYS A 438 9.43 -22.63 52.15
C LYS A 438 8.21 -22.05 52.87
N ASN A 439 7.45 -21.17 52.21
CA ASN A 439 6.06 -20.89 52.64
C ASN A 439 5.07 -21.51 51.63
N MET B 1 -16.56 24.47 -41.36
CA MET B 1 -16.14 23.55 -40.29
C MET B 1 -16.63 22.17 -40.58
N ALA B 2 -15.74 21.20 -40.46
CA ALA B 2 -16.06 19.89 -40.97
C ALA B 2 -16.88 19.07 -39.99
N GLU B 3 -17.78 18.26 -40.51
CA GLU B 3 -18.52 17.35 -39.67
C GLU B 3 -17.85 15.98 -39.71
N ILE B 4 -17.71 15.37 -38.53
CA ILE B 4 -17.08 14.06 -38.38
C ILE B 4 -18.21 13.07 -38.15
N LYS B 5 -18.56 12.31 -39.17
CA LYS B 5 -19.61 11.30 -39.06
C LYS B 5 -18.96 9.92 -39.09
N THR B 6 -19.36 9.06 -38.17
CA THR B 6 -18.64 7.78 -38.08
C THR B 6 -19.13 6.85 -39.17
N SER B 7 -18.17 6.13 -39.72
CA SER B 7 -18.30 5.36 -40.93
C SER B 7 -18.33 3.87 -40.63
N LEU B 8 -17.24 3.40 -40.03
CA LEU B 8 -17.10 2.00 -39.71
C LEU B 8 -18.26 1.54 -38.84
N THR B 9 -18.77 0.35 -39.12
CA THR B 9 -19.77 -0.21 -38.27
C THR B 9 -19.56 -1.72 -38.22
N PHE B 10 -19.82 -2.32 -37.07
CA PHE B 10 -19.57 -3.74 -36.95
C PHE B 10 -20.43 -4.30 -35.84
N THR B 11 -20.64 -5.60 -35.88
CA THR B 11 -21.37 -6.29 -34.83
C THR B 11 -20.46 -6.39 -33.62
N VAL B 12 -21.06 -6.37 -32.43
CA VAL B 12 -20.34 -6.69 -31.20
C VAL B 12 -21.15 -7.74 -30.46
N ARG B 13 -20.65 -8.97 -30.39
CA ARG B 13 -21.29 -9.99 -29.59
C ARG B 13 -20.54 -10.09 -28.27
N ARG B 14 -21.28 -10.03 -27.17
CA ARG B 14 -20.65 -10.03 -25.87
C ARG B 14 -21.38 -11.00 -24.99
N ARG B 15 -20.63 -11.72 -24.16
CA ARG B 15 -21.26 -12.58 -23.16
C ARG B 15 -21.89 -11.76 -22.03
N GLU B 16 -22.69 -12.42 -21.21
CA GLU B 16 -23.30 -11.74 -20.08
C GLU B 16 -22.22 -11.18 -19.16
N PRO B 17 -22.42 -9.99 -18.61
CA PRO B 17 -21.37 -9.44 -17.73
C PRO B 17 -21.35 -10.13 -16.36
N GLU B 18 -20.14 -10.29 -15.82
CA GLU B 18 -19.86 -10.93 -14.55
C GLU B 18 -19.46 -9.91 -13.46
N LEU B 19 -19.89 -10.19 -12.24
CA LEU B 19 -19.18 -9.65 -11.09
C LEU B 19 -17.79 -10.30 -11.00
N VAL B 20 -16.78 -9.48 -10.80
CA VAL B 20 -15.45 -9.95 -10.47
C VAL B 20 -15.20 -9.41 -9.09
N VAL B 21 -14.98 -10.32 -8.15
CA VAL B 21 -14.74 -10.02 -6.75
C VAL B 21 -13.26 -10.24 -6.53
N PRO B 22 -12.66 -9.67 -5.51
CA PRO B 22 -11.22 -9.90 -5.30
C PRO B 22 -10.94 -11.40 -5.21
N ALA B 23 -9.78 -11.80 -5.73
CA ALA B 23 -9.38 -13.20 -5.72
C ALA B 23 -9.25 -13.78 -4.31
N GLU B 24 -8.96 -12.95 -3.33
CA GLU B 24 -8.83 -13.33 -1.93
C GLU B 24 -9.86 -12.51 -1.19
N PRO B 25 -10.22 -12.89 0.04
CA PRO B 25 -11.08 -12.02 0.86
C PRO B 25 -10.36 -10.77 1.37
N THR B 26 -11.10 -9.68 1.43
CA THR B 26 -10.53 -8.37 1.67
C THR B 26 -11.27 -7.66 2.80
N PRO B 27 -10.67 -6.62 3.36
CA PRO B 27 -11.31 -5.97 4.52
C PRO B 27 -12.68 -5.43 4.18
N ARG B 28 -13.58 -5.61 5.13
CA ARG B 28 -14.91 -5.00 5.08
C ARG B 28 -14.90 -3.69 5.87
N GLU B 29 -14.81 -2.56 5.17
CA GLU B 29 -14.72 -1.26 5.85
C GLU B 29 -15.61 -0.23 5.15
N LEU B 30 -15.77 0.94 5.75
CA LEU B 30 -16.54 2.01 5.13
C LEU B 30 -15.58 3.17 4.97
N LYS B 31 -15.03 3.36 3.79
CA LYS B 31 -13.96 4.34 3.64
C LYS B 31 -14.52 5.70 3.21
N LEU B 32 -14.03 6.77 3.84
CA LEU B 32 -14.45 8.12 3.51
C LEU B 32 -13.80 8.55 2.20
N LEU B 33 -14.56 9.25 1.36
CA LEU B 33 -14.05 9.90 0.16
C LEU B 33 -13.61 11.31 0.53
N SER B 34 -12.63 11.85 -0.21
CA SER B 34 -12.10 13.18 0.10
C SER B 34 -13.14 14.26 -0.25
N ASP B 35 -12.78 15.53 -0.07
CA ASP B 35 -13.66 16.63 -0.47
C ASP B 35 -13.53 16.94 -1.93
N ILE B 36 -12.41 16.55 -2.51
CA ILE B 36 -12.18 16.71 -3.93
C ILE B 36 -12.97 15.69 -4.74
N ASP B 37 -12.92 14.41 -4.33
CA ASP B 37 -13.66 13.35 -5.02
C ASP B 37 -15.16 13.42 -4.81
N ASP B 38 -15.58 14.15 -3.80
CA ASP B 38 -16.96 14.24 -3.35
C ASP B 38 -17.77 15.28 -4.08
N GLN B 39 -17.14 16.33 -4.61
CA GLN B 39 -17.84 17.50 -5.10
C GLN B 39 -18.82 17.17 -6.22
N GLU B 40 -19.68 18.13 -6.50
CA GLU B 40 -20.76 17.90 -7.45
C GLU B 40 -20.21 17.68 -8.85
N ILE B 41 -19.22 18.48 -9.23
CA ILE B 41 -18.73 18.40 -10.60
C ILE B 41 -17.97 17.11 -10.87
N LEU B 42 -17.56 16.37 -9.84
CA LEU B 42 -16.93 15.08 -10.06
C LEU B 42 -17.85 13.89 -9.87
N GLN B 43 -19.15 14.10 -9.68
CA GLN B 43 -20.05 12.96 -9.56
C GLN B 43 -20.48 12.51 -10.95
N SER B 44 -19.48 12.09 -11.71
CA SER B 44 -19.62 11.54 -13.05
C SER B 44 -18.89 10.21 -13.17
N HIS B 45 -18.74 9.75 -14.40
CA HIS B 45 -17.95 8.57 -14.75
C HIS B 45 -16.77 9.00 -15.64
N LEU B 46 -15.86 8.08 -15.90
CA LEU B 46 -14.61 8.52 -16.51
C LEU B 46 -13.99 7.34 -17.25
N ALA B 47 -13.89 7.48 -18.55
CA ALA B 47 -13.81 6.30 -19.39
C ALA B 47 -12.59 6.40 -20.27
N GLY B 48 -11.96 5.26 -20.50
CA GLY B 48 -10.92 5.18 -21.49
C GLY B 48 -11.03 3.89 -22.28
N ILE B 49 -10.17 3.80 -23.29
CA ILE B 49 -10.14 2.67 -24.20
C ILE B 49 -8.70 2.46 -24.65
N GLN B 50 -8.33 1.18 -24.87
CA GLN B 50 -7.00 0.74 -25.25
C GLN B 50 -7.09 -0.24 -26.40
N PHE B 51 -6.23 -0.08 -27.41
CA PHE B 51 -6.24 -0.95 -28.57
C PHE B 51 -4.94 -1.74 -28.66
N PHE B 52 -5.03 -3.04 -28.83
CA PHE B 52 -3.84 -3.89 -28.91
C PHE B 52 -3.84 -4.68 -30.23
N ARG B 53 -2.77 -4.51 -30.99
CA ARG B 53 -2.52 -5.33 -32.17
C ARG B 53 -2.21 -6.77 -31.80
N HIS B 54 -2.58 -7.70 -32.70
CA HIS B 54 -2.39 -9.12 -32.39
C HIS B 54 -0.92 -9.50 -32.35
N VAL B 55 -0.62 -10.45 -31.49
CA VAL B 55 0.74 -10.97 -31.33
C VAL B 55 0.70 -12.48 -31.60
N PRO B 56 1.42 -12.97 -32.62
CA PRO B 56 1.27 -14.39 -32.98
C PRO B 56 1.63 -15.33 -31.84
N LYS B 57 2.73 -15.03 -31.15
CA LYS B 57 3.17 -15.88 -30.04
C LYS B 57 2.10 -16.00 -28.96
N MET B 58 1.45 -14.90 -28.60
CA MET B 58 0.47 -14.96 -27.53
C MET B 58 -0.83 -15.62 -27.98
N ARG B 59 -0.74 -16.71 -28.74
CA ARG B 59 -1.91 -17.34 -29.35
C ARG B 59 -2.55 -18.38 -28.45
N ASN B 60 -1.81 -18.98 -27.53
CA ASN B 60 -2.44 -19.92 -26.62
C ASN B 60 -3.28 -19.21 -25.55
N LYS B 61 -3.12 -17.89 -25.41
CA LYS B 61 -3.70 -17.11 -24.31
C LYS B 61 -4.87 -16.26 -24.77
N LYS B 62 -5.97 -16.33 -24.01
CA LYS B 62 -7.17 -15.52 -24.26
C LYS B 62 -7.07 -14.20 -23.48
N PRO B 63 -7.07 -13.05 -24.17
CA PRO B 63 -6.96 -11.76 -23.46
C PRO B 63 -8.01 -11.52 -22.40
N ALA B 64 -9.29 -11.72 -22.72
CA ALA B 64 -10.37 -11.63 -21.73
C ALA B 64 -10.02 -12.40 -20.46
N THR B 65 -9.45 -13.60 -20.64
CA THR B 65 -9.19 -14.51 -19.53
C THR B 65 -8.03 -14.01 -18.67
N VAL B 66 -6.89 -13.68 -19.30
CA VAL B 66 -5.79 -13.15 -18.52
C VAL B 66 -6.23 -11.87 -17.81
N ILE B 67 -6.96 -10.99 -18.51
CA ILE B 67 -7.27 -9.68 -17.90
C ILE B 67 -8.27 -9.85 -16.77
N LYS B 68 -9.28 -10.72 -16.92
CA LYS B 68 -10.22 -11.01 -15.83
C LYS B 68 -9.51 -11.62 -14.61
N GLU B 69 -8.69 -12.64 -14.82
CA GLU B 69 -8.02 -13.22 -13.66
C GLU B 69 -7.08 -12.21 -13.00
N ALA B 70 -6.39 -11.39 -13.81
CA ALA B 70 -5.62 -10.29 -13.27
C ALA B 70 -6.49 -9.36 -12.47
N LEU B 71 -7.63 -8.95 -13.03
CA LEU B 71 -8.48 -8.01 -12.33
C LEU B 71 -8.82 -8.53 -10.93
N ALA B 72 -9.09 -9.82 -10.79
CA ALA B 72 -9.36 -10.37 -9.45
C ALA B 72 -8.16 -10.22 -8.53
N LYS B 73 -6.99 -10.67 -9.00
CA LYS B 73 -5.80 -10.48 -8.17
C LYS B 73 -5.62 -9.02 -7.78
N PHE B 74 -5.69 -8.11 -8.75
CA PHE B 74 -5.53 -6.68 -8.54
C PHE B 74 -6.55 -6.13 -7.55
N LEU B 75 -7.78 -6.65 -7.59
CA LEU B 75 -8.83 -6.19 -6.70
C LEU B 75 -8.55 -6.58 -5.27
N VAL B 76 -7.68 -7.53 -5.05
CA VAL B 76 -7.21 -7.71 -3.69
C VAL B 76 -6.56 -6.41 -3.19
N PHE B 77 -5.66 -5.81 -4.00
CA PHE B 77 -5.00 -4.57 -3.60
C PHE B 77 -5.94 -3.38 -3.71
N TYR B 78 -6.53 -3.17 -4.88
CA TYR B 78 -7.44 -2.04 -4.98
C TYR B 78 -8.85 -2.43 -4.54
N TYR B 79 -9.00 -3.06 -3.37
CA TYR B 79 -10.30 -3.57 -2.96
C TYR B 79 -11.40 -2.51 -2.87
N PRO B 80 -11.13 -1.23 -2.62
CA PRO B 80 -12.21 -0.25 -2.76
C PRO B 80 -12.85 -0.29 -4.13
N PHE B 81 -12.17 -0.78 -5.15
CA PHE B 81 -12.79 -0.76 -6.47
C PHE B 81 -13.77 -1.90 -6.67
N ALA B 82 -13.86 -2.85 -5.73
CA ALA B 82 -15.00 -3.78 -5.78
C ALA B 82 -16.16 -3.27 -4.95
N GLY B 83 -16.04 -2.01 -4.47
CA GLY B 83 -16.98 -1.42 -3.55
C GLY B 83 -18.18 -0.82 -4.26
N ARG B 84 -19.04 -0.23 -3.46
CA ARG B 84 -20.10 0.65 -3.97
C ARG B 84 -20.02 1.91 -3.14
N VAL B 85 -19.89 3.09 -3.77
CA VAL B 85 -20.03 4.30 -2.98
C VAL B 85 -21.50 4.51 -2.65
N ARG B 86 -21.76 4.98 -1.45
CA ARG B 86 -23.11 5.32 -1.06
C ARG B 86 -23.11 6.60 -0.21
N GLU B 87 -24.32 6.98 0.19
CA GLU B 87 -24.66 8.31 0.70
C GLU B 87 -24.55 8.32 2.23
N GLY B 88 -23.43 8.84 2.73
CA GLY B 88 -23.26 9.02 4.16
C GLY B 88 -24.24 10.04 4.70
N PRO B 89 -24.58 9.95 5.97
CA PRO B 89 -25.35 11.04 6.58
C PRO B 89 -24.47 12.28 6.61
N SER B 90 -25.11 13.44 6.47
CA SER B 90 -24.52 14.66 5.91
C SER B 90 -24.38 14.43 4.40
N GLY B 91 -23.91 15.42 3.65
CA GLY B 91 -23.90 15.26 2.20
C GLY B 91 -23.00 14.14 1.69
N LYS B 92 -22.06 13.69 2.52
CA LYS B 92 -20.81 13.11 2.08
C LYS B 92 -20.99 11.70 1.52
N LEU B 93 -20.04 11.31 0.67
CA LEU B 93 -20.04 10.00 0.04
C LEU B 93 -18.93 9.13 0.64
N MET B 94 -19.22 7.82 0.76
CA MET B 94 -18.21 6.86 1.19
C MET B 94 -18.25 5.61 0.34
N VAL B 95 -17.26 4.74 0.50
CA VAL B 95 -17.20 3.48 -0.22
C VAL B 95 -17.51 2.35 0.74
N ASP B 96 -18.64 1.70 0.49
CA ASP B 96 -18.99 0.44 1.12
C ASP B 96 -18.14 -0.62 0.45
N CYS B 97 -16.98 -0.85 1.07
CA CYS B 97 -16.01 -1.87 0.73
C CYS B 97 -16.46 -3.18 1.34
N SER B 98 -17.14 -3.99 0.51
CA SER B 98 -17.56 -5.30 0.95
C SER B 98 -17.49 -6.28 -0.24
N GLY B 99 -16.56 -6.03 -1.15
CA GLY B 99 -16.18 -7.06 -2.08
C GLY B 99 -17.29 -7.39 -3.03
N GLN B 100 -18.19 -6.45 -3.26
CA GLN B 100 -19.29 -6.70 -4.16
C GLN B 100 -18.84 -6.94 -5.60
N GLY B 101 -17.63 -6.52 -5.96
CA GLY B 101 -17.07 -6.79 -7.29
C GLY B 101 -17.34 -5.79 -8.39
N ALA B 102 -16.29 -5.46 -9.14
CA ALA B 102 -16.42 -4.75 -10.40
C ALA B 102 -17.26 -5.53 -11.42
N LEU B 103 -17.49 -4.91 -12.59
CA LEU B 103 -18.21 -5.53 -13.70
C LEU B 103 -17.27 -5.79 -14.87
N PHE B 104 -17.34 -7.00 -15.43
CA PHE B 104 -16.48 -7.45 -16.52
C PHE B 104 -17.30 -8.07 -17.64
N ILE B 105 -17.01 -7.69 -18.88
CA ILE B 105 -17.75 -8.17 -20.04
C ILE B 105 -16.75 -8.66 -21.07
N GLU B 106 -16.84 -9.95 -21.41
CA GLU B 106 -16.14 -10.57 -22.53
C GLU B 106 -16.93 -10.49 -23.83
N ALA B 107 -16.26 -10.10 -24.90
CA ALA B 107 -16.93 -9.78 -26.15
C ALA B 107 -16.01 -10.06 -27.31
N GLU B 108 -16.63 -10.18 -28.48
CA GLU B 108 -16.00 -10.44 -29.77
C GLU B 108 -16.58 -9.45 -30.78
N ALA B 109 -15.74 -8.95 -31.67
CA ALA B 109 -16.14 -7.97 -32.70
C ALA B 109 -15.81 -8.44 -34.11
N ASP B 110 -16.84 -8.45 -34.96
CA ASP B 110 -16.71 -8.80 -36.39
C ASP B 110 -16.09 -7.64 -37.14
N VAL B 111 -14.79 -7.46 -36.85
CA VAL B 111 -13.97 -6.42 -37.49
C VAL B 111 -12.54 -6.73 -37.11
N THR B 112 -11.62 -6.12 -37.82
CA THR B 112 -10.21 -6.16 -37.49
C THR B 112 -9.71 -4.79 -37.06
N LEU B 113 -8.59 -4.82 -36.33
CA LEU B 113 -7.87 -3.60 -36.01
C LEU B 113 -7.63 -2.73 -37.24
N SER B 114 -7.37 -3.35 -38.39
CA SER B 114 -7.02 -2.55 -39.56
C SER B 114 -8.22 -1.79 -40.11
N GLN B 115 -9.43 -2.31 -39.96
CA GLN B 115 -10.54 -1.61 -40.58
C GLN B 115 -10.87 -0.32 -39.86
N PHE B 116 -10.36 -0.16 -38.63
CA PHE B 116 -10.45 1.09 -37.88
C PHE B 116 -9.78 2.23 -38.63
N GLY B 117 -9.27 1.94 -39.81
CA GLY B 117 -8.43 2.86 -40.53
C GLY B 117 -7.12 3.08 -39.80
N ASP B 118 -6.23 3.79 -40.47
CA ASP B 118 -5.06 4.27 -39.76
C ASP B 118 -4.92 5.75 -40.05
N PRO B 119 -4.55 6.54 -39.03
CA PRO B 119 -4.11 6.02 -37.74
C PRO B 119 -5.27 5.71 -36.81
N LEU B 120 -5.06 4.85 -35.82
CA LEU B 120 -6.00 4.75 -34.72
C LEU B 120 -6.30 6.14 -34.20
N GLN B 121 -7.57 6.42 -33.97
CA GLN B 121 -8.06 7.78 -33.81
C GLN B 121 -9.37 7.83 -33.08
N PRO B 122 -9.54 8.68 -32.07
CA PRO B 122 -10.89 9.06 -31.64
C PRO B 122 -11.50 10.01 -32.66
N PRO B 123 -12.83 10.17 -32.68
CA PRO B 123 -13.77 9.32 -31.95
C PRO B 123 -14.04 7.99 -32.68
N PHE B 124 -14.14 6.96 -31.88
CA PHE B 124 -14.11 5.56 -32.21
C PHE B 124 -15.48 5.09 -32.67
N PRO B 125 -15.46 4.33 -33.77
CA PRO B 125 -16.70 3.75 -34.33
C PRO B 125 -17.43 2.88 -33.33
N CYS B 126 -18.75 3.09 -33.27
CA CYS B 126 -19.66 2.37 -32.35
C CYS B 126 -19.01 1.97 -31.03
N VAL B 127 -18.43 2.95 -30.33
CA VAL B 127 -17.82 2.74 -29.01
C VAL B 127 -18.87 2.36 -27.97
N GLU B 128 -20.10 2.85 -28.14
CA GLU B 128 -21.23 2.46 -27.30
C GLU B 128 -21.41 0.95 -27.19
N GLU B 129 -20.85 0.17 -28.12
CA GLU B 129 -20.91 -1.28 -28.06
C GLU B 129 -19.62 -1.90 -27.55
N LEU B 130 -18.49 -1.20 -27.68
CA LEU B 130 -17.19 -1.60 -27.14
C LEU B 130 -17.10 -1.40 -25.62
N LEU B 131 -18.03 -0.59 -25.05
CA LEU B 131 -18.12 -0.36 -23.62
C LEU B 131 -19.61 -0.24 -23.30
N TYR B 132 -20.26 -1.38 -23.17
CA TYR B 132 -21.71 -1.42 -22.99
C TYR B 132 -22.14 -0.84 -21.65
N ASN B 133 -23.21 -0.04 -21.68
CA ASN B 133 -23.87 0.49 -20.50
C ASN B 133 -24.85 -0.56 -20.01
N VAL B 134 -24.43 -1.38 -19.05
CA VAL B 134 -25.38 -2.33 -18.44
C VAL B 134 -26.53 -1.54 -17.83
N PRO B 135 -27.78 -1.84 -18.14
CA PRO B 135 -28.87 -1.06 -17.52
C PRO B 135 -28.83 -1.14 -16.00
N GLY B 136 -28.91 0.00 -15.34
CA GLY B 136 -28.77 0.02 -13.89
C GLY B 136 -27.46 0.58 -13.36
N THR B 137 -26.48 0.87 -14.24
CA THR B 137 -25.11 1.09 -13.80
C THR B 137 -24.61 2.52 -14.01
N SER B 138 -25.40 3.42 -14.61
CA SER B 138 -24.90 4.79 -14.75
C SER B 138 -24.99 5.61 -13.46
N GLY B 139 -25.70 5.16 -12.43
CA GLY B 139 -25.70 5.90 -11.17
C GLY B 139 -24.34 6.09 -10.52
N ILE B 140 -24.19 7.16 -9.75
CA ILE B 140 -22.98 7.32 -8.95
C ILE B 140 -23.01 6.38 -7.75
N ILE B 141 -24.15 6.25 -7.07
CA ILE B 141 -24.21 5.43 -5.86
C ILE B 141 -24.81 4.08 -6.21
N ASP B 142 -24.33 3.04 -5.53
CA ASP B 142 -24.85 1.67 -5.55
C ASP B 142 -24.56 0.94 -6.86
N THR B 143 -23.70 1.49 -7.68
CA THR B 143 -23.31 0.87 -8.92
C THR B 143 -21.87 0.39 -8.87
N PRO B 144 -21.49 -0.55 -9.72
CA PRO B 144 -20.09 -0.97 -9.75
C PRO B 144 -19.20 0.21 -10.06
N LEU B 145 -18.11 0.31 -9.29
CA LEU B 145 -17.18 1.41 -9.44
C LEU B 145 -16.28 1.23 -10.66
N LEU B 146 -16.22 0.02 -11.21
CA LEU B 146 -15.37 -0.28 -12.36
C LEU B 146 -16.14 -1.21 -13.28
N LEU B 147 -16.22 -0.84 -14.56
CA LEU B 147 -16.93 -1.63 -15.56
C LEU B 147 -16.03 -1.72 -16.77
N CYS B 148 -15.47 -2.88 -17.04
CA CYS B 148 -14.67 -2.96 -18.25
C CYS B 148 -15.16 -4.06 -19.19
N GLN B 149 -14.85 -3.87 -20.47
CA GLN B 149 -15.15 -4.81 -21.55
C GLN B 149 -13.89 -5.11 -22.35
N VAL B 150 -13.51 -6.42 -22.40
CA VAL B 150 -12.48 -6.91 -23.32
C VAL B 150 -13.17 -7.47 -24.57
N THR B 151 -12.81 -6.95 -25.74
CA THR B 151 -13.46 -7.27 -27.01
C THR B 151 -12.42 -7.80 -27.97
N HIS B 152 -12.45 -9.10 -28.22
CA HIS B 152 -11.52 -9.76 -29.12
C HIS B 152 -11.84 -9.43 -30.58
N LEU B 153 -10.81 -9.27 -31.40
CA LEU B 153 -10.98 -8.85 -32.79
C LEU B 153 -10.74 -10.01 -33.77
N LEU B 154 -11.27 -9.84 -35.00
CA LEU B 154 -11.13 -10.87 -36.03
C LEU B 154 -9.67 -11.27 -36.23
N CYS B 155 -8.79 -10.28 -36.28
CA CYS B 155 -7.37 -10.46 -36.50
C CYS B 155 -6.60 -10.93 -35.28
N GLY B 156 -7.24 -11.20 -34.14
CA GLY B 156 -6.50 -11.67 -32.98
C GLY B 156 -5.98 -10.60 -32.03
N GLY B 157 -6.01 -9.31 -32.41
CA GLY B 157 -5.87 -8.25 -31.45
C GLY B 157 -7.17 -8.02 -30.69
N PHE B 158 -7.19 -6.97 -29.87
CA PHE B 158 -8.37 -6.75 -29.05
C PHE B 158 -8.42 -5.31 -28.56
N ILE B 159 -9.57 -4.98 -27.99
CA ILE B 159 -9.82 -3.70 -27.38
C ILE B 159 -10.11 -3.96 -25.92
N PHE B 160 -9.56 -3.12 -25.07
CA PHE B 160 -9.88 -3.13 -23.64
C PHE B 160 -10.43 -1.76 -23.32
N ALA B 161 -11.71 -1.67 -22.97
CA ALA B 161 -12.31 -0.39 -22.61
C ALA B 161 -12.80 -0.50 -21.19
N PHE B 162 -12.90 0.66 -20.52
CA PHE B 162 -13.14 0.65 -19.08
C PHE B 162 -13.75 1.98 -18.66
N ARG B 163 -14.68 1.90 -17.71
CA ARG B 163 -15.33 3.06 -17.14
C ARG B 163 -15.20 3.04 -15.62
N PHE B 164 -14.61 4.11 -15.05
CA PHE B 164 -14.47 4.23 -13.59
C PHE B 164 -15.48 5.23 -13.07
N ASN B 165 -15.83 5.05 -11.80
CA ASN B 165 -16.62 6.05 -11.09
C ASN B 165 -15.69 7.22 -10.75
N HIS B 166 -16.03 8.42 -11.20
CA HIS B 166 -15.06 9.51 -11.04
C HIS B 166 -14.85 9.93 -9.59
N THR B 167 -15.73 9.52 -8.67
CA THR B 167 -15.44 9.84 -7.27
C THR B 167 -14.24 9.08 -6.70
N MET B 168 -13.66 8.13 -7.42
CA MET B 168 -12.60 7.36 -6.80
C MET B 168 -11.22 7.82 -7.22
N THR B 169 -11.09 8.44 -8.38
CA THR B 169 -9.78 8.70 -8.95
C THR B 169 -9.99 9.53 -10.21
N ASP B 170 -8.89 9.98 -10.77
CA ASP B 170 -8.87 10.85 -11.94
C ASP B 170 -7.97 10.22 -13.00
N ALA B 171 -7.85 10.89 -14.16
CA ALA B 171 -7.25 10.30 -15.34
C ALA B 171 -5.80 9.86 -15.07
N GLN B 172 -5.05 10.66 -14.31
CA GLN B 172 -3.69 10.31 -13.94
C GLN B 172 -3.71 9.12 -12.99
N GLY B 173 -4.46 9.24 -11.91
CA GLY B 173 -4.72 8.07 -11.09
C GLY B 173 -5.04 6.80 -11.84
N LEU B 174 -5.92 6.92 -12.85
CA LEU B 174 -6.22 5.82 -13.78
C LEU B 174 -4.95 5.28 -14.39
N THR B 175 -4.09 6.18 -14.84
CA THR B 175 -2.79 5.77 -15.36
C THR B 175 -2.03 4.89 -14.37
N LEU B 176 -1.86 5.37 -13.14
CA LEU B 176 -1.15 4.60 -12.12
C LEU B 176 -1.81 3.23 -11.87
N ILE B 177 -3.14 3.21 -11.87
CA ILE B 177 -3.91 2.02 -11.55
C ILE B 177 -3.83 0.99 -12.67
N MET B 178 -3.93 1.47 -13.91
CA MET B 178 -3.86 0.58 -15.06
C MET B 178 -2.48 -0.03 -15.16
N SER B 179 -1.45 0.74 -14.80
CA SER B 179 -0.10 0.16 -14.78
C SER B 179 0.00 -0.96 -13.76
N ALA B 180 -0.60 -0.76 -12.57
CA ALA B 180 -0.76 -1.86 -11.61
C ALA B 180 -1.38 -3.11 -12.26
N LEU B 181 -2.55 -2.93 -12.88
CA LEU B 181 -3.27 -4.05 -13.47
C LEU B 181 -2.43 -4.77 -14.55
N GLY B 182 -1.70 -4.01 -15.36
CA GLY B 182 -0.90 -4.63 -16.40
C GLY B 182 0.29 -5.40 -15.83
N GLU B 183 0.91 -4.88 -14.79
CA GLU B 183 1.95 -5.65 -14.11
C GLU B 183 1.40 -6.97 -13.60
N ILE B 184 0.22 -6.92 -12.97
CA ILE B 184 -0.32 -8.15 -12.39
C ILE B 184 -0.70 -9.15 -13.49
N ALA B 185 -1.22 -8.65 -14.61
CA ALA B 185 -1.52 -9.53 -15.74
C ALA B 185 -0.26 -10.20 -16.24
N ARG B 186 0.84 -9.49 -16.14
CA ARG B 186 2.11 -9.86 -16.74
C ARG B 186 2.91 -10.75 -15.80
N GLY B 187 2.32 -11.13 -14.66
CA GLY B 187 2.86 -12.14 -13.77
C GLY B 187 3.24 -11.67 -12.38
N ALA B 188 3.19 -10.35 -12.13
CA ALA B 188 3.50 -9.83 -10.80
C ALA B 188 2.54 -10.39 -9.76
N LYS B 189 3.05 -10.58 -8.57
CA LYS B 189 2.26 -11.00 -7.45
C LYS B 189 1.78 -9.85 -6.57
N ALA B 190 2.19 -8.61 -6.90
CA ALA B 190 1.79 -7.35 -6.28
C ALA B 190 2.19 -6.24 -7.21
N PRO B 191 1.58 -5.08 -7.11
CA PRO B 191 2.00 -3.95 -7.95
C PRO B 191 3.27 -3.29 -7.40
N SER B 192 4.02 -2.67 -8.31
CA SER B 192 5.30 -2.07 -7.91
C SER B 192 5.09 -0.96 -6.88
N ILE B 193 4.16 -0.06 -7.13
CA ILE B 193 3.75 0.88 -6.09
C ILE B 193 2.51 0.33 -5.41
N LEU B 194 2.55 0.25 -4.08
CA LEU B 194 1.40 -0.20 -3.31
C LEU B 194 0.42 0.96 -3.11
N PRO B 195 -0.88 0.68 -3.16
CA PRO B 195 -1.86 1.76 -3.05
C PRO B 195 -2.11 2.10 -1.59
N VAL B 196 -2.42 3.36 -1.36
CA VAL B 196 -2.85 3.79 -0.05
C VAL B 196 -4.17 4.56 -0.20
N TRP B 197 -4.81 4.80 0.94
CA TRP B 197 -6.10 5.48 1.00
C TRP B 197 -6.01 6.58 2.02
N GLN B 198 -5.78 7.81 1.63
CA GLN B 198 -5.68 8.78 2.69
C GLN B 198 -6.53 10.02 2.39
N ARG B 199 -7.79 9.73 2.04
CA ARG B 199 -8.70 10.78 1.58
C ARG B 199 -8.99 11.81 2.66
N GLU B 200 -8.83 11.43 3.92
CA GLU B 200 -8.93 12.38 5.00
C GLU B 200 -7.89 13.51 4.85
N LEU B 201 -6.73 13.24 4.24
CA LEU B 201 -5.80 14.33 3.93
C LEU B 201 -6.49 15.49 3.22
N LEU B 202 -7.47 15.21 2.35
CA LEU B 202 -8.22 16.24 1.61
C LEU B 202 -9.66 16.39 2.11
N CYS B 203 -9.88 16.20 3.41
CA CYS B 203 -11.16 16.49 4.04
C CYS B 203 -10.99 17.66 5.01
N SER B 204 -11.96 18.58 5.04
CA SER B 204 -11.90 19.68 5.99
C SER B 204 -13.00 19.51 7.02
N SER B 205 -12.61 19.67 8.29
CA SER B 205 -13.53 19.33 9.36
C SER B 205 -14.85 20.09 9.20
N ASP B 206 -14.78 21.43 8.88
CA ASP B 206 -15.96 22.27 8.68
C ASP B 206 -16.29 22.53 7.19
N ARG B 207 -17.51 22.11 6.77
CA ARG B 207 -18.16 22.38 5.46
C ARG B 207 -19.66 22.80 5.68
N PRO B 211 -25.76 18.39 1.73
CA PRO B 211 -26.16 17.39 0.73
C PRO B 211 -26.14 17.90 -0.72
N ILE B 212 -25.90 16.99 -1.65
CA ILE B 212 -25.72 17.33 -3.06
C ILE B 212 -27.05 17.28 -3.79
N THR B 213 -27.40 18.36 -4.46
CA THR B 213 -28.68 18.48 -5.13
C THR B 213 -28.43 18.85 -6.59
N HIS B 214 -29.47 18.70 -7.41
CA HIS B 214 -29.46 19.11 -8.82
C HIS B 214 -30.70 19.97 -9.12
N ASP B 215 -30.77 21.13 -8.48
CA ASP B 215 -31.87 22.06 -8.65
C ASP B 215 -31.58 23.17 -9.64
N GLN B 216 -30.51 23.01 -10.42
CA GLN B 216 -30.23 23.89 -11.54
C GLN B 216 -31.23 23.63 -12.67
N ILE B 217 -31.63 24.71 -13.35
CA ILE B 217 -32.66 24.64 -14.38
C ILE B 217 -32.07 23.93 -15.59
N ALA B 218 -32.89 23.59 -16.58
CA ALA B 218 -32.44 22.80 -17.71
C ALA B 218 -32.82 23.49 -19.01
N ASP B 219 -31.98 23.33 -20.02
CA ASP B 219 -32.23 24.03 -21.27
C ASP B 219 -33.35 23.38 -22.07
N ALA B 220 -33.53 22.06 -21.96
CA ALA B 220 -34.48 21.44 -22.86
C ALA B 220 -34.94 20.10 -22.33
N ALA B 221 -35.83 19.49 -23.10
CA ALA B 221 -36.54 18.30 -22.70
C ALA B 221 -35.70 17.03 -22.85
N GLU B 222 -34.54 17.11 -23.50
CA GLU B 222 -33.63 15.98 -23.75
C GLU B 222 -34.14 15.07 -24.87
N LYS B 223 -35.40 15.18 -25.28
CA LYS B 223 -35.90 14.59 -26.51
C LYS B 223 -35.55 15.44 -27.75
N ASP B 224 -34.76 16.50 -27.59
CA ASP B 224 -34.36 17.41 -28.66
C ASP B 224 -32.90 17.73 -28.37
N MET B 225 -32.05 16.72 -28.36
CA MET B 225 -30.62 16.96 -28.23
C MET B 225 -29.94 16.11 -29.28
N THR B 226 -28.90 16.66 -29.89
CA THR B 226 -28.19 15.94 -30.92
C THR B 226 -26.70 16.13 -30.74
N GLN B 227 -25.97 15.21 -31.36
CA GLN B 227 -24.52 15.24 -31.42
C GLN B 227 -24.12 15.68 -32.82
N LYS B 228 -23.28 16.70 -32.88
CA LYS B 228 -22.40 16.96 -33.99
C LYS B 228 -21.01 16.58 -33.51
N SER B 229 -20.09 16.36 -34.45
CA SER B 229 -18.68 16.27 -34.11
C SER B 229 -17.94 17.15 -35.08
N PHE B 230 -17.16 18.11 -34.57
CA PHE B 230 -16.49 19.08 -35.40
C PHE B 230 -14.99 18.89 -35.38
N PHE B 231 -14.38 19.26 -36.49
CA PHE B 231 -12.95 19.17 -36.70
C PHE B 231 -12.46 20.55 -37.09
N ILE B 232 -11.31 20.95 -36.53
CA ILE B 232 -10.64 22.19 -36.89
C ILE B 232 -9.20 21.85 -37.22
N THR B 233 -8.72 22.34 -38.35
CA THR B 233 -7.32 22.14 -38.67
C THR B 233 -6.46 23.08 -37.82
N ASN B 234 -5.23 22.64 -37.53
CA ASN B 234 -4.26 23.52 -36.88
C ASN B 234 -3.96 24.75 -37.71
N THR B 235 -4.17 24.68 -39.02
CA THR B 235 -4.10 25.91 -39.80
C THR B 235 -5.28 26.82 -39.47
N GLU B 236 -6.43 26.23 -39.17
CA GLU B 236 -7.58 27.04 -38.76
C GLU B 236 -7.42 27.57 -37.34
N ILE B 237 -6.87 26.76 -36.42
CA ILE B 237 -6.59 27.28 -35.09
C ILE B 237 -5.57 28.40 -35.16
N SER B 238 -4.54 28.27 -36.01
CA SER B 238 -3.54 29.33 -36.11
C SER B 238 -4.15 30.59 -36.70
N ALA B 239 -5.11 30.43 -37.61
CA ALA B 239 -5.89 31.55 -38.13
C ALA B 239 -6.62 32.27 -37.01
N LEU B 240 -7.36 31.52 -36.19
CA LEU B 240 -8.09 32.17 -35.11
C LEU B 240 -7.15 32.85 -34.12
N ARG B 241 -5.96 32.26 -33.89
CA ARG B 241 -5.00 32.88 -32.99
C ARG B 241 -4.55 34.23 -33.51
N ARG B 242 -4.37 34.34 -34.82
CA ARG B 242 -4.09 35.66 -35.39
C ARG B 242 -5.38 36.46 -35.68
N HIS B 243 -6.51 36.06 -35.10
CA HIS B 243 -7.69 36.92 -35.01
C HIS B 243 -7.89 37.54 -33.63
N VAL B 244 -7.07 37.22 -32.64
CA VAL B 244 -7.24 37.84 -31.33
C VAL B 244 -6.16 38.90 -31.15
N PRO B 245 -6.24 39.76 -30.13
CA PRO B 245 -5.13 40.69 -29.87
C PRO B 245 -3.85 39.94 -29.51
N THR B 246 -2.72 40.65 -29.67
CA THR B 246 -1.45 39.94 -29.70
C THR B 246 -1.03 39.42 -28.33
N HIS B 247 -1.16 40.22 -27.27
CA HIS B 247 -0.67 39.71 -25.99
C HIS B 247 -1.37 38.40 -25.67
N LEU B 248 -2.65 38.28 -26.05
CA LEU B 248 -3.35 37.01 -25.86
C LEU B 248 -2.83 35.90 -26.75
N GLN B 249 -1.97 36.19 -27.74
CA GLN B 249 -1.53 35.21 -28.74
C GLN B 249 -0.46 34.24 -28.21
N LYS B 250 -0.01 34.38 -26.98
CA LYS B 250 0.83 33.37 -26.38
C LYS B 250 -0.02 32.34 -25.63
N CYS B 251 -1.34 32.44 -25.73
CA CYS B 251 -2.22 31.44 -25.12
C CYS B 251 -2.04 30.06 -25.74
N THR B 252 -2.29 29.04 -24.92
CA THR B 252 -2.35 27.66 -25.37
C THR B 252 -3.44 27.49 -26.43
N THR B 253 -3.31 26.41 -27.21
CA THR B 253 -4.41 26.04 -28.10
C THR B 253 -5.68 25.73 -27.31
N PHE B 254 -5.53 25.17 -26.11
CA PHE B 254 -6.69 24.85 -25.30
C PHE B 254 -7.42 26.12 -24.89
N GLU B 255 -6.68 27.10 -24.37
CA GLU B 255 -7.30 28.33 -23.92
C GLU B 255 -8.04 29.01 -25.07
N LEU B 256 -7.36 29.15 -26.22
CA LEU B 256 -7.99 29.68 -27.43
C LEU B 256 -9.28 28.97 -27.78
N LEU B 257 -9.23 27.66 -27.93
CA LEU B 257 -10.43 26.96 -28.36
C LEU B 257 -11.52 27.01 -27.30
N THR B 258 -11.15 27.09 -26.03
CA THR B 258 -12.14 27.09 -24.96
C THR B 258 -12.89 28.42 -24.90
N ALA B 259 -12.15 29.53 -25.08
CA ALA B 259 -12.80 30.83 -25.27
C ALA B 259 -13.74 30.82 -26.47
N CYS B 260 -13.23 30.41 -27.64
CA CYS B 260 -14.08 30.28 -28.83
C CYS B 260 -15.38 29.54 -28.56
N ILE B 261 -15.25 28.33 -28.01
CA ILE B 261 -16.41 27.53 -27.61
C ILE B 261 -17.34 28.36 -26.70
N TRP B 262 -16.78 29.02 -25.67
CA TRP B 262 -17.60 29.71 -24.66
C TRP B 262 -18.40 30.87 -25.26
N ARG B 263 -17.71 31.75 -25.97
CA ARG B 263 -18.38 32.82 -26.71
C ARG B 263 -19.47 32.26 -27.61
N CYS B 264 -19.16 31.20 -28.36
CA CYS B 264 -20.14 30.75 -29.34
C CYS B 264 -21.32 30.05 -28.69
N HIS B 265 -21.05 29.22 -27.68
CA HIS B 265 -22.12 28.54 -26.96
C HIS B 265 -23.06 29.55 -26.32
N THR B 266 -22.51 30.64 -25.75
CA THR B 266 -23.36 31.67 -25.20
C THR B 266 -24.18 32.37 -26.28
N ILE B 267 -23.52 32.90 -27.31
CA ILE B 267 -24.28 33.54 -28.39
C ILE B 267 -25.41 32.61 -28.89
N ALA B 268 -25.08 31.35 -29.11
CA ALA B 268 -26.03 30.40 -29.67
C ALA B 268 -27.19 30.12 -28.73
N LEU B 269 -26.91 30.13 -27.41
CA LEU B 269 -27.88 29.72 -26.42
C LEU B 269 -29.03 30.70 -26.26
N GLN B 270 -28.95 31.88 -26.91
CA GLN B 270 -29.96 32.92 -26.79
C GLN B 270 -30.36 33.14 -25.33
N PRO B 271 -29.41 33.34 -24.44
CA PRO B 271 -29.75 33.56 -23.04
C PRO B 271 -30.21 34.99 -22.83
N ASP B 272 -30.67 35.27 -21.61
CA ASP B 272 -31.11 36.62 -21.28
C ASP B 272 -29.89 37.47 -20.96
N PRO B 273 -29.62 38.51 -21.74
CA PRO B 273 -28.33 39.22 -21.64
C PRO B 273 -27.86 39.51 -20.23
N LYS B 274 -28.78 39.46 -19.24
CA LYS B 274 -28.38 39.61 -17.84
C LYS B 274 -27.64 38.37 -17.32
N GLU B 275 -27.99 37.19 -17.83
CA GLU B 275 -27.52 35.94 -17.27
C GLU B 275 -26.00 35.95 -17.07
N GLU B 276 -25.54 35.29 -16.01
CA GLU B 276 -24.11 35.13 -15.75
C GLU B 276 -23.62 33.79 -16.33
N MET B 277 -22.78 33.85 -17.38
CA MET B 277 -22.20 32.68 -18.04
C MET B 277 -20.95 32.19 -17.32
N HIS B 278 -20.83 30.87 -17.24
CA HIS B 278 -19.72 30.20 -16.56
C HIS B 278 -18.99 29.28 -17.53
N MET B 279 -17.67 29.23 -17.35
CA MET B 279 -16.74 28.44 -18.15
C MET B 279 -15.86 27.70 -17.15
N ILE B 280 -16.15 26.44 -16.93
CA ILE B 280 -15.43 25.61 -15.97
C ILE B 280 -14.58 24.59 -16.73
N TRP B 281 -13.45 24.24 -16.15
CA TRP B 281 -12.70 23.13 -16.72
C TRP B 281 -11.74 22.56 -15.67
N PRO B 282 -11.48 21.25 -15.71
CA PRO B 282 -10.53 20.65 -14.78
C PRO B 282 -9.11 21.00 -15.14
N VAL B 283 -8.28 21.05 -14.11
CA VAL B 283 -6.84 21.25 -14.28
C VAL B 283 -6.13 20.40 -13.23
N ASN B 284 -5.19 19.58 -13.69
CA ASN B 284 -4.51 18.61 -12.86
C ASN B 284 -3.37 19.27 -12.10
N VAL B 285 -3.40 19.20 -10.76
CA VAL B 285 -2.42 19.87 -9.93
C VAL B 285 -1.53 18.86 -9.20
N ARG B 286 -1.54 17.61 -9.66
CA ARG B 286 -0.66 16.60 -9.09
C ARG B 286 0.78 17.08 -9.09
N ASN B 287 1.21 17.67 -10.22
CA ASN B 287 2.59 18.07 -10.40
C ASN B 287 2.76 19.58 -10.57
N LYS B 288 1.68 20.36 -10.48
CA LYS B 288 1.77 21.82 -10.52
C LYS B 288 2.15 22.42 -9.16
N PHE B 289 1.82 21.75 -8.06
CA PHE B 289 2.12 22.30 -6.74
C PHE B 289 3.20 21.44 -6.09
N LYS B 290 3.69 21.94 -4.94
CA LYS B 290 4.73 21.30 -4.13
C LYS B 290 4.26 21.36 -2.69
N PHE B 291 3.89 20.20 -2.11
CA PHE B 291 2.99 20.16 -0.95
C PHE B 291 3.75 20.10 0.39
N ILE B 292 3.24 20.82 1.39
CA ILE B 292 3.99 21.17 2.60
C ILE B 292 4.43 19.89 3.32
N PRO B 293 3.56 18.97 3.73
CA PRO B 293 3.97 17.56 3.73
C PRO B 293 3.66 16.95 2.36
N PRO B 294 4.57 16.16 1.81
CA PRO B 294 4.31 15.61 0.48
C PRO B 294 3.09 14.72 0.50
N LEU B 295 2.61 14.40 -0.69
CA LEU B 295 1.52 13.45 -0.77
C LEU B 295 2.06 12.04 -0.57
N PRO B 296 1.35 11.20 0.20
CA PRO B 296 1.82 9.81 0.39
C PRO B 296 1.80 9.00 -0.89
N VAL B 297 2.72 8.02 -0.94
CA VAL B 297 3.18 7.45 -2.20
C VAL B 297 2.05 6.81 -2.98
N GLY B 298 1.16 6.09 -2.33
CA GLY B 298 0.16 5.43 -3.17
C GLY B 298 -1.18 6.10 -3.36
N TYR B 299 -1.24 7.43 -3.41
CA TYR B 299 -2.45 8.13 -2.94
C TYR B 299 -3.67 7.89 -3.84
N TYR B 300 -3.52 8.03 -5.15
CA TYR B 300 -4.58 7.66 -6.13
C TYR B 300 -5.97 8.30 -5.88
N GLY B 301 -6.01 9.44 -5.21
CA GLY B 301 -7.27 10.17 -5.12
C GLY B 301 -7.38 11.32 -6.11
N ASN B 302 -8.62 11.73 -6.41
CA ASN B 302 -8.89 12.89 -7.26
C ASN B 302 -8.02 14.06 -6.83
N LEU B 303 -7.34 14.72 -7.84
CA LEU B 303 -6.38 15.83 -7.59
C LEU B 303 -6.61 16.90 -8.67
N LEU B 304 -7.72 17.60 -8.56
CA LEU B 304 -8.20 18.43 -9.63
C LEU B 304 -8.53 19.77 -9.04
N ALA B 305 -8.36 20.80 -9.86
CA ALA B 305 -8.82 22.15 -9.56
C ALA B 305 -9.78 22.56 -10.67
N PHE B 306 -10.78 23.38 -10.34
CA PHE B 306 -11.75 23.83 -11.33
C PHE B 306 -11.75 25.35 -11.36
N PRO B 307 -10.89 25.96 -12.17
CA PRO B 307 -11.13 27.33 -12.64
C PRO B 307 -12.56 27.61 -13.04
N ASP B 308 -13.02 28.84 -12.77
CA ASP B 308 -14.38 29.28 -13.04
C ASP B 308 -14.24 30.64 -13.72
N ALA B 309 -14.38 30.70 -15.04
CA ALA B 309 -14.39 31.99 -15.74
C ALA B 309 -15.83 32.44 -15.86
N VAL B 310 -16.10 33.67 -15.47
CA VAL B 310 -17.48 34.13 -15.38
C VAL B 310 -17.62 35.47 -16.09
N SER B 311 -18.73 35.66 -16.79
CA SER B 311 -18.99 36.92 -17.46
C SER B 311 -20.47 37.01 -17.79
N THR B 312 -20.98 38.24 -17.89
CA THR B 312 -22.36 38.35 -18.28
C THR B 312 -22.48 37.91 -19.71
N ALA B 313 -23.56 37.19 -20.00
CA ALA B 313 -23.95 36.90 -21.36
C ALA B 313 -23.71 38.10 -22.28
N ARG B 314 -24.25 39.27 -21.91
CA ARG B 314 -24.20 40.41 -22.80
C ARG B 314 -22.75 40.77 -23.13
N ASP B 315 -21.86 40.84 -22.14
CA ASP B 315 -20.49 41.20 -22.46
C ASP B 315 -19.87 40.16 -23.38
N LEU B 316 -20.12 38.88 -23.09
CA LEU B 316 -19.56 37.79 -23.89
C LEU B 316 -19.97 37.89 -25.34
N CYS B 317 -21.22 38.30 -25.60
CA CYS B 317 -21.70 38.38 -26.99
C CYS B 317 -21.34 39.69 -27.68
N ASN B 318 -21.37 40.81 -26.97
CA ASN B 318 -21.06 42.10 -27.58
C ASN B 318 -19.56 42.24 -27.81
N LYS B 319 -18.74 41.83 -26.84
CA LYS B 319 -17.29 41.95 -26.99
C LYS B 319 -16.79 41.00 -28.09
N PRO B 320 -15.55 41.20 -28.55
CA PRO B 320 -14.91 40.15 -29.35
C PRO B 320 -14.19 39.07 -28.52
N LEU B 321 -13.44 38.22 -29.24
CA LEU B 321 -12.85 37.02 -28.67
C LEU B 321 -11.81 37.31 -27.60
N GLY B 322 -11.06 38.41 -27.73
CA GLY B 322 -10.11 38.76 -26.70
C GLY B 322 -10.73 38.84 -25.33
N TYR B 323 -12.00 39.25 -25.25
CA TYR B 323 -12.59 39.43 -23.93
C TYR B 323 -12.83 38.06 -23.26
N ALA B 324 -13.41 37.11 -24.02
CA ALA B 324 -13.53 35.73 -23.54
C ALA B 324 -12.17 35.10 -23.24
N LEU B 325 -11.24 35.23 -24.18
CA LEU B 325 -9.93 34.60 -24.01
C LEU B 325 -9.20 35.15 -22.79
N GLU B 326 -9.16 36.48 -22.66
CA GLU B 326 -8.51 37.10 -21.51
C GLU B 326 -9.14 36.63 -20.23
N LEU B 327 -10.47 36.55 -20.19
CA LEU B 327 -11.14 36.02 -19.01
C LEU B 327 -10.60 34.64 -18.65
N VAL B 328 -10.48 33.75 -19.67
CA VAL B 328 -10.08 32.35 -19.44
C VAL B 328 -8.66 32.29 -18.88
N MET B 329 -7.74 33.05 -19.48
CA MET B 329 -6.37 33.01 -18.99
C MET B 329 -6.28 33.56 -17.56
N LYS B 330 -7.07 34.60 -17.27
CA LYS B 330 -7.14 35.09 -15.90
C LYS B 330 -7.57 33.99 -14.95
N ALA B 331 -8.61 33.23 -15.34
CA ALA B 331 -9.16 32.19 -14.48
C ALA B 331 -8.15 31.09 -14.21
N ARG B 332 -7.46 30.65 -15.26
CA ARG B 332 -6.40 29.65 -15.13
C ARG B 332 -5.36 30.10 -14.11
N TYR B 333 -4.79 31.28 -14.33
CA TYR B 333 -3.84 31.84 -13.38
C TYR B 333 -4.42 31.90 -11.97
N ASP B 334 -5.70 32.26 -11.84
CA ASP B 334 -6.28 32.49 -10.53
C ASP B 334 -6.40 31.19 -9.75
N VAL B 335 -6.73 30.09 -10.46
CA VAL B 335 -6.76 28.83 -9.75
C VAL B 335 -5.35 28.38 -9.37
N THR B 336 -4.32 28.80 -10.12
CA THR B 336 -2.97 28.31 -9.84
C THR B 336 -2.12 29.26 -8.96
N LYS B 337 -2.72 30.28 -8.33
CA LYS B 337 -1.95 31.40 -7.77
C LYS B 337 -1.06 30.97 -6.61
N LYS B 338 -1.60 30.22 -5.64
CA LYS B 338 -0.83 29.68 -4.52
C LYS B 338 -0.28 28.30 -4.90
N ARG B 339 1.05 28.16 -4.83
CA ARG B 339 1.73 26.98 -5.33
C ARG B 339 2.60 26.24 -4.31
N VAL B 340 2.88 26.80 -3.13
CA VAL B 340 3.57 26.07 -2.07
C VAL B 340 2.68 26.10 -0.84
N GLY B 341 2.40 24.93 -0.27
CA GLY B 341 1.35 24.81 0.71
C GLY B 341 1.05 23.35 1.01
N SER B 342 -0.01 23.13 1.78
CA SER B 342 -0.47 21.79 2.11
C SER B 342 -1.73 21.46 1.32
N VAL B 343 -1.88 20.18 0.92
CA VAL B 343 -2.94 19.75 0.01
C VAL B 343 -4.27 20.40 0.36
N SER B 344 -4.59 20.37 1.65
CA SER B 344 -5.86 20.93 2.11
C SER B 344 -5.96 22.41 1.73
N ASP B 345 -4.86 23.14 1.85
CA ASP B 345 -4.88 24.57 1.63
C ASP B 345 -4.70 24.97 0.18
N LEU B 346 -4.15 24.07 -0.65
CA LEU B 346 -3.84 24.38 -2.03
C LEU B 346 -4.88 23.88 -3.01
N VAL B 347 -5.56 22.79 -2.66
CA VAL B 347 -6.50 22.10 -3.55
C VAL B 347 -7.87 22.23 -2.92
N LYS B 348 -8.74 22.97 -3.59
CA LYS B 348 -10.00 23.27 -3.00
C LYS B 348 -11.11 22.89 -3.97
N PRO B 349 -12.21 22.33 -3.47
CA PRO B 349 -13.38 22.10 -4.31
C PRO B 349 -13.82 23.32 -5.10
N PHE B 350 -14.52 23.07 -6.21
CA PHE B 350 -15.29 24.12 -6.84
C PHE B 350 -16.39 24.54 -5.86
N LYS B 351 -16.43 25.83 -5.51
CA LYS B 351 -17.31 26.28 -4.43
C LYS B 351 -18.70 26.58 -4.97
N GLY B 352 -19.69 26.34 -4.14
CA GLY B 352 -21.07 26.60 -4.48
C GLY B 352 -21.56 25.62 -5.51
N PRO B 353 -22.87 25.54 -5.69
CA PRO B 353 -23.40 24.59 -6.67
C PRO B 353 -22.92 24.98 -8.05
N VAL B 354 -22.71 23.97 -8.89
CA VAL B 354 -22.34 24.19 -10.28
C VAL B 354 -23.48 24.94 -10.93
N PRO B 355 -23.26 26.17 -11.38
CA PRO B 355 -24.37 26.98 -11.93
C PRO B 355 -24.90 26.37 -13.21
N ALA B 356 -26.15 26.70 -13.54
CA ALA B 356 -26.78 26.12 -14.73
C ALA B 356 -26.10 26.56 -16.03
N ARG B 357 -25.66 27.83 -16.12
CA ARG B 357 -25.16 28.36 -17.39
C ARG B 357 -23.70 28.04 -17.64
N HIS B 358 -23.17 27.06 -16.92
CA HIS B 358 -21.80 26.63 -17.13
C HIS B 358 -21.58 26.02 -18.51
N ALA B 359 -20.29 25.89 -18.85
CA ALA B 359 -19.82 25.05 -19.93
C ALA B 359 -18.47 24.45 -19.53
N ILE B 360 -18.30 23.17 -19.78
CA ILE B 360 -17.08 22.48 -19.40
C ILE B 360 -16.34 22.04 -20.64
N VAL B 361 -15.03 22.12 -20.59
CA VAL B 361 -14.19 21.70 -21.70
C VAL B 361 -12.98 21.01 -21.10
N SER B 362 -12.88 19.69 -21.31
CA SER B 362 -11.75 18.91 -20.83
C SER B 362 -10.73 18.70 -21.95
N ASP B 363 -9.46 18.91 -21.63
CA ASP B 363 -8.35 18.82 -22.56
C ASP B 363 -7.93 17.35 -22.66
N LEU B 364 -7.91 16.81 -23.87
CA LEU B 364 -7.36 15.46 -24.08
C LEU B 364 -6.17 15.48 -25.04
N THR B 365 -5.49 16.63 -25.14
CA THR B 365 -4.29 16.81 -25.94
C THR B 365 -3.04 16.21 -25.27
N ARG B 366 -3.19 15.67 -24.05
CA ARG B 366 -2.07 15.26 -23.21
C ARG B 366 -1.10 14.33 -23.94
N SER B 367 0.20 14.62 -23.81
CA SER B 367 1.28 13.69 -24.19
C SER B 367 1.02 12.27 -23.67
N GLY B 368 0.58 12.14 -22.41
CA GLY B 368 0.25 10.82 -21.90
C GLY B 368 1.42 10.15 -21.15
N ASN B 369 1.47 10.21 -19.82
CA ASN B 369 2.73 9.74 -19.21
C ASN B 369 2.81 8.23 -19.08
N ASN B 370 1.70 7.47 -19.12
CA ASN B 370 2.03 6.05 -18.96
C ASN B 370 1.30 5.09 -19.90
N THR B 371 2.02 4.04 -20.21
CA THR B 371 1.42 3.02 -21.01
C THR B 371 1.40 1.71 -20.23
N VAL B 372 0.55 0.80 -20.70
CA VAL B 372 0.23 -0.41 -19.97
C VAL B 372 0.63 -1.60 -20.85
N ASP B 373 0.97 -2.70 -20.21
CA ASP B 373 1.16 -3.92 -20.96
C ASP B 373 0.48 -5.03 -20.19
N TYR B 374 -0.37 -5.82 -20.84
CA TYR B 374 -0.94 -6.99 -20.21
C TYR B 374 -0.25 -8.27 -20.65
N GLY B 375 0.85 -8.17 -21.39
CA GLY B 375 1.49 -9.31 -22.02
C GLY B 375 1.49 -9.29 -23.53
N TRP B 376 0.84 -8.32 -24.17
CA TRP B 376 0.84 -8.17 -25.63
C TRP B 376 1.63 -6.97 -26.10
N GLY B 377 2.36 -6.30 -25.20
CA GLY B 377 3.03 -5.05 -25.52
C GLY B 377 2.19 -3.79 -25.29
N ASN B 378 2.77 -2.67 -25.69
CA ASN B 378 2.12 -1.41 -25.46
C ASN B 378 0.95 -1.26 -26.41
N PRO B 379 -0.08 -0.55 -26.02
CA PRO B 379 -1.25 -0.46 -26.89
C PRO B 379 -0.86 0.19 -28.21
N ALA B 380 -1.55 -0.23 -29.26
CA ALA B 380 -1.44 0.48 -30.52
C ALA B 380 -1.96 1.89 -30.36
N PHE B 381 -3.09 2.06 -29.66
CA PHE B 381 -3.60 3.37 -29.26
C PHE B 381 -3.97 3.35 -27.79
N VAL B 382 -3.73 4.49 -27.10
CA VAL B 382 -4.24 4.71 -25.76
C VAL B 382 -4.38 6.20 -25.48
N GLY B 383 -5.60 6.71 -25.51
CA GLY B 383 -5.78 8.12 -25.28
C GLY B 383 -5.79 8.47 -23.81
N PRO B 384 -5.96 9.75 -23.52
CA PRO B 384 -6.34 10.14 -22.17
C PRO B 384 -7.78 9.74 -21.90
N ALA B 385 -8.03 9.36 -20.65
CA ALA B 385 -9.38 9.00 -20.28
C ALA B 385 -10.19 10.23 -19.93
N SER B 386 -11.46 10.24 -20.34
CA SER B 386 -12.29 11.44 -20.29
C SER B 386 -13.59 11.22 -19.52
N GLY B 387 -13.94 12.24 -18.71
CA GLY B 387 -15.22 12.29 -18.03
C GLY B 387 -15.86 13.66 -18.18
N GLY B 388 -16.70 14.06 -17.24
CA GLY B 388 -17.38 15.34 -17.28
C GLY B 388 -18.77 15.03 -16.83
N ILE B 389 -19.36 15.92 -16.04
CA ILE B 389 -20.66 15.66 -15.44
C ILE B 389 -21.99 15.48 -16.19
N ASP B 390 -22.29 16.38 -17.11
CA ASP B 390 -23.53 16.27 -17.84
C ASP B 390 -23.54 17.26 -18.92
N ASN B 391 -24.41 17.08 -19.89
CA ASN B 391 -24.54 18.08 -20.89
C ASN B 391 -25.98 18.34 -20.64
N ASN B 392 -26.37 19.59 -20.45
CA ASN B 392 -27.75 19.89 -20.17
C ASN B 392 -28.15 19.50 -18.76
N PRO B 393 -28.41 20.46 -17.79
CA PRO B 393 -28.22 21.86 -18.20
C PRO B 393 -26.75 22.05 -18.30
N GLY B 394 -26.31 22.96 -19.15
CA GLY B 394 -24.91 23.19 -19.30
C GLY B 394 -24.35 22.31 -20.37
N LEU B 395 -23.13 22.63 -20.78
CA LEU B 395 -22.44 21.96 -21.86
C LEU B 395 -21.12 21.36 -21.35
N THR B 396 -20.80 20.17 -21.87
CA THR B 396 -19.50 19.52 -21.71
C THR B 396 -18.97 19.15 -23.08
N THR B 397 -17.67 19.32 -23.29
CA THR B 397 -17.02 18.86 -24.51
C THR B 397 -15.60 18.45 -24.19
N TYR B 398 -14.87 18.07 -25.23
CA TYR B 398 -13.48 17.69 -25.10
C TYR B 398 -12.72 18.21 -26.30
N LEU B 399 -11.44 18.37 -26.10
CA LEU B 399 -10.48 18.69 -27.15
C LEU B 399 -9.70 17.41 -27.44
N ILE B 400 -10.08 16.73 -28.50
CA ILE B 400 -9.46 15.47 -28.93
C ILE B 400 -8.55 15.76 -30.12
N PRO B 401 -7.29 15.33 -30.10
CA PRO B 401 -6.48 15.38 -31.32
C PRO B 401 -7.00 14.40 -32.36
N HIS B 402 -6.82 14.78 -33.63
CA HIS B 402 -7.44 14.05 -34.72
C HIS B 402 -6.86 14.50 -36.04
N THR B 403 -6.91 13.60 -37.00
CA THR B 403 -6.37 13.83 -38.33
C THR B 403 -7.41 13.38 -39.35
N ASN B 404 -7.74 14.26 -40.28
CA ASN B 404 -8.79 13.99 -41.25
C ASN B 404 -8.26 13.06 -42.35
N ASN B 405 -9.12 12.71 -43.28
CA ASN B 405 -8.74 11.70 -44.26
C ASN B 405 -7.71 12.22 -45.30
N LYS B 406 -7.25 13.45 -45.06
CA LYS B 406 -6.26 14.10 -45.90
C LYS B 406 -4.89 14.18 -45.24
N GLY B 407 -4.80 13.87 -43.95
CA GLY B 407 -3.55 14.03 -43.24
C GLY B 407 -3.39 15.36 -42.55
N GLU B 408 -4.38 16.25 -42.67
CA GLU B 408 -4.36 17.50 -41.92
C GLU B 408 -4.69 17.23 -40.46
N SER B 409 -3.85 17.68 -39.57
CA SER B 409 -4.08 17.46 -38.15
C SER B 409 -4.90 18.59 -37.55
N GLY B 410 -5.53 18.29 -36.42
CA GLY B 410 -6.36 19.30 -35.79
C GLY B 410 -7.11 18.73 -34.61
N ILE B 411 -8.10 19.48 -34.14
CA ILE B 411 -8.79 19.17 -32.90
C ILE B 411 -10.27 18.91 -33.19
N VAL B 412 -10.81 17.86 -32.57
CA VAL B 412 -12.22 17.48 -32.68
C VAL B 412 -12.97 17.93 -31.43
N VAL B 413 -14.07 18.63 -31.62
CA VAL B 413 -14.96 19.08 -30.55
C VAL B 413 -16.27 18.32 -30.72
N PRO B 414 -16.59 17.40 -29.82
CA PRO B 414 -17.88 16.70 -29.88
C PRO B 414 -18.99 17.43 -29.12
N ILE B 415 -19.96 17.98 -29.85
CA ILE B 415 -20.93 18.89 -29.26
C ILE B 415 -22.29 18.21 -29.25
N ARG B 416 -23.04 18.44 -28.17
CA ARG B 416 -24.41 17.94 -28.13
C ARG B 416 -25.33 18.95 -27.46
N LEU B 417 -26.38 19.36 -28.15
CA LEU B 417 -27.18 20.48 -27.69
C LEU B 417 -28.63 20.33 -28.11
N PRO B 418 -29.56 21.19 -27.66
CA PRO B 418 -30.91 21.19 -28.26
C PRO B 418 -30.81 21.48 -29.75
N SER B 419 -31.65 20.79 -30.54
CA SER B 419 -31.60 20.96 -31.99
C SER B 419 -31.52 22.42 -32.37
N GLY B 420 -32.22 23.27 -31.61
CA GLY B 420 -32.14 24.71 -31.78
C GLY B 420 -30.76 25.31 -31.64
N VAL B 421 -30.15 25.17 -30.46
CA VAL B 421 -28.90 25.88 -30.20
C VAL B 421 -27.75 25.27 -30.97
N LEU B 422 -27.77 23.95 -31.16
CA LEU B 422 -26.79 23.30 -32.02
C LEU B 422 -26.57 24.06 -33.30
N ASP B 423 -27.66 24.38 -33.99
CA ASP B 423 -27.54 24.91 -35.34
C ASP B 423 -27.04 26.35 -35.32
N ARG B 424 -27.36 27.13 -34.29
CA ARG B 424 -26.79 28.47 -34.20
C ARG B 424 -25.33 28.41 -33.78
N PHE B 425 -24.98 27.43 -32.96
CA PHE B 425 -23.60 27.25 -32.50
C PHE B 425 -22.67 27.02 -33.68
N VAL B 426 -23.09 26.19 -34.62
CA VAL B 426 -22.31 25.97 -35.83
C VAL B 426 -22.22 27.25 -36.64
N LYS B 427 -23.34 27.96 -36.79
CA LYS B 427 -23.33 29.22 -37.54
C LYS B 427 -22.36 30.22 -36.93
N GLU B 428 -22.35 30.34 -35.59
CA GLU B 428 -21.49 31.31 -34.91
C GLU B 428 -20.01 30.94 -34.98
N ILE B 429 -19.71 29.66 -34.74
CA ILE B 429 -18.34 29.16 -34.86
C ILE B 429 -17.82 29.33 -36.28
N ASN B 430 -18.65 29.06 -37.28
CA ASN B 430 -18.19 29.23 -38.65
C ASN B 430 -18.03 30.70 -38.97
N ASN B 431 -18.90 31.52 -38.41
CA ASN B 431 -18.78 32.96 -38.48
C ASN B 431 -17.40 33.43 -38.09
N MET B 432 -17.00 33.08 -36.86
CA MET B 432 -15.66 33.40 -36.39
C MET B 432 -14.59 32.83 -37.33
N LEU B 433 -14.82 31.62 -37.84
CA LEU B 433 -13.84 31.03 -38.75
C LEU B 433 -13.66 31.85 -40.03
N THR B 434 -14.70 32.54 -40.47
CA THR B 434 -14.63 33.21 -41.77
C THR B 434 -13.66 34.39 -41.77
N GLN B 435 -13.31 34.95 -40.61
CA GLN B 435 -12.33 36.05 -40.59
C GLN B 435 -10.85 35.63 -40.37
N MET C 1 24.91 19.64 -52.41
CA MET C 1 25.52 19.31 -51.11
C MET C 1 26.55 18.14 -51.18
N ALA C 2 27.65 18.33 -50.45
CA ALA C 2 28.93 17.66 -50.71
C ALA C 2 29.13 16.42 -49.84
N GLU C 3 29.40 15.28 -50.49
CA GLU C 3 29.73 14.05 -49.77
C GLU C 3 31.10 14.13 -49.08
N ILE C 4 31.20 13.41 -47.97
CA ILE C 4 32.46 13.16 -47.31
C ILE C 4 32.71 11.65 -47.34
N LYS C 5 33.75 11.25 -48.05
CA LYS C 5 34.26 9.89 -48.00
C LYS C 5 35.50 9.93 -47.10
N THR C 6 35.52 9.06 -46.10
CA THR C 6 36.72 8.91 -45.29
C THR C 6 37.60 7.85 -45.97
N SER C 7 38.81 8.24 -46.33
CA SER C 7 39.73 7.41 -47.10
C SER C 7 40.99 7.20 -46.28
N LEU C 8 40.89 6.32 -45.30
CA LEU C 8 42.06 5.84 -44.57
C LEU C 8 41.68 4.50 -43.94
N THR C 9 42.49 3.48 -44.18
CA THR C 9 42.27 2.24 -43.46
C THR C 9 43.61 1.64 -43.09
N PHE C 10 43.77 1.34 -41.81
CA PHE C 10 45.00 0.80 -41.27
C PHE C 10 44.68 -0.54 -40.59
N THR C 11 45.75 -1.15 -40.06
CA THR C 11 45.67 -2.37 -39.26
C THR C 11 45.63 -2.00 -37.78
N VAL C 12 44.93 -2.80 -36.98
CA VAL C 12 44.95 -2.63 -35.53
C VAL C 12 45.14 -3.99 -34.85
N ARG C 13 46.27 -4.15 -34.16
CA ARG C 13 46.51 -5.31 -33.32
C ARG C 13 46.26 -4.95 -31.87
N ARG C 14 45.41 -5.71 -31.19
CA ARG C 14 45.14 -5.43 -29.79
C ARG C 14 45.21 -6.70 -28.94
N ARG C 15 45.76 -6.52 -27.73
CA ARG C 15 45.84 -7.59 -26.74
C ARG C 15 44.44 -8.03 -26.33
N GLU C 16 44.38 -9.11 -25.56
CA GLU C 16 43.10 -9.56 -25.04
C GLU C 16 42.60 -8.58 -23.97
N PRO C 17 41.32 -8.19 -24.00
CA PRO C 17 40.83 -7.21 -23.04
C PRO C 17 41.03 -7.72 -21.62
N GLU C 18 41.42 -6.80 -20.73
CA GLU C 18 41.67 -7.13 -19.33
C GLU C 18 40.67 -6.38 -18.47
N LEU C 19 40.26 -7.01 -17.38
CA LEU C 19 39.43 -6.35 -16.39
C LEU C 19 40.30 -5.48 -15.50
N VAL C 20 39.78 -4.31 -15.14
CA VAL C 20 40.47 -3.40 -14.24
C VAL C 20 39.55 -3.16 -13.07
N VAL C 21 39.98 -3.53 -11.88
CA VAL C 21 39.14 -3.41 -10.69
C VAL C 21 39.66 -2.19 -9.97
N PRO C 22 38.97 -1.62 -8.99
CA PRO C 22 39.52 -0.41 -8.35
C PRO C 22 40.78 -0.77 -7.59
N ALA C 23 41.70 0.20 -7.51
CA ALA C 23 43.02 -0.07 -6.98
C ALA C 23 43.01 -0.26 -5.48
N GLU C 24 41.84 -0.15 -4.86
CA GLU C 24 41.71 -0.13 -3.41
C GLU C 24 40.30 -0.55 -3.07
N PRO C 25 40.08 -1.31 -2.01
CA PRO C 25 38.73 -1.83 -1.77
C PRO C 25 37.72 -0.69 -1.66
N THR C 26 36.50 -0.94 -2.11
CA THR C 26 35.44 0.04 -2.29
C THR C 26 34.16 -0.55 -1.72
N PRO C 27 33.11 0.27 -1.54
CA PRO C 27 31.96 -0.24 -0.77
C PRO C 27 31.02 -1.10 -1.62
N ARG C 28 30.67 -2.27 -1.08
CA ARG C 28 29.77 -3.19 -1.77
C ARG C 28 28.33 -2.79 -1.44
N GLU C 29 27.79 -1.90 -2.24
CA GLU C 29 26.44 -1.45 -2.01
C GLU C 29 25.63 -1.64 -3.29
N LEU C 30 24.33 -1.44 -3.15
CA LEU C 30 23.40 -1.45 -4.27
C LEU C 30 22.82 -0.05 -4.36
N LYS C 31 23.16 0.68 -5.41
CA LYS C 31 22.78 2.07 -5.56
C LYS C 31 21.69 2.18 -6.62
N LEU C 32 20.73 3.07 -6.42
CA LEU C 32 19.62 3.24 -7.34
C LEU C 32 19.97 4.18 -8.48
N LEU C 33 19.42 3.93 -9.66
CA LEU C 33 19.62 4.83 -10.79
C LEU C 33 18.48 5.83 -10.87
N SER C 34 18.77 7.03 -11.37
CA SER C 34 17.76 8.07 -11.27
C SER C 34 16.65 7.85 -12.30
N ASP C 35 15.59 8.64 -12.21
CA ASP C 35 14.53 8.45 -13.20
C ASP C 35 14.94 8.97 -14.56
N ILE C 36 15.97 9.80 -14.63
CA ILE C 36 16.42 10.31 -15.91
C ILE C 36 17.33 9.32 -16.57
N ASP C 37 18.25 8.73 -15.79
CA ASP C 37 19.19 7.76 -16.36
C ASP C 37 18.52 6.42 -16.66
N ASP C 38 17.36 6.20 -16.10
CA ASP C 38 16.66 4.93 -16.16
C ASP C 38 15.80 4.78 -17.39
N GLN C 39 15.56 5.87 -18.13
CA GLN C 39 14.49 5.82 -19.10
C GLN C 39 14.89 5.01 -20.32
N GLU C 40 13.86 4.61 -21.07
CA GLU C 40 14.06 3.81 -22.26
C GLU C 40 15.10 4.43 -23.18
N ILE C 41 14.84 5.66 -23.63
CA ILE C 41 15.71 6.29 -24.63
C ILE C 41 17.19 6.37 -24.21
N LEU C 42 17.50 6.29 -22.92
CA LEU C 42 18.90 6.39 -22.52
C LEU C 42 19.51 5.02 -22.32
N GLN C 43 18.74 3.95 -22.53
CA GLN C 43 19.30 2.61 -22.41
C GLN C 43 20.22 2.30 -23.59
N SER C 44 21.22 3.16 -23.78
CA SER C 44 22.21 3.01 -24.84
C SER C 44 23.61 3.12 -24.27
N HIS C 45 24.60 3.27 -25.14
CA HIS C 45 25.97 3.57 -24.77
C HIS C 45 26.34 4.91 -25.39
N LEU C 46 27.33 5.58 -24.82
CA LEU C 46 27.83 6.85 -25.33
C LEU C 46 29.34 6.74 -25.32
N ALA C 47 29.99 7.41 -26.25
CA ALA C 47 31.37 7.04 -26.51
C ALA C 47 32.13 8.24 -27.01
N GLY C 48 33.44 8.21 -26.79
CA GLY C 48 34.29 9.26 -27.29
C GLY C 48 35.67 8.76 -27.64
N ILE C 49 36.42 9.66 -28.22
CA ILE C 49 37.75 9.38 -28.69
C ILE C 49 38.63 10.60 -28.46
N GLN C 50 39.92 10.34 -28.29
CA GLN C 50 40.93 11.36 -28.06
C GLN C 50 42.14 10.96 -28.87
N PHE C 51 42.80 11.93 -29.48
CA PHE C 51 44.05 11.72 -30.20
C PHE C 51 45.14 12.49 -29.50
N PHE C 52 46.32 11.89 -29.40
CA PHE C 52 47.43 12.52 -28.71
C PHE C 52 48.68 12.45 -29.58
N ARG C 53 49.26 13.61 -29.80
CA ARG C 53 50.50 13.73 -30.54
C ARG C 53 51.68 13.25 -29.70
N HIS C 54 52.61 12.57 -30.36
CA HIS C 54 53.79 12.05 -29.67
C HIS C 54 54.59 13.17 -29.02
N VAL C 55 54.91 12.99 -27.75
CA VAL C 55 55.79 13.89 -27.01
C VAL C 55 57.12 13.17 -26.80
N PRO C 56 58.24 13.73 -27.28
CA PRO C 56 59.52 13.01 -27.15
C PRO C 56 59.92 12.73 -25.72
N LYS C 57 59.77 13.70 -24.80
CA LYS C 57 60.23 13.51 -23.43
C LYS C 57 59.52 12.33 -22.76
N MET C 58 58.23 12.14 -23.04
CA MET C 58 57.49 11.06 -22.40
C MET C 58 57.78 9.72 -23.08
N ARG C 59 59.05 9.45 -23.40
CA ARG C 59 59.47 8.26 -24.15
C ARG C 59 59.71 7.06 -23.25
N ASN C 60 60.17 7.27 -22.02
CA ASN C 60 60.35 6.19 -21.08
C ASN C 60 59.04 5.66 -20.50
N LYS C 61 57.89 6.15 -20.97
CA LYS C 61 56.59 5.85 -20.36
C LYS C 61 55.62 5.32 -21.42
N LYS C 62 54.85 4.27 -21.06
CA LYS C 62 53.91 3.66 -22.00
C LYS C 62 52.51 4.17 -21.75
N PRO C 63 51.88 4.83 -22.73
CA PRO C 63 50.51 5.36 -22.50
C PRO C 63 49.53 4.34 -21.95
N ALA C 64 49.54 3.10 -22.44
CA ALA C 64 48.58 2.12 -21.94
C ALA C 64 48.83 1.81 -20.46
N THR C 65 50.08 1.90 -20.02
CA THR C 65 50.37 1.56 -18.64
C THR C 65 49.94 2.69 -17.72
N VAL C 66 50.29 3.93 -18.06
CA VAL C 66 49.86 5.03 -17.21
C VAL C 66 48.34 5.10 -17.16
N ILE C 67 47.66 4.93 -18.30
CA ILE C 67 46.21 5.01 -18.28
C ILE C 67 45.58 3.83 -17.52
N LYS C 68 46.10 2.61 -17.67
CA LYS C 68 45.51 1.48 -16.94
C LYS C 68 45.65 1.64 -15.42
N GLU C 69 46.86 1.95 -14.94
CA GLU C 69 47.05 2.15 -13.51
C GLU C 69 46.25 3.35 -12.99
N ALA C 70 46.20 4.44 -13.78
CA ALA C 70 45.33 5.56 -13.45
C ALA C 70 43.88 5.12 -13.35
N LEU C 71 43.46 4.21 -14.22
CA LEU C 71 42.06 3.85 -14.23
C LEU C 71 41.71 3.13 -12.94
N ALA C 72 42.65 2.34 -12.41
CA ALA C 72 42.37 1.65 -11.15
C ALA C 72 42.27 2.66 -9.99
N LYS C 73 43.23 3.58 -9.93
CA LYS C 73 43.14 4.63 -8.94
C LYS C 73 41.82 5.37 -9.09
N PHE C 74 41.46 5.67 -10.33
CA PHE C 74 40.29 6.48 -10.64
C PHE C 74 39.02 5.82 -10.16
N LEU C 75 38.89 4.51 -10.45
CA LEU C 75 37.74 3.70 -10.07
C LEU C 75 37.61 3.59 -8.56
N VAL C 76 38.69 3.88 -7.84
CA VAL C 76 38.52 3.99 -6.39
C VAL C 76 37.51 5.11 -6.08
N PHE C 77 37.60 6.23 -6.81
CA PHE C 77 36.70 7.34 -6.57
C PHE C 77 35.36 7.17 -7.26
N TYR C 78 35.36 6.80 -8.53
CA TYR C 78 34.09 6.45 -9.18
C TYR C 78 33.87 4.94 -9.19
N TYR C 79 33.83 4.32 -8.01
CA TYR C 79 33.64 2.88 -7.91
C TYR C 79 32.36 2.31 -8.56
N PRO C 80 31.25 3.04 -8.67
CA PRO C 80 30.14 2.48 -9.45
C PRO C 80 30.55 2.06 -10.85
N PHE C 81 31.44 2.82 -11.52
CA PHE C 81 31.89 2.43 -12.86
C PHE C 81 32.67 1.11 -12.88
N ALA C 82 32.94 0.48 -11.73
CA ALA C 82 33.46 -0.88 -11.69
C ALA C 82 32.37 -1.91 -11.38
N GLY C 83 31.13 -1.47 -11.35
CA GLY C 83 30.01 -2.32 -11.06
C GLY C 83 29.28 -2.74 -12.31
N ARG C 84 28.02 -3.10 -12.12
CA ARG C 84 27.18 -3.66 -13.16
C ARG C 84 25.77 -3.20 -12.88
N VAL C 85 25.00 -2.96 -13.94
CA VAL C 85 23.60 -2.58 -13.78
C VAL C 85 22.73 -3.83 -13.90
N ARG C 86 21.64 -3.86 -13.15
CA ARG C 86 20.71 -4.98 -13.20
C ARG C 86 19.37 -4.53 -12.67
N GLU C 87 18.36 -5.33 -12.96
CA GLU C 87 16.97 -4.99 -12.64
C GLU C 87 16.68 -5.31 -11.17
N GLY C 88 16.53 -4.27 -10.35
CA GLY C 88 16.19 -4.45 -8.96
C GLY C 88 14.73 -4.81 -8.80
N PRO C 89 14.30 -4.95 -7.54
CA PRO C 89 12.99 -5.56 -7.28
C PRO C 89 11.82 -4.74 -7.81
N SER C 90 11.90 -3.42 -7.72
CA SER C 90 10.78 -2.59 -8.14
C SER C 90 10.54 -2.69 -9.65
N GLY C 91 11.60 -2.76 -10.44
CA GLY C 91 11.52 -2.73 -11.89
C GLY C 91 12.52 -1.70 -12.36
N LYS C 92 13.00 -0.91 -11.40
CA LYS C 92 13.99 0.12 -11.68
C LYS C 92 15.37 -0.50 -11.77
N LEU C 93 16.22 0.05 -12.64
CA LEU C 93 17.58 -0.45 -12.75
C LEU C 93 18.42 0.09 -11.61
N MET C 94 19.36 -0.73 -11.13
CA MET C 94 20.30 -0.20 -10.16
C MET C 94 21.71 -0.75 -10.40
N VAL C 95 22.67 -0.16 -9.67
CA VAL C 95 24.08 -0.47 -9.83
C VAL C 95 24.49 -1.36 -8.66
N ASP C 96 24.81 -2.62 -9.00
CA ASP C 96 25.53 -3.55 -8.16
C ASP C 96 26.99 -3.15 -8.21
N CYS C 97 27.52 -2.70 -7.09
CA CYS C 97 28.90 -2.23 -7.00
C CYS C 97 29.64 -3.27 -6.21
N SER C 98 30.26 -4.22 -6.90
CA SER C 98 31.11 -5.19 -6.24
C SER C 98 32.50 -5.19 -6.83
N GLY C 99 32.88 -4.14 -7.53
CA GLY C 99 34.23 -4.08 -8.05
C GLY C 99 34.51 -5.08 -9.14
N GLN C 100 33.48 -5.50 -9.87
CA GLN C 100 33.65 -6.43 -10.99
C GLN C 100 34.67 -5.93 -12.02
N GLY C 101 34.86 -4.61 -12.14
CA GLY C 101 35.86 -4.03 -13.03
C GLY C 101 35.37 -3.45 -14.34
N ALA C 102 36.03 -2.39 -14.80
CA ALA C 102 35.83 -1.93 -16.17
C ALA C 102 36.69 -2.76 -17.12
N LEU C 103 36.44 -2.65 -18.43
CA LEU C 103 37.26 -3.32 -19.43
C LEU C 103 38.26 -2.35 -20.05
N PHE C 104 39.50 -2.82 -20.23
CA PHE C 104 40.58 -2.10 -20.89
C PHE C 104 41.17 -2.95 -22.02
N ILE C 105 41.61 -2.29 -23.09
CA ILE C 105 42.26 -2.97 -24.21
C ILE C 105 43.51 -2.20 -24.63
N GLU C 106 44.66 -2.88 -24.59
CA GLU C 106 45.90 -2.37 -25.17
C GLU C 106 45.99 -2.73 -26.64
N ALA C 107 46.58 -1.84 -27.44
CA ALA C 107 46.55 -1.97 -28.89
C ALA C 107 47.59 -1.08 -29.56
N GLU C 108 47.90 -1.43 -30.82
CA GLU C 108 48.87 -0.76 -31.69
C GLU C 108 48.34 -0.74 -33.12
N ALA C 109 48.60 0.36 -33.81
CA ALA C 109 48.05 0.57 -35.15
C ALA C 109 49.11 1.03 -36.13
N ASP C 110 49.20 0.34 -37.27
CA ASP C 110 50.15 0.63 -38.34
C ASP C 110 49.64 1.83 -39.14
N VAL C 111 49.69 2.99 -38.47
CA VAL C 111 49.40 4.28 -39.08
C VAL C 111 50.08 5.32 -38.20
N THR C 112 50.28 6.52 -38.73
CA THR C 112 50.68 7.61 -37.85
C THR C 112 49.55 8.64 -37.72
N LEU C 113 49.68 9.50 -36.71
CA LEU C 113 48.72 10.59 -36.56
C LEU C 113 48.63 11.41 -37.83
N SER C 114 49.78 11.59 -38.51
CA SER C 114 49.82 12.39 -39.71
C SER C 114 48.85 11.86 -40.76
N GLN C 115 48.76 10.54 -40.88
CA GLN C 115 47.94 9.91 -41.92
C GLN C 115 46.44 10.16 -41.76
N PHE C 116 45.99 10.52 -40.55
CA PHE C 116 44.62 11.01 -40.40
C PHE C 116 44.46 12.39 -41.04
N GLY C 117 45.49 13.23 -40.92
CA GLY C 117 45.51 14.48 -41.65
C GLY C 117 44.86 15.63 -40.89
N ASP C 118 45.08 16.84 -41.43
CA ASP C 118 44.72 18.06 -40.75
C ASP C 118 43.64 18.85 -41.51
N PRO C 119 42.64 19.42 -40.81
CA PRO C 119 42.56 19.22 -39.36
C PRO C 119 41.88 17.88 -39.03
N LEU C 120 41.81 17.55 -37.73
CA LEU C 120 41.09 16.37 -37.28
C LEU C 120 39.61 16.69 -37.27
N GLN C 121 38.87 16.09 -38.19
CA GLN C 121 37.44 16.32 -38.23
C GLN C 121 36.76 14.96 -38.32
N PRO C 122 35.91 14.61 -37.37
CA PRO C 122 35.25 13.36 -37.40
C PRO C 122 34.13 13.40 -38.41
N PRO C 123 33.50 12.25 -38.72
CA PRO C 123 33.85 10.93 -38.19
C PRO C 123 35.17 10.36 -38.75
N PHE C 124 35.84 9.61 -37.90
CA PHE C 124 37.18 9.09 -38.05
C PHE C 124 37.19 7.72 -38.71
N PRO C 125 38.24 7.43 -39.46
CA PRO C 125 38.31 6.15 -40.17
C PRO C 125 38.57 5.00 -39.23
N CYS C 126 37.94 3.86 -39.53
CA CYS C 126 38.25 2.62 -38.83
C CYS C 126 38.00 2.73 -37.32
N VAL C 127 37.15 3.68 -36.90
CA VAL C 127 36.92 3.92 -35.47
C VAL C 127 36.41 2.65 -34.80
N GLU C 128 35.70 1.81 -35.56
CA GLU C 128 35.22 0.53 -35.07
C GLU C 128 36.36 -0.40 -34.66
N GLU C 129 37.60 -0.08 -35.06
CA GLU C 129 38.78 -0.83 -34.66
C GLU C 129 39.62 -0.12 -33.61
N LEU C 130 39.39 1.15 -33.39
CA LEU C 130 39.99 1.89 -32.31
C LEU C 130 39.27 1.68 -30.99
N LEU C 131 38.05 1.15 -31.04
CA LEU C 131 37.17 0.95 -29.90
C LEU C 131 36.43 -0.36 -30.13
N TYR C 132 37.05 -1.45 -29.70
CA TYR C 132 36.52 -2.76 -30.06
C TYR C 132 35.23 -3.06 -29.29
N ASN C 133 34.22 -3.52 -30.01
CA ASN C 133 32.98 -3.99 -29.41
C ASN C 133 33.17 -5.46 -28.98
N VAL C 134 33.82 -5.63 -27.83
CA VAL C 134 34.11 -6.97 -27.29
C VAL C 134 32.83 -7.79 -27.24
N PRO C 135 32.84 -9.03 -27.74
CA PRO C 135 31.64 -9.88 -27.66
C PRO C 135 31.14 -10.03 -26.23
N GLY C 136 29.82 -10.09 -26.07
CA GLY C 136 29.19 -10.16 -24.75
C GLY C 136 29.06 -8.86 -23.98
N THR C 137 29.16 -7.71 -24.65
CA THR C 137 29.34 -6.43 -23.99
C THR C 137 28.23 -5.44 -24.33
N SER C 138 27.46 -5.67 -25.38
CA SER C 138 26.64 -4.56 -25.86
C SER C 138 25.42 -4.30 -24.99
N GLY C 139 25.08 -5.23 -24.10
CA GLY C 139 23.85 -5.10 -23.33
C GLY C 139 23.93 -4.06 -22.23
N ILE C 140 22.75 -3.57 -21.84
CA ILE C 140 22.70 -2.55 -20.80
C ILE C 140 22.90 -3.18 -19.41
N ILE C 141 22.22 -4.28 -19.13
CA ILE C 141 22.37 -4.95 -17.83
C ILE C 141 23.45 -6.03 -17.95
N ASP C 142 24.15 -6.25 -16.83
CA ASP C 142 25.20 -7.24 -16.65
C ASP C 142 26.42 -7.03 -17.54
N THR C 143 26.65 -5.85 -18.07
CA THR C 143 27.89 -5.59 -18.80
C THR C 143 28.79 -4.60 -18.06
N PRO C 144 30.09 -4.59 -18.36
CA PRO C 144 30.97 -3.54 -17.84
C PRO C 144 30.46 -2.17 -18.25
N LEU C 145 30.51 -1.22 -17.30
CA LEU C 145 29.93 0.11 -17.50
C LEU C 145 30.84 1.04 -18.26
N LEU C 146 32.15 0.74 -18.28
CA LEU C 146 33.19 1.47 -18.98
C LEU C 146 34.08 0.49 -19.77
N LEU C 147 34.39 0.87 -21.01
CA LEU C 147 35.26 0.07 -21.87
C LEU C 147 36.18 1.03 -22.59
N CYS C 148 37.48 0.89 -22.41
CA CYS C 148 38.35 1.83 -23.10
C CYS C 148 39.52 1.12 -23.76
N GLN C 149 39.94 1.69 -24.87
CA GLN C 149 41.02 1.13 -25.66
C GLN C 149 42.07 2.21 -25.88
N VAL C 150 43.30 1.85 -25.58
CA VAL C 150 44.45 2.69 -25.84
C VAL C 150 45.24 2.03 -26.95
N THR C 151 45.37 2.74 -28.07
CA THR C 151 46.00 2.21 -29.28
C THR C 151 47.15 3.14 -29.63
N HIS C 152 48.38 2.66 -29.47
CA HIS C 152 49.54 3.47 -29.77
C HIS C 152 49.95 3.29 -31.22
N LEU C 153 50.45 4.39 -31.79
CA LEU C 153 50.73 4.56 -33.21
C LEU C 153 52.23 4.38 -33.49
N LEU C 154 52.58 4.23 -34.77
CA LEU C 154 54.00 4.32 -35.10
C LEU C 154 54.58 5.65 -34.65
N CYS C 155 53.89 6.75 -34.97
CA CYS C 155 54.46 8.06 -34.65
C CYS C 155 54.75 8.24 -33.17
N GLY C 156 54.39 7.28 -32.30
CA GLY C 156 54.61 7.41 -30.87
C GLY C 156 53.53 8.15 -30.11
N GLY C 157 52.66 8.89 -30.80
CA GLY C 157 51.41 9.33 -30.25
C GLY C 157 50.45 8.15 -30.15
N PHE C 158 49.25 8.44 -29.66
CA PHE C 158 48.35 7.35 -29.29
C PHE C 158 46.91 7.85 -29.25
N ILE C 159 45.99 6.90 -29.48
CA ILE C 159 44.55 7.16 -29.47
C ILE C 159 43.94 6.55 -28.22
N PHE C 160 43.19 7.36 -27.47
CA PHE C 160 42.46 6.87 -26.30
C PHE C 160 40.97 6.97 -26.59
N ALA C 161 40.29 5.82 -26.71
CA ALA C 161 38.86 5.73 -26.98
C ALA C 161 38.14 5.09 -25.80
N PHE C 162 36.89 5.48 -25.58
CA PHE C 162 36.19 5.01 -24.40
C PHE C 162 34.69 4.97 -24.70
N ARG C 163 34.03 3.97 -24.13
CA ARG C 163 32.60 3.81 -24.23
C ARG C 163 31.99 3.66 -22.83
N PHE C 164 30.92 4.41 -22.58
CA PHE C 164 30.27 4.52 -21.30
C PHE C 164 28.85 3.99 -21.45
N ASN C 165 28.34 3.30 -20.43
CA ASN C 165 26.92 2.96 -20.34
C ASN C 165 26.11 4.23 -20.05
N HIS C 166 25.08 4.49 -20.86
CA HIS C 166 24.42 5.80 -20.81
C HIS C 166 23.45 5.93 -19.64
N THR C 167 23.05 4.82 -19.01
CA THR C 167 22.37 4.87 -17.72
C THR C 167 23.20 5.53 -16.62
N MET C 168 24.51 5.72 -16.82
CA MET C 168 25.37 6.15 -15.73
C MET C 168 25.79 7.60 -15.83
N THR C 169 25.72 8.21 -17.01
CA THR C 169 26.17 9.58 -17.14
C THR C 169 25.85 10.02 -18.55
N ASP C 170 26.05 11.30 -18.79
CA ASP C 170 25.88 11.92 -20.09
C ASP C 170 27.19 12.59 -20.47
N ALA C 171 27.22 13.18 -21.66
CA ALA C 171 28.45 13.74 -22.21
C ALA C 171 29.13 14.75 -21.29
N GLN C 172 28.34 15.53 -20.52
CA GLN C 172 28.99 16.52 -19.66
C GLN C 172 29.54 15.86 -18.42
N GLY C 173 28.75 14.95 -17.83
CA GLY C 173 29.30 13.95 -16.93
C GLY C 173 30.65 13.44 -17.40
N LEU C 174 30.73 13.12 -18.69
CA LEU C 174 31.98 12.63 -19.25
C LEU C 174 33.09 13.65 -19.11
N THR C 175 32.82 14.91 -19.43
CA THR C 175 33.93 15.86 -19.35
C THR C 175 34.46 15.94 -17.92
N LEU C 176 33.56 15.94 -16.93
CA LEU C 176 34.00 15.90 -15.53
C LEU C 176 34.84 14.67 -15.23
N ILE C 177 34.28 13.48 -15.55
CA ILE C 177 34.92 12.21 -15.22
C ILE C 177 36.27 12.09 -15.90
N MET C 178 36.31 12.43 -17.19
CA MET C 178 37.53 12.37 -17.98
C MET C 178 38.61 13.26 -17.40
N SER C 179 38.23 14.48 -16.99
CA SER C 179 39.19 15.32 -16.30
C SER C 179 39.69 14.65 -15.03
N ALA C 180 38.80 14.04 -14.26
CA ALA C 180 39.26 13.37 -13.05
C ALA C 180 40.31 12.32 -13.38
N LEU C 181 40.02 11.50 -14.40
CA LEU C 181 40.94 10.44 -14.79
C LEU C 181 42.28 11.03 -15.21
N GLY C 182 42.26 12.09 -16.02
CA GLY C 182 43.51 12.74 -16.40
C GLY C 182 44.29 13.32 -15.22
N GLU C 183 43.60 13.86 -14.24
CA GLU C 183 44.28 14.36 -13.04
C GLU C 183 44.99 13.23 -12.32
N ILE C 184 44.26 12.18 -11.97
CA ILE C 184 44.89 11.04 -11.32
C ILE C 184 46.05 10.53 -12.18
N ALA C 185 45.80 10.40 -13.48
CA ALA C 185 46.85 10.01 -14.42
C ALA C 185 48.07 10.88 -14.35
N ARG C 186 47.94 12.08 -13.80
CA ARG C 186 49.01 13.06 -13.83
C ARG C 186 49.68 13.26 -12.48
N GLY C 187 49.31 12.49 -11.45
CA GLY C 187 49.92 12.60 -10.14
C GLY C 187 48.96 12.94 -9.04
N ALA C 188 47.81 13.48 -9.39
CA ALA C 188 46.77 13.76 -8.41
C ALA C 188 46.45 12.51 -7.61
N LYS C 189 46.43 12.66 -6.30
CA LYS C 189 46.00 11.56 -5.44
C LYS C 189 44.51 11.54 -5.25
N ALA C 190 43.81 12.54 -5.78
CA ALA C 190 42.36 12.59 -5.76
C ALA C 190 41.94 13.55 -6.85
N PRO C 191 40.71 13.42 -7.39
CA PRO C 191 40.25 14.41 -8.36
C PRO C 191 39.91 15.71 -7.65
N SER C 192 40.19 16.82 -8.32
CA SER C 192 40.00 18.11 -7.68
C SER C 192 38.55 18.28 -7.21
N ILE C 193 37.60 17.60 -7.86
CA ILE C 193 36.18 17.59 -7.51
C ILE C 193 35.79 16.17 -7.09
N LEU C 194 35.30 16.04 -5.90
CA LEU C 194 34.96 14.72 -5.42
C LEU C 194 33.57 14.35 -5.96
N PRO C 195 33.41 13.14 -6.47
CA PRO C 195 32.11 12.79 -7.08
C PRO C 195 31.06 12.50 -6.01
N VAL C 196 29.80 12.69 -6.42
CA VAL C 196 28.66 12.33 -5.58
C VAL C 196 27.75 11.40 -6.36
N TRP C 197 26.89 10.71 -5.62
CA TRP C 197 25.86 9.85 -6.17
C TRP C 197 24.55 10.23 -5.50
N GLN C 198 23.84 11.19 -6.05
CA GLN C 198 22.63 11.63 -5.38
C GLN C 198 21.51 11.49 -6.38
N ARG C 199 21.46 10.30 -6.95
CA ARG C 199 20.45 9.98 -7.95
C ARG C 199 19.05 10.00 -7.35
N GLU C 200 18.95 9.83 -6.02
CA GLU C 200 17.66 9.91 -5.33
C GLU C 200 17.04 11.30 -5.44
N LEU C 201 17.83 12.33 -5.76
CA LEU C 201 17.32 13.66 -6.05
C LEU C 201 16.46 13.68 -7.31
N LEU C 202 16.55 12.66 -8.13
CA LEU C 202 15.88 12.67 -9.40
C LEU C 202 15.04 11.41 -9.53
N CYS C 203 14.67 10.84 -8.39
CA CYS C 203 13.73 9.74 -8.28
C CYS C 203 12.40 10.23 -7.71
N SER C 204 11.34 9.72 -8.29
CA SER C 204 9.98 9.89 -7.76
C SER C 204 9.43 8.51 -7.49
N SER C 205 8.46 8.44 -6.58
CA SER C 205 7.78 7.15 -6.40
C SER C 205 6.32 7.28 -6.85
N ASP C 206 6.14 7.89 -8.01
CA ASP C 206 4.83 7.98 -8.66
C ASP C 206 4.91 7.42 -10.08
N ARG C 207 5.78 6.45 -10.31
CA ARG C 207 5.95 5.90 -11.64
C ARG C 207 6.50 4.49 -11.53
N PRO C 208 6.47 3.70 -12.61
CA PRO C 208 6.91 2.31 -12.55
C PRO C 208 8.34 2.05 -13.02
N ASP C 224 19.37 -3.91 -45.76
CA ASP C 224 19.65 -3.01 -46.87
C ASP C 224 19.61 -1.57 -46.35
N MET C 225 20.70 -1.11 -45.71
CA MET C 225 20.73 0.16 -44.99
C MET C 225 22.04 0.90 -45.32
N THR C 226 22.03 2.25 -45.21
CA THR C 226 22.92 3.12 -45.95
C THR C 226 23.74 4.11 -45.15
N GLN C 227 25.05 4.02 -45.23
CA GLN C 227 25.90 5.01 -44.59
C GLN C 227 26.50 5.99 -45.63
N LYS C 228 26.18 7.28 -45.50
CA LYS C 228 26.88 8.35 -46.18
C LYS C 228 27.13 9.49 -45.20
N SER C 229 27.88 10.51 -45.62
CA SER C 229 28.09 11.67 -44.76
C SER C 229 28.12 12.92 -45.61
N PHE C 230 27.40 13.97 -45.19
CA PHE C 230 27.26 15.16 -46.01
C PHE C 230 27.73 16.38 -45.25
N PHE C 231 28.34 17.31 -45.97
CA PHE C 231 28.77 18.59 -45.44
C PHE C 231 27.77 19.66 -45.87
N ILE C 232 27.45 20.56 -44.95
CA ILE C 232 26.66 21.74 -45.26
C ILE C 232 27.46 22.94 -44.81
N THR C 233 27.95 23.72 -45.77
CA THR C 233 28.64 24.96 -45.44
C THR C 233 27.70 25.91 -44.71
N ASN C 234 28.28 26.83 -43.95
CA ASN C 234 27.47 27.87 -43.30
C ASN C 234 26.86 28.82 -44.31
N THR C 235 27.47 28.99 -45.49
CA THR C 235 26.76 29.72 -46.51
C THR C 235 25.42 29.05 -46.81
N GLU C 236 25.40 27.71 -46.84
CA GLU C 236 24.14 27.01 -47.09
C GLU C 236 23.19 27.14 -45.90
N ILE C 237 23.73 27.14 -44.67
CA ILE C 237 22.88 27.21 -43.48
C ILE C 237 22.20 28.57 -43.39
N SER C 238 23.01 29.62 -43.48
CA SER C 238 22.50 30.99 -43.55
C SER C 238 21.50 31.17 -44.70
N ALA C 239 21.80 30.59 -45.86
CA ALA C 239 20.87 30.66 -46.98
C ALA C 239 19.54 29.96 -46.69
N LEU C 240 19.55 28.96 -45.81
CA LEU C 240 18.30 28.33 -45.37
C LEU C 240 17.55 29.22 -44.38
N ARG C 241 18.27 29.81 -43.43
CA ARG C 241 17.72 30.81 -42.52
C ARG C 241 16.94 31.86 -43.28
N ARG C 242 17.56 32.31 -44.35
CA ARG C 242 17.06 33.23 -45.35
C ARG C 242 15.55 33.12 -45.57
N HIS C 243 15.06 31.92 -45.86
CA HIS C 243 13.67 31.71 -46.23
C HIS C 243 12.76 31.38 -45.03
N VAL C 244 13.20 31.65 -43.80
CA VAL C 244 12.38 31.42 -42.61
C VAL C 244 11.53 32.66 -42.31
N PRO C 245 10.35 32.53 -41.71
CA PRO C 245 9.67 33.71 -41.15
C PRO C 245 10.54 34.43 -40.15
N THR C 246 10.24 35.73 -39.94
CA THR C 246 11.15 36.57 -39.16
C THR C 246 11.15 36.21 -37.69
N HIS C 247 9.99 36.04 -37.08
CA HIS C 247 10.04 35.67 -35.67
C HIS C 247 10.19 34.17 -35.47
N LEU C 248 10.74 33.48 -36.46
CA LEU C 248 11.40 32.20 -36.25
C LEU C 248 12.90 32.29 -36.42
N GLN C 249 13.43 33.43 -36.87
CA GLN C 249 14.84 33.53 -37.26
C GLN C 249 15.78 33.53 -36.05
N LYS C 250 15.25 33.66 -34.84
CA LYS C 250 16.07 33.53 -33.64
C LYS C 250 16.56 32.11 -33.40
N CYS C 251 16.10 31.15 -34.20
CA CYS C 251 16.37 29.75 -33.97
C CYS C 251 17.86 29.45 -33.99
N THR C 252 18.24 28.41 -33.27
CA THR C 252 19.62 27.94 -33.26
C THR C 252 19.88 27.16 -34.52
N THR C 253 21.11 27.27 -35.03
CA THR C 253 21.51 26.49 -36.18
C THR C 253 21.11 25.04 -36.00
N PHE C 254 21.34 24.51 -34.79
CA PHE C 254 20.88 23.16 -34.52
C PHE C 254 19.40 23.01 -34.83
N GLU C 255 18.57 23.90 -34.28
CA GLU C 255 17.13 23.79 -34.50
C GLU C 255 16.79 23.82 -35.99
N LEU C 256 17.33 24.80 -36.71
CA LEU C 256 17.12 24.88 -38.14
C LEU C 256 17.50 23.59 -38.87
N LEU C 257 18.73 23.13 -38.67
CA LEU C 257 19.15 21.93 -39.39
C LEU C 257 18.25 20.76 -39.06
N THR C 258 17.88 20.63 -37.78
CA THR C 258 17.01 19.56 -37.30
C THR C 258 15.63 19.61 -37.94
N ALA C 259 15.10 20.82 -38.10
CA ALA C 259 13.80 20.99 -38.75
C ALA C 259 13.88 20.59 -40.21
N CYS C 260 14.96 20.96 -40.90
CA CYS C 260 15.18 20.43 -42.25
C CYS C 260 15.26 18.90 -42.28
N ILE C 261 16.13 18.31 -41.44
CA ILE C 261 16.33 16.87 -41.49
C ILE C 261 15.03 16.14 -41.23
N TRP C 262 14.21 16.65 -40.30
CA TRP C 262 12.92 16.03 -40.01
C TRP C 262 11.98 16.11 -41.21
N ARG C 263 11.85 17.32 -41.78
CA ARG C 263 11.08 17.51 -43.02
C ARG C 263 11.46 16.49 -44.10
N CYS C 264 12.75 16.36 -44.38
CA CYS C 264 13.15 15.51 -45.49
C CYS C 264 13.18 14.04 -45.15
N HIS C 265 13.54 13.66 -43.93
CA HIS C 265 13.36 12.27 -43.62
C HIS C 265 11.88 11.86 -43.77
N THR C 266 10.92 12.73 -43.43
CA THR C 266 9.58 12.22 -43.62
C THR C 266 9.13 12.30 -45.08
N ILE C 267 9.61 13.27 -45.86
CA ILE C 267 9.27 13.25 -47.28
C ILE C 267 9.79 11.99 -47.93
N ALA C 268 11.08 11.73 -47.76
CA ALA C 268 11.70 10.54 -48.35
C ALA C 268 11.08 9.24 -47.82
N LEU C 269 10.69 9.20 -46.55
CA LEU C 269 10.20 7.96 -45.96
C LEU C 269 8.95 7.43 -46.68
N GLN C 270 8.21 8.33 -47.35
CA GLN C 270 6.97 8.01 -48.05
C GLN C 270 6.02 7.22 -47.15
N PRO C 271 5.46 7.84 -46.11
CA PRO C 271 4.53 7.11 -45.24
C PRO C 271 3.09 7.40 -45.65
N ASP C 272 2.13 6.72 -45.04
CA ASP C 272 0.76 7.19 -45.17
C ASP C 272 0.67 8.59 -44.56
N PRO C 273 0.04 9.55 -45.24
CA PRO C 273 0.17 10.95 -44.82
C PRO C 273 -0.43 11.28 -43.47
N LYS C 274 -1.15 10.35 -42.83
CA LYS C 274 -1.76 10.60 -41.53
C LYS C 274 -0.86 10.17 -40.37
N GLU C 275 0.21 9.44 -40.64
CA GLU C 275 1.06 8.89 -39.60
C GLU C 275 1.68 9.99 -38.76
N GLU C 276 1.68 9.77 -37.45
CA GLU C 276 2.26 10.71 -36.50
C GLU C 276 3.77 10.62 -36.60
N MET C 277 4.42 11.63 -37.18
CA MET C 277 5.87 11.74 -37.23
C MET C 277 6.43 12.38 -35.97
N HIS C 278 7.56 11.87 -35.50
CA HIS C 278 8.19 12.32 -34.27
C HIS C 278 9.64 12.70 -34.51
N MET C 279 10.03 13.80 -33.87
CA MET C 279 11.39 14.32 -33.89
C MET C 279 11.78 14.50 -32.43
N ILE C 280 12.88 13.89 -32.02
CA ILE C 280 13.28 13.82 -30.62
C ILE C 280 14.77 14.06 -30.52
N TRP C 281 15.19 14.97 -29.65
CA TRP C 281 16.60 15.21 -29.41
C TRP C 281 16.84 15.40 -27.93
N PRO C 282 18.08 15.22 -27.48
CA PRO C 282 18.40 15.54 -26.08
C PRO C 282 18.86 16.98 -25.89
N VAL C 283 18.38 17.59 -24.81
CA VAL C 283 18.82 18.91 -24.40
C VAL C 283 19.53 18.79 -23.06
N ASN C 284 20.73 19.33 -22.97
CA ASN C 284 21.41 19.41 -21.68
C ASN C 284 20.81 20.56 -20.87
N VAL C 285 20.48 20.27 -19.60
CA VAL C 285 19.84 21.24 -18.72
C VAL C 285 20.65 21.52 -17.45
N ARG C 286 21.90 21.07 -17.40
CA ARG C 286 22.74 21.34 -16.21
C ARG C 286 22.90 22.84 -16.00
N ASN C 287 23.16 23.58 -17.08
CA ASN C 287 23.44 25.00 -16.97
C ASN C 287 22.32 25.87 -17.51
N LYS C 288 21.18 25.29 -17.85
CA LYS C 288 20.05 26.08 -18.33
C LYS C 288 19.07 26.46 -17.23
N PHE C 289 19.04 25.72 -16.13
CA PHE C 289 18.12 25.97 -15.04
C PHE C 289 18.89 26.37 -13.79
N LYS C 290 18.21 27.08 -12.91
CA LYS C 290 18.73 27.43 -11.61
C LYS C 290 17.90 26.62 -10.62
N PHE C 291 18.50 25.58 -10.04
CA PHE C 291 17.79 24.62 -9.20
C PHE C 291 17.86 25.02 -7.73
N ILE C 292 16.75 24.81 -7.03
CA ILE C 292 16.69 25.08 -5.59
C ILE C 292 16.18 23.84 -4.87
N PRO C 293 17.04 23.13 -4.12
CA PRO C 293 18.48 23.37 -3.88
C PRO C 293 19.36 23.19 -5.10
N PRO C 294 20.57 23.74 -5.09
CA PRO C 294 21.49 23.53 -6.22
C PRO C 294 21.93 22.07 -6.30
N LEU C 295 22.46 21.72 -7.47
CA LEU C 295 22.96 20.36 -7.76
C LEU C 295 24.37 20.21 -7.22
N PRO C 296 24.67 19.11 -6.53
CA PRO C 296 26.02 18.91 -6.01
C PRO C 296 27.08 19.01 -7.10
N VAL C 297 28.25 19.50 -6.72
CA VAL C 297 29.23 19.93 -7.72
C VAL C 297 29.70 18.74 -8.59
N GLY C 298 29.80 17.54 -8.03
CA GLY C 298 30.05 16.42 -8.91
C GLY C 298 28.93 15.41 -9.08
N TYR C 299 27.78 15.83 -9.61
CA TYR C 299 26.63 14.94 -9.62
C TYR C 299 26.80 13.77 -10.61
N TYR C 300 27.20 14.09 -11.86
CA TYR C 300 27.61 13.14 -12.89
C TYR C 300 26.55 12.13 -13.30
N GLY C 301 25.34 12.25 -12.81
CA GLY C 301 24.25 11.53 -13.42
C GLY C 301 23.66 12.23 -14.67
N ASN C 302 22.78 11.53 -15.35
CA ASN C 302 22.13 12.12 -16.51
C ASN C 302 21.29 13.34 -16.13
N LEU C 303 21.42 14.42 -16.90
CA LEU C 303 20.64 15.66 -16.70
C LEU C 303 20.10 16.15 -18.05
N LEU C 304 19.21 15.36 -18.65
CA LEU C 304 18.85 15.45 -20.06
C LEU C 304 17.34 15.55 -20.23
N ALA C 305 16.89 16.60 -20.90
CA ALA C 305 15.51 16.70 -21.34
C ALA C 305 15.38 16.13 -22.75
N PHE C 306 14.14 15.79 -23.13
CA PHE C 306 13.85 15.28 -24.47
C PHE C 306 12.57 15.93 -25.02
N PRO C 307 12.72 17.11 -25.65
CA PRO C 307 11.64 17.65 -26.49
C PRO C 307 11.08 16.60 -27.46
N ASP C 308 9.79 16.75 -27.76
CA ASP C 308 9.07 15.85 -28.65
C ASP C 308 8.27 16.68 -29.65
N ALA C 309 8.86 16.95 -30.81
CA ALA C 309 8.11 17.62 -31.87
C ALA C 309 7.33 16.57 -32.68
N VAL C 310 6.08 16.88 -32.99
CA VAL C 310 5.19 15.87 -33.55
C VAL C 310 4.33 16.51 -34.65
N SER C 311 4.20 15.82 -35.78
CA SER C 311 3.42 16.34 -36.90
C SER C 311 2.78 15.19 -37.65
N THR C 312 1.88 15.47 -38.56
CA THR C 312 1.55 14.39 -39.48
C THR C 312 2.36 14.61 -40.73
N ALA C 313 2.68 13.51 -41.41
CA ALA C 313 3.56 13.59 -42.56
C ALA C 313 3.00 14.46 -43.67
N ARG C 314 1.67 14.44 -43.90
CA ARG C 314 1.08 15.41 -44.82
C ARG C 314 1.45 16.84 -44.45
N ASP C 315 1.10 17.26 -43.22
CA ASP C 315 1.41 18.64 -42.81
C ASP C 315 2.90 18.93 -42.97
N LEU C 316 3.76 17.97 -42.62
CA LEU C 316 5.19 18.18 -42.71
C LEU C 316 5.62 18.35 -44.14
N CYS C 317 5.03 17.57 -45.06
CA CYS C 317 5.55 17.51 -46.43
C CYS C 317 4.98 18.63 -47.29
N ASN C 318 3.72 18.97 -47.12
CA ASN C 318 3.14 20.01 -47.93
C ASN C 318 3.30 21.39 -47.32
N LYS C 319 3.84 21.49 -46.10
CA LYS C 319 3.98 22.86 -45.59
C LYS C 319 5.42 23.31 -45.70
N PRO C 320 5.67 24.61 -45.75
CA PRO C 320 7.07 25.08 -45.80
C PRO C 320 7.84 24.82 -44.50
N LEU C 321 9.17 24.87 -44.64
CA LEU C 321 10.09 24.63 -43.55
C LEU C 321 9.71 25.40 -42.28
N GLY C 322 9.04 26.55 -42.43
CA GLY C 322 8.65 27.32 -41.26
C GLY C 322 7.72 26.54 -40.35
N TYR C 323 6.83 25.74 -40.93
CA TYR C 323 5.94 24.92 -40.12
C TYR C 323 6.74 23.91 -39.24
N ALA C 324 7.67 23.16 -39.85
CA ALA C 324 8.48 22.20 -39.08
C ALA C 324 9.37 22.90 -38.06
N LEU C 325 10.00 24.02 -38.47
CA LEU C 325 10.94 24.73 -37.61
C LEU C 325 10.23 25.30 -36.41
N GLU C 326 9.06 25.91 -36.65
CA GLU C 326 8.20 26.40 -35.59
C GLU C 326 7.86 25.29 -34.61
N LEU C 327 7.49 24.12 -35.12
CA LEU C 327 7.20 22.96 -34.28
C LEU C 327 8.42 22.53 -33.42
N VAL C 328 9.61 22.43 -34.05
CA VAL C 328 10.83 22.08 -33.30
C VAL C 328 11.04 23.09 -32.16
N MET C 329 10.85 24.38 -32.46
CA MET C 329 11.06 25.40 -31.42
C MET C 329 10.04 25.28 -30.29
N LYS C 330 8.75 25.12 -30.62
CA LYS C 330 7.78 25.02 -29.54
C LYS C 330 7.95 23.76 -28.69
N ALA C 331 8.52 22.67 -29.24
CA ALA C 331 8.73 21.50 -28.38
C ALA C 331 9.96 21.66 -27.49
N ARG C 332 11.00 22.32 -28.01
CA ARG C 332 12.14 22.70 -27.16
C ARG C 332 11.67 23.63 -26.05
N TYR C 333 10.85 24.61 -26.38
CA TYR C 333 10.36 25.51 -25.37
C TYR C 333 9.46 24.79 -24.36
N ASP C 334 8.59 23.92 -24.84
CA ASP C 334 7.70 23.20 -23.95
C ASP C 334 8.49 22.38 -22.96
N VAL C 335 9.73 22.02 -23.29
CA VAL C 335 10.56 21.25 -22.37
C VAL C 335 11.53 22.12 -21.57
N THR C 336 11.55 23.44 -21.82
CA THR C 336 12.47 24.33 -21.13
C THR C 336 11.72 25.39 -20.30
N LYS C 337 10.39 25.24 -20.14
CA LYS C 337 9.54 26.36 -19.74
C LYS C 337 9.80 26.81 -18.30
N LYS C 338 9.82 25.88 -17.37
CA LYS C 338 10.13 26.17 -15.98
C LYS C 338 11.64 26.18 -15.78
N ARG C 339 12.21 27.35 -15.50
CA ARG C 339 13.67 27.48 -15.38
C ARG C 339 14.16 27.66 -13.94
N VAL C 340 13.26 27.55 -12.96
CA VAL C 340 13.63 27.74 -11.55
C VAL C 340 12.85 26.79 -10.64
N GLY C 341 13.56 25.96 -9.87
CA GLY C 341 12.92 25.04 -8.92
C GLY C 341 13.84 23.90 -8.50
N SER C 342 13.26 22.85 -7.91
CA SER C 342 14.01 21.64 -7.62
C SER C 342 14.11 20.74 -8.86
N VAL C 343 15.14 19.89 -8.87
CA VAL C 343 15.45 19.13 -10.09
C VAL C 343 14.27 18.29 -10.52
N SER C 344 13.65 17.58 -9.57
CA SER C 344 12.59 16.64 -9.90
C SER C 344 11.40 17.32 -10.56
N ASP C 345 11.21 18.61 -10.30
CA ASP C 345 10.13 19.33 -10.95
C ASP C 345 10.55 19.81 -12.33
N LEU C 346 11.81 20.18 -12.47
CA LEU C 346 12.34 20.76 -13.69
C LEU C 346 12.80 19.71 -14.72
N VAL C 347 13.31 18.55 -14.29
CA VAL C 347 13.83 17.53 -15.21
C VAL C 347 13.00 16.26 -15.07
N LYS C 348 12.53 15.74 -16.21
CA LYS C 348 11.55 14.67 -16.26
C LYS C 348 11.86 13.77 -17.42
N PRO C 349 11.56 12.49 -17.32
CA PRO C 349 11.82 11.60 -18.45
C PRO C 349 10.93 11.97 -19.63
N PHE C 350 11.31 11.44 -20.78
CA PHE C 350 10.47 11.41 -21.96
C PHE C 350 9.11 10.85 -21.57
N LYS C 351 8.05 11.53 -22.05
CA LYS C 351 6.73 11.44 -21.44
C LYS C 351 5.96 10.18 -21.80
N GLY C 352 6.40 9.34 -22.72
CA GLY C 352 5.69 8.10 -22.91
C GLY C 352 6.57 7.08 -23.58
N PRO C 353 6.02 5.95 -24.03
CA PRO C 353 6.87 5.02 -24.77
C PRO C 353 7.46 5.75 -25.94
N VAL C 354 8.76 5.58 -26.15
CA VAL C 354 9.31 6.30 -27.30
C VAL C 354 8.70 5.71 -28.54
N PRO C 355 8.23 6.50 -29.45
CA PRO C 355 7.49 5.96 -30.59
C PRO C 355 8.38 5.19 -31.54
N ALA C 356 7.83 4.73 -32.67
CA ALA C 356 8.62 4.05 -33.69
C ALA C 356 9.04 4.98 -34.84
N ARG C 357 8.11 5.83 -35.30
CA ARG C 357 8.31 6.85 -36.33
C ARG C 357 9.21 7.99 -35.89
N HIS C 358 9.80 7.92 -34.71
CA HIS C 358 10.66 8.99 -34.26
C HIS C 358 11.91 9.07 -35.14
N ALA C 359 12.48 10.27 -35.20
CA ALA C 359 13.84 10.46 -35.65
C ALA C 359 14.57 11.18 -34.52
N ILE C 360 15.90 11.06 -34.46
CA ILE C 360 16.70 11.62 -33.37
C ILE C 360 17.88 12.36 -33.97
N VAL C 361 18.11 13.59 -33.52
CA VAL C 361 19.28 14.36 -33.92
C VAL C 361 20.03 14.73 -32.64
N SER C 362 21.36 14.59 -32.64
CA SER C 362 22.14 14.98 -31.46
C SER C 362 23.16 16.06 -31.82
N ASP C 363 23.16 17.14 -31.06
CA ASP C 363 24.03 18.26 -31.33
C ASP C 363 25.42 17.96 -30.77
N LEU C 364 26.47 18.07 -31.62
CA LEU C 364 27.85 17.87 -31.18
C LEU C 364 28.74 19.05 -31.51
N THR C 365 28.16 20.23 -31.60
CA THR C 365 28.93 21.41 -31.97
C THR C 365 29.52 22.14 -30.78
N ARG C 366 29.07 21.83 -29.56
CA ARG C 366 29.46 22.60 -28.40
C ARG C 366 30.07 21.70 -27.32
N THR C 371 40.42 19.48 -22.95
CA THR C 371 41.13 19.89 -21.73
C THR C 371 41.33 18.71 -20.78
N VAL C 372 41.63 17.55 -21.38
CA VAL C 372 41.98 16.34 -20.64
C VAL C 372 43.44 16.02 -20.91
N ASP C 373 44.22 15.83 -19.84
CA ASP C 373 45.67 15.65 -19.92
C ASP C 373 46.05 14.43 -19.11
N TYR C 374 46.66 13.42 -19.78
CA TYR C 374 47.20 12.22 -19.14
C TYR C 374 48.72 12.25 -19.01
N GLY C 375 49.38 13.34 -19.39
CA GLY C 375 50.82 13.38 -19.33
C GLY C 375 51.44 13.89 -20.61
N TRP C 376 50.64 13.90 -21.69
CA TRP C 376 51.10 14.29 -23.02
C TRP C 376 50.39 15.55 -23.52
N GLY C 377 49.91 16.41 -22.63
CA GLY C 377 49.26 17.61 -23.07
C GLY C 377 47.83 17.37 -23.52
N ASN C 378 47.18 18.49 -23.88
CA ASN C 378 45.81 18.43 -24.38
C ASN C 378 45.74 17.55 -25.61
N PRO C 379 44.61 16.90 -25.86
CA PRO C 379 44.49 16.09 -27.08
C PRO C 379 44.61 17.02 -28.27
N ALA C 380 45.44 16.61 -29.25
CA ALA C 380 45.42 17.28 -30.54
C ALA C 380 44.02 17.25 -31.12
N PHE C 381 43.36 16.09 -30.96
CA PHE C 381 42.04 15.80 -31.48
C PHE C 381 41.17 15.15 -30.41
N VAL C 382 39.95 15.66 -30.27
CA VAL C 382 38.90 15.00 -29.51
C VAL C 382 37.68 14.91 -30.43
N GLY C 383 36.80 13.97 -30.15
CA GLY C 383 35.63 13.78 -30.96
C GLY C 383 34.58 12.91 -30.28
N PRO C 384 33.58 12.50 -31.05
CA PRO C 384 32.44 11.76 -30.52
C PRO C 384 32.39 10.28 -30.84
N ALA C 385 33.29 9.74 -31.67
CA ALA C 385 33.26 8.31 -31.96
C ALA C 385 31.86 7.81 -32.37
N PRO C 393 17.38 1.87 -37.73
CA PRO C 393 16.19 1.45 -36.95
C PRO C 393 15.03 2.41 -37.18
N GLY C 394 15.18 3.64 -36.70
CA GLY C 394 14.54 4.81 -37.27
C GLY C 394 15.67 5.70 -37.75
N LEU C 395 15.43 6.97 -38.12
CA LEU C 395 16.55 7.89 -38.38
C LEU C 395 17.20 8.33 -37.08
N THR C 396 18.52 8.26 -37.03
CA THR C 396 19.34 8.69 -35.91
C THR C 396 20.55 9.37 -36.52
N THR C 397 20.89 10.55 -36.05
CA THR C 397 22.03 11.21 -36.66
C THR C 397 22.58 12.21 -35.66
N TYR C 398 23.61 12.93 -36.10
CA TYR C 398 24.04 14.04 -35.26
C TYR C 398 24.72 15.12 -36.10
N LEU C 399 24.96 16.25 -35.46
CA LEU C 399 25.52 17.42 -36.09
C LEU C 399 26.98 17.57 -35.63
N ILE C 400 27.91 17.30 -36.53
CA ILE C 400 29.34 17.30 -36.28
C ILE C 400 29.92 18.59 -36.86
N PRO C 401 30.51 19.47 -36.08
CA PRO C 401 31.17 20.65 -36.65
C PRO C 401 32.25 20.24 -37.65
N HIS C 402 32.25 20.88 -38.82
CA HIS C 402 33.22 20.50 -39.84
C HIS C 402 33.67 21.74 -40.63
N THR C 403 34.98 21.92 -40.74
CA THR C 403 35.59 22.94 -41.59
C THR C 403 36.35 22.23 -42.70
N ASN C 404 36.04 22.56 -43.93
CA ASN C 404 36.59 21.83 -45.05
C ASN C 404 37.94 22.40 -45.46
N ASN C 405 38.29 22.14 -46.70
CA ASN C 405 39.63 22.37 -47.20
C ASN C 405 39.98 23.86 -47.18
N LYS C 406 39.03 24.73 -47.54
CA LYS C 406 39.30 26.15 -47.74
C LYS C 406 38.88 26.99 -46.54
N GLY C 407 38.93 26.45 -45.34
CA GLY C 407 38.48 27.20 -44.19
C GLY C 407 37.02 27.57 -44.22
N GLU C 408 36.22 26.82 -44.96
CA GLU C 408 34.77 26.95 -44.92
C GLU C 408 34.25 26.07 -43.78
N SER C 409 33.67 26.70 -42.76
CA SER C 409 33.08 25.95 -41.67
C SER C 409 31.68 25.49 -42.06
N GLY C 410 31.05 24.70 -41.20
CA GLY C 410 29.76 24.10 -41.51
C GLY C 410 29.46 22.91 -40.62
N ILE C 411 28.63 22.00 -41.13
CA ILE C 411 28.10 20.89 -40.34
C ILE C 411 28.11 19.61 -41.16
N VAL C 412 28.72 18.55 -40.62
CA VAL C 412 28.65 17.23 -41.22
C VAL C 412 27.52 16.47 -40.56
N VAL C 413 26.72 15.82 -41.39
CA VAL C 413 25.57 15.00 -41.03
C VAL C 413 25.85 13.58 -41.50
N PRO C 414 26.09 12.64 -40.59
CA PRO C 414 26.16 11.24 -41.01
C PRO C 414 24.79 10.58 -41.01
N ILE C 415 24.09 10.64 -42.15
CA ILE C 415 22.82 9.97 -42.33
C ILE C 415 23.03 8.47 -42.51
N ARG C 416 22.09 7.66 -42.00
CA ARG C 416 22.08 6.26 -42.36
C ARG C 416 20.66 5.70 -42.40
N LEU C 417 20.24 5.27 -43.58
CA LEU C 417 18.88 4.85 -43.88
C LEU C 417 18.88 3.55 -44.70
N PRO C 418 17.77 3.14 -45.32
CA PRO C 418 17.86 2.28 -46.51
C PRO C 418 18.32 3.06 -47.74
N SER C 419 18.80 2.35 -48.77
CA SER C 419 19.33 3.03 -49.95
C SER C 419 18.32 4.00 -50.55
N GLY C 420 17.10 3.52 -50.85
CA GLY C 420 16.11 4.41 -51.49
C GLY C 420 15.79 5.64 -50.67
N VAL C 421 15.49 5.45 -49.38
CA VAL C 421 15.17 6.60 -48.54
C VAL C 421 16.36 7.54 -48.40
N LEU C 422 17.60 7.03 -48.44
CA LEU C 422 18.72 7.95 -48.38
C LEU C 422 18.85 8.72 -49.67
N ASP C 423 18.88 8.03 -50.79
CA ASP C 423 19.00 8.74 -52.06
C ASP C 423 17.92 9.83 -52.14
N ARG C 424 16.68 9.47 -51.78
CA ARG C 424 15.56 10.40 -51.82
C ARG C 424 15.75 11.55 -50.83
N PHE C 425 16.24 11.24 -49.62
CA PHE C 425 16.54 12.27 -48.63
C PHE C 425 17.57 13.23 -49.16
N VAL C 426 18.67 12.71 -49.70
CA VAL C 426 19.72 13.58 -50.21
C VAL C 426 19.17 14.48 -51.28
N LYS C 427 18.37 13.89 -52.17
CA LYS C 427 17.73 14.69 -53.21
C LYS C 427 16.96 15.84 -52.59
N GLU C 428 16.16 15.56 -51.57
CA GLU C 428 15.27 16.59 -51.07
C GLU C 428 16.06 17.69 -50.34
N ILE C 429 17.03 17.31 -49.51
CA ILE C 429 17.87 18.32 -48.84
C ILE C 429 18.57 19.19 -49.86
N ASN C 430 19.11 18.57 -50.92
CA ASN C 430 19.68 19.33 -52.02
C ASN C 430 18.66 20.32 -52.57
N ASN C 431 17.43 19.86 -52.83
CA ASN C 431 16.42 20.72 -53.46
C ASN C 431 16.06 21.92 -52.58
N MET C 432 15.85 21.67 -51.27
CA MET C 432 15.60 22.77 -50.36
C MET C 432 16.76 23.73 -50.33
N LEU C 433 17.99 23.20 -50.28
CA LEU C 433 19.17 24.06 -50.27
C LEU C 433 19.30 24.85 -51.56
N THR C 434 18.90 24.30 -52.70
CA THR C 434 19.03 25.07 -53.93
C THR C 434 17.90 26.10 -54.09
N GLN C 435 16.72 25.85 -53.53
CA GLN C 435 15.71 26.92 -53.51
C GLN C 435 16.12 28.04 -52.56
N ALA C 436 16.77 27.71 -51.45
CA ALA C 436 17.25 28.72 -50.52
C ALA C 436 18.65 29.26 -50.88
N GLN C 437 19.32 28.66 -51.87
CA GLN C 437 20.50 29.20 -52.52
C GLN C 437 20.13 30.18 -53.63
N LYS C 438 19.17 29.79 -54.46
CA LYS C 438 18.92 30.43 -55.74
C LYS C 438 17.81 31.50 -55.67
N ASN C 439 17.18 31.68 -54.51
CA ASN C 439 16.72 33.01 -54.05
C ASN C 439 17.12 33.22 -52.56
N MET D 1 -29.24 -13.77 51.16
CA MET D 1 -28.22 -14.67 51.66
C MET D 1 -28.45 -16.10 51.16
N ALA D 2 -29.71 -16.52 51.13
CA ALA D 2 -30.12 -17.89 50.82
C ALA D 2 -30.17 -18.08 49.31
N GLU D 3 -29.20 -18.82 48.77
CA GLU D 3 -28.91 -18.86 47.35
C GLU D 3 -30.08 -19.42 46.52
N ILE D 4 -29.93 -19.37 45.21
CA ILE D 4 -30.89 -19.99 44.30
C ILE D 4 -30.16 -20.68 43.15
N LYS D 5 -29.86 -21.98 43.34
CA LYS D 5 -29.93 -22.85 42.19
C LYS D 5 -31.41 -23.11 41.90
N THR D 6 -31.70 -23.71 40.74
CA THR D 6 -33.03 -23.57 40.18
C THR D 6 -33.73 -24.92 40.07
N SER D 7 -35.06 -24.87 40.01
CA SER D 7 -35.93 -26.01 40.26
C SER D 7 -36.43 -26.72 39.01
N LEU D 8 -36.20 -26.16 37.82
CA LEU D 8 -36.74 -26.70 36.59
C LEU D 8 -35.62 -26.93 35.57
N THR D 9 -35.83 -27.92 34.71
CA THR D 9 -35.03 -28.02 33.48
C THR D 9 -35.88 -28.68 32.41
N PHE D 10 -36.12 -27.97 31.30
CA PHE D 10 -36.84 -28.51 30.16
C PHE D 10 -35.92 -28.65 28.95
N THR D 11 -36.23 -29.62 28.10
CA THR D 11 -35.69 -29.73 26.75
C THR D 11 -36.41 -28.71 25.88
N VAL D 12 -35.73 -28.22 24.84
CA VAL D 12 -36.29 -27.21 23.97
C VAL D 12 -35.91 -27.52 22.52
N ARG D 13 -36.89 -27.46 21.63
CA ARG D 13 -36.70 -27.79 20.22
C ARG D 13 -36.88 -26.53 19.40
N ARG D 14 -36.08 -26.37 18.35
CA ARG D 14 -36.14 -25.18 17.52
C ARG D 14 -35.96 -25.54 16.04
N ARG D 15 -36.68 -24.82 15.18
CA ARG D 15 -36.43 -24.82 13.75
C ARG D 15 -35.12 -24.10 13.44
N GLU D 16 -34.63 -24.28 12.21
CA GLU D 16 -33.54 -23.42 11.74
C GLU D 16 -34.05 -21.98 11.72
N PRO D 17 -33.31 -21.02 12.30
CA PRO D 17 -33.82 -19.64 12.33
C PRO D 17 -33.92 -19.00 10.94
N GLU D 18 -34.89 -18.10 10.81
CA GLU D 18 -35.21 -17.49 9.54
C GLU D 18 -34.89 -16.00 9.56
N LEU D 19 -34.55 -15.49 8.39
CA LEU D 19 -34.44 -14.06 8.17
C LEU D 19 -35.83 -13.54 7.88
N VAL D 20 -36.17 -12.42 8.50
CA VAL D 20 -37.40 -11.71 8.22
C VAL D 20 -37.02 -10.35 7.66
N VAL D 21 -37.36 -10.12 6.40
CA VAL D 21 -37.12 -8.81 5.81
C VAL D 21 -38.38 -7.95 5.98
N PRO D 22 -38.32 -6.62 5.82
CA PRO D 22 -39.55 -5.84 5.90
C PRO D 22 -40.54 -6.24 4.81
N ALA D 23 -41.83 -6.12 5.17
CA ALA D 23 -42.90 -6.60 4.30
C ALA D 23 -42.98 -5.85 2.99
N GLU D 24 -42.22 -4.76 2.84
CA GLU D 24 -42.38 -3.77 1.78
C GLU D 24 -41.03 -3.11 1.62
N PRO D 25 -40.69 -2.61 0.43
CA PRO D 25 -39.36 -2.04 0.25
C PRO D 25 -39.12 -0.79 1.09
N THR D 26 -37.92 -0.70 1.66
CA THR D 26 -37.52 0.32 2.59
C THR D 26 -36.26 1.02 2.10
N PRO D 27 -35.93 2.21 2.64
CA PRO D 27 -34.83 2.99 2.06
C PRO D 27 -33.49 2.47 2.54
N ARG D 28 -32.58 2.25 1.59
CA ARG D 28 -31.25 1.78 1.94
C ARG D 28 -30.40 3.00 2.25
N GLU D 29 -30.05 3.12 3.52
CA GLU D 29 -29.49 4.35 4.07
C GLU D 29 -28.27 3.98 4.88
N LEU D 30 -27.35 4.90 5.02
CA LEU D 30 -26.33 4.80 6.05
C LEU D 30 -26.71 5.78 7.16
N LYS D 31 -27.33 5.26 8.21
CA LYS D 31 -27.82 6.06 9.32
C LYS D 31 -26.76 6.21 10.39
N LEU D 32 -26.70 7.39 11.01
CA LEU D 32 -25.72 7.67 12.03
C LEU D 32 -26.26 7.33 13.42
N LEU D 33 -25.40 6.77 14.27
CA LEU D 33 -25.73 6.47 15.65
C LEU D 33 -25.20 7.56 16.56
N SER D 34 -25.89 7.77 17.67
CA SER D 34 -25.67 8.93 18.52
C SER D 34 -24.57 8.67 19.53
N ASP D 35 -23.98 9.77 20.03
CA ASP D 35 -22.91 9.71 21.02
C ASP D 35 -23.31 8.92 22.28
N ILE D 36 -24.60 8.71 22.51
CA ILE D 36 -25.05 7.86 23.59
C ILE D 36 -25.18 6.42 23.10
N ASP D 37 -25.97 6.22 22.03
CA ASP D 37 -26.03 4.90 21.38
C ASP D 37 -24.63 4.35 21.15
N ASP D 38 -23.73 5.24 20.70
CA ASP D 38 -22.40 4.88 20.25
C ASP D 38 -21.55 4.27 21.36
N GLN D 39 -21.74 4.72 22.59
CA GLN D 39 -20.67 4.69 23.59
C GLN D 39 -20.36 3.28 24.11
N GLU D 40 -19.14 3.15 24.62
CA GLU D 40 -18.50 1.84 24.78
C GLU D 40 -19.34 0.90 25.61
N ILE D 41 -19.74 1.35 26.80
CA ILE D 41 -20.34 0.46 27.77
C ILE D 41 -21.73 0.01 27.37
N LEU D 42 -22.37 0.65 26.40
CA LEU D 42 -23.60 0.12 25.85
C LEU D 42 -23.38 -0.71 24.58
N GLN D 43 -22.11 -0.96 24.22
CA GLN D 43 -21.79 -1.69 23.00
C GLN D 43 -22.02 -3.18 23.22
N SER D 44 -23.20 -3.51 23.75
CA SER D 44 -23.54 -4.88 24.11
C SER D 44 -24.98 -5.13 23.68
N HIS D 45 -25.57 -6.20 24.19
CA HIS D 45 -26.93 -6.59 23.81
C HIS D 45 -27.84 -6.48 25.01
N LEU D 46 -29.13 -6.32 24.77
CA LEU D 46 -30.12 -6.13 25.82
C LEU D 46 -31.31 -7.02 25.52
N ALA D 47 -31.79 -7.74 26.51
CA ALA D 47 -32.73 -8.80 26.24
C ALA D 47 -33.91 -8.68 27.18
N GLY D 48 -35.05 -9.19 26.71
CA GLY D 48 -36.26 -9.19 27.50
C GLY D 48 -37.08 -10.43 27.20
N ILE D 49 -37.93 -10.79 28.16
CA ILE D 49 -38.72 -12.00 28.05
C ILE D 49 -40.16 -11.72 28.46
N GLN D 50 -41.07 -12.53 27.94
CA GLN D 50 -42.50 -12.29 28.04
C GLN D 50 -43.26 -13.61 28.01
N PHE D 51 -44.21 -13.75 28.93
CA PHE D 51 -44.95 -14.99 29.14
C PHE D 51 -46.42 -14.85 28.83
N PHE D 52 -46.97 -15.84 28.17
CA PHE D 52 -48.37 -15.81 27.84
C PHE D 52 -49.03 -17.10 28.24
N LYS D 62 -51.89 -19.36 12.36
CA LYS D 62 -51.44 -19.95 13.61
C LYS D 62 -50.86 -18.88 14.48
N PRO D 63 -50.32 -19.32 15.67
CA PRO D 63 -49.79 -18.25 16.53
C PRO D 63 -48.51 -17.57 16.10
N ALA D 64 -47.53 -18.37 15.77
CA ALA D 64 -46.24 -17.82 15.43
C ALA D 64 -46.26 -17.21 14.09
N THR D 65 -46.89 -17.88 13.17
CA THR D 65 -46.92 -17.34 11.82
C THR D 65 -47.39 -15.88 11.83
N VAL D 66 -48.28 -15.50 12.76
CA VAL D 66 -48.58 -14.07 12.87
C VAL D 66 -47.37 -13.30 13.39
N ILE D 67 -46.80 -13.66 14.55
CA ILE D 67 -45.70 -12.83 15.04
C ILE D 67 -44.65 -12.63 13.96
N LYS D 68 -44.41 -13.63 13.13
CA LYS D 68 -43.47 -13.43 12.03
C LYS D 68 -44.01 -12.39 11.03
N GLU D 69 -45.29 -12.46 10.67
CA GLU D 69 -45.81 -11.52 9.67
C GLU D 69 -45.97 -10.10 10.22
N ALA D 70 -46.49 -10.00 11.45
CA ALA D 70 -46.50 -8.75 12.18
C ALA D 70 -45.11 -8.16 12.26
N LEU D 71 -44.11 -9.00 12.45
CA LEU D 71 -42.73 -8.52 12.56
C LEU D 71 -42.24 -7.93 11.25
N ALA D 72 -42.56 -8.58 10.13
CA ALA D 72 -42.20 -7.98 8.84
C ALA D 72 -42.88 -6.61 8.65
N LYS D 73 -44.19 -6.55 8.93
CA LYS D 73 -44.91 -5.29 8.75
C LYS D 73 -44.36 -4.22 9.68
N PHE D 74 -44.01 -4.59 10.91
CA PHE D 74 -43.39 -3.68 11.86
C PHE D 74 -42.04 -3.16 11.35
N LEU D 75 -41.25 -4.05 10.74
CA LEU D 75 -39.96 -3.66 10.20
C LEU D 75 -40.09 -2.69 9.04
N VAL D 76 -41.26 -2.64 8.40
CA VAL D 76 -41.49 -1.57 7.43
C VAL D 76 -41.33 -0.19 8.10
N PHE D 77 -41.78 -0.06 9.34
CA PHE D 77 -41.71 1.22 10.04
C PHE D 77 -40.41 1.40 10.79
N TYR D 78 -40.00 0.38 11.53
CA TYR D 78 -38.68 0.37 12.15
C TYR D 78 -37.68 -0.38 11.27
N TYR D 79 -37.54 0.10 10.04
CA TYR D 79 -36.61 -0.53 9.10
C TYR D 79 -35.15 -0.54 9.56
N PRO D 80 -34.63 0.40 10.35
CA PRO D 80 -33.24 0.24 10.80
C PRO D 80 -32.99 -1.08 11.51
N PHE D 81 -34.02 -1.68 12.13
CA PHE D 81 -33.83 -2.92 12.88
C PHE D 81 -33.66 -4.11 11.98
N ALA D 82 -33.81 -3.93 10.68
CA ALA D 82 -33.49 -4.94 9.70
C ALA D 82 -32.13 -4.71 9.08
N GLY D 83 -31.41 -3.68 9.54
CA GLY D 83 -30.04 -3.43 9.11
C GLY D 83 -28.99 -4.06 10.03
N ARG D 84 -27.75 -3.68 9.78
CA ARG D 84 -26.61 -4.18 10.53
C ARG D 84 -25.78 -2.97 10.88
N VAL D 85 -25.17 -2.96 12.09
CA VAL D 85 -24.28 -1.83 12.45
C VAL D 85 -22.86 -2.17 12.05
N ARG D 86 -22.15 -1.17 11.51
CA ARG D 86 -20.75 -1.33 11.11
C ARG D 86 -19.97 -0.10 11.54
N GLU D 87 -18.70 -0.06 11.12
CA GLU D 87 -17.72 0.85 11.69
C GLU D 87 -17.92 2.28 11.19
N GLY D 88 -17.87 2.48 9.88
CA GLY D 88 -17.87 3.79 9.29
C GLY D 88 -16.50 4.47 9.39
N PRO D 89 -16.20 5.41 8.50
CA PRO D 89 -14.96 6.17 8.64
C PRO D 89 -15.05 6.97 9.92
N SER D 90 -13.92 7.18 10.57
CA SER D 90 -13.83 7.95 11.80
C SER D 90 -14.43 7.23 13.01
N GLY D 91 -14.60 5.91 12.97
CA GLY D 91 -15.01 5.20 14.20
C GLY D 91 -16.46 5.09 14.62
N LYS D 92 -17.19 6.21 14.70
CA LYS D 92 -18.58 6.20 15.15
C LYS D 92 -19.39 5.17 14.39
N LEU D 93 -20.05 4.29 15.13
CA LEU D 93 -20.74 3.17 14.51
C LEU D 93 -22.00 3.66 13.79
N MET D 94 -22.35 2.98 12.70
CA MET D 94 -23.48 3.38 11.87
C MET D 94 -24.39 2.17 11.67
N VAL D 95 -25.59 2.44 11.11
CA VAL D 95 -26.53 1.41 10.69
C VAL D 95 -26.63 1.42 9.18
N ASP D 96 -26.12 0.34 8.55
CA ASP D 96 -26.38 0.02 7.15
C ASP D 96 -27.78 -0.57 7.07
N CYS D 97 -28.70 0.16 6.43
CA CYS D 97 -30.09 -0.24 6.29
C CYS D 97 -30.26 -0.62 4.85
N SER D 98 -30.15 -1.90 4.58
CA SER D 98 -30.52 -2.46 3.30
C SER D 98 -31.45 -3.64 3.49
N GLY D 99 -32.17 -3.68 4.62
CA GLY D 99 -33.22 -4.67 4.77
C GLY D 99 -32.71 -6.09 4.85
N GLN D 100 -31.52 -6.27 5.43
CA GLN D 100 -30.95 -7.59 5.63
C GLN D 100 -31.87 -8.48 6.43
N GLY D 101 -32.66 -7.92 7.32
CA GLY D 101 -33.68 -8.67 8.03
C GLY D 101 -33.30 -9.02 9.43
N ALA D 102 -34.28 -9.06 10.34
CA ALA D 102 -33.97 -9.52 11.69
C ALA D 102 -34.09 -11.05 11.77
N LEU D 103 -33.69 -11.61 12.91
CA LEU D 103 -33.63 -13.06 13.06
C LEU D 103 -34.83 -13.55 13.85
N PHE D 104 -35.42 -14.66 13.38
CA PHE D 104 -36.59 -15.24 14.02
C PHE D 104 -36.43 -16.75 14.22
N ILE D 105 -36.67 -17.21 15.45
CA ILE D 105 -36.67 -18.63 15.80
C ILE D 105 -38.09 -19.04 16.22
N GLU D 106 -38.64 -20.05 15.53
CA GLU D 106 -39.83 -20.78 15.97
C GLU D 106 -39.42 -22.02 16.75
N ALA D 107 -40.02 -22.23 17.93
CA ALA D 107 -39.57 -23.29 18.83
C ALA D 107 -40.72 -23.82 19.69
N GLU D 108 -40.51 -25.03 20.24
CA GLU D 108 -41.44 -25.72 21.14
C GLU D 108 -40.72 -26.24 22.38
N ALA D 109 -41.38 -26.16 23.53
CA ALA D 109 -40.78 -26.57 24.80
C ALA D 109 -41.61 -27.67 25.47
N ASP D 110 -40.93 -28.69 25.99
CA ASP D 110 -41.59 -29.78 26.70
C ASP D 110 -41.79 -29.42 28.17
N VAL D 111 -42.56 -28.35 28.38
CA VAL D 111 -42.91 -27.85 29.71
C VAL D 111 -44.25 -27.14 29.56
N THR D 112 -44.93 -26.90 30.69
CA THR D 112 -46.09 -26.03 30.72
C THR D 112 -45.78 -24.78 31.51
N LEU D 113 -46.55 -23.71 31.20
CA LEU D 113 -46.47 -22.46 31.97
C LEU D 113 -46.60 -22.72 33.46
N SER D 114 -47.49 -23.63 33.83
CA SER D 114 -47.80 -23.89 35.23
C SER D 114 -46.57 -24.31 36.01
N GLN D 115 -45.59 -24.93 35.33
CA GLN D 115 -44.37 -25.37 36.00
C GLN D 115 -43.43 -24.22 36.34
N PHE D 116 -43.67 -23.04 35.76
CA PHE D 116 -42.91 -21.82 36.04
C PHE D 116 -43.29 -21.17 37.37
N GLY D 117 -44.31 -21.68 38.03
CA GLY D 117 -44.66 -21.21 39.34
C GLY D 117 -45.42 -19.89 39.32
N ASP D 118 -46.14 -19.68 40.41
CA ASP D 118 -46.91 -18.47 40.65
C ASP D 118 -46.48 -17.93 42.02
N PRO D 119 -46.13 -16.64 42.11
CA PRO D 119 -46.03 -15.79 40.91
C PRO D 119 -44.76 -16.00 40.10
N LEU D 120 -44.70 -15.33 38.95
CA LEU D 120 -43.57 -15.43 38.05
C LEU D 120 -42.58 -14.32 38.41
N GLN D 121 -41.38 -14.74 38.72
CA GLN D 121 -40.32 -13.90 39.24
C GLN D 121 -39.05 -14.19 38.46
N PRO D 122 -38.13 -13.23 38.39
CA PRO D 122 -36.80 -13.51 37.87
C PRO D 122 -36.04 -14.43 38.80
N PRO D 123 -35.17 -15.31 38.27
CA PRO D 123 -34.88 -15.52 36.83
C PRO D 123 -35.40 -16.85 36.28
N PHE D 124 -35.85 -16.79 35.03
CA PHE D 124 -36.47 -17.96 34.41
C PHE D 124 -35.42 -19.03 34.09
N PRO D 125 -35.75 -20.30 34.27
CA PRO D 125 -34.77 -21.36 34.07
C PRO D 125 -34.62 -21.70 32.61
N CYS D 126 -33.46 -22.29 32.31
CA CYS D 126 -33.04 -22.76 30.99
C CYS D 126 -33.29 -21.68 29.96
N VAL D 127 -33.24 -20.45 30.47
CA VAL D 127 -33.60 -19.26 29.72
C VAL D 127 -32.68 -19.11 28.52
N GLU D 128 -31.42 -19.47 28.70
CA GLU D 128 -30.44 -19.36 27.64
C GLU D 128 -30.84 -20.11 26.37
N GLU D 129 -31.93 -20.89 26.39
CA GLU D 129 -32.39 -21.62 25.22
C GLU D 129 -33.71 -21.14 24.67
N LEU D 130 -34.50 -20.46 25.50
CA LEU D 130 -35.66 -19.73 25.01
C LEU D 130 -35.27 -18.54 24.14
N LEU D 131 -34.07 -18.00 24.36
CA LEU D 131 -33.45 -16.97 23.52
C LEU D 131 -32.08 -17.49 23.11
N TYR D 132 -31.98 -17.97 21.88
CA TYR D 132 -30.82 -18.74 21.43
C TYR D 132 -29.76 -17.86 20.79
N ASN D 133 -28.53 -17.96 21.32
CA ASN D 133 -27.34 -17.32 20.76
C ASN D 133 -26.84 -18.05 19.52
N VAL D 134 -27.63 -17.98 18.45
CA VAL D 134 -27.23 -18.54 17.16
C VAL D 134 -25.75 -18.19 16.94
N PRO D 135 -24.87 -19.17 16.72
CA PRO D 135 -23.43 -18.87 16.61
C PRO D 135 -23.10 -17.85 15.53
N GLY D 136 -22.01 -17.11 15.76
CA GLY D 136 -21.61 -15.98 14.92
C GLY D 136 -22.50 -14.74 14.97
N THR D 137 -23.39 -14.62 15.95
CA THR D 137 -24.40 -13.55 16.02
C THR D 137 -24.52 -13.11 17.48
N SER D 138 -23.37 -12.80 18.08
CA SER D 138 -23.35 -12.15 19.36
C SER D 138 -22.55 -10.85 19.30
N GLY D 139 -21.85 -10.60 18.20
CA GLY D 139 -21.11 -9.36 18.07
C GLY D 139 -22.03 -8.18 17.83
N ILE D 140 -21.38 -7.02 17.86
CA ILE D 140 -22.11 -5.77 17.70
C ILE D 140 -22.20 -5.45 16.21
N ILE D 141 -21.05 -5.39 15.54
CA ILE D 141 -21.03 -5.03 14.13
C ILE D 141 -21.30 -6.26 13.28
N ASP D 142 -22.15 -6.09 12.27
CA ASP D 142 -22.41 -7.09 11.24
C ASP D 142 -23.23 -8.28 11.74
N THR D 143 -23.98 -8.09 12.82
CA THR D 143 -24.93 -9.06 13.33
C THR D 143 -26.35 -8.50 13.22
N PRO D 144 -27.35 -9.38 13.23
CA PRO D 144 -28.74 -8.90 13.31
C PRO D 144 -28.96 -8.02 14.54
N LEU D 145 -29.76 -6.96 14.36
CA LEU D 145 -30.02 -6.02 15.45
C LEU D 145 -31.22 -6.40 16.31
N LEU D 146 -32.15 -7.19 15.77
CA LEU D 146 -33.21 -7.82 16.55
C LEU D 146 -33.23 -9.33 16.32
N LEU D 147 -33.23 -10.09 17.40
CA LEU D 147 -33.35 -11.54 17.32
C LEU D 147 -34.45 -11.95 18.26
N CYS D 148 -35.48 -12.60 17.74
CA CYS D 148 -36.60 -12.96 18.58
C CYS D 148 -36.94 -14.42 18.41
N GLN D 149 -37.34 -15.05 19.53
CA GLN D 149 -37.70 -16.46 19.53
C GLN D 149 -39.06 -16.60 20.20
N VAL D 150 -39.96 -17.28 19.49
CA VAL D 150 -41.26 -17.65 20.04
C VAL D 150 -41.25 -19.15 20.33
N THR D 151 -41.47 -19.50 21.60
CA THR D 151 -41.44 -20.88 22.05
C THR D 151 -42.82 -21.24 22.58
N HIS D 152 -43.48 -22.18 21.92
CA HIS D 152 -44.82 -22.56 22.35
C HIS D 152 -44.77 -23.81 23.24
N LEU D 153 -45.66 -23.82 24.22
CA LEU D 153 -45.64 -24.77 25.32
C LEU D 153 -46.73 -25.81 25.11
N LEU D 154 -46.58 -26.94 25.82
CA LEU D 154 -47.62 -27.95 25.82
C LEU D 154 -48.98 -27.37 26.20
N CYS D 155 -49.00 -26.50 27.21
CA CYS D 155 -50.27 -25.95 27.71
C CYS D 155 -50.96 -25.02 26.70
N GLY D 156 -50.35 -24.71 25.56
CA GLY D 156 -50.93 -23.80 24.59
C GLY D 156 -50.49 -22.35 24.71
N GLY D 157 -50.04 -21.93 25.90
CA GLY D 157 -49.40 -20.64 26.07
C GLY D 157 -48.07 -20.59 25.33
N PHE D 158 -47.37 -19.47 25.48
CA PHE D 158 -46.09 -19.36 24.79
C PHE D 158 -45.21 -18.29 25.42
N ILE D 159 -43.92 -18.44 25.19
CA ILE D 159 -42.93 -17.44 25.55
C ILE D 159 -42.58 -16.65 24.31
N PHE D 160 -42.38 -15.35 24.49
CA PHE D 160 -41.78 -14.51 23.48
C PHE D 160 -40.57 -13.89 24.14
N ALA D 161 -39.39 -14.13 23.57
CA ALA D 161 -38.22 -13.44 24.08
C ALA D 161 -37.52 -12.75 22.91
N PHE D 162 -36.76 -11.70 23.24
CA PHE D 162 -36.18 -10.87 22.19
C PHE D 162 -34.91 -10.16 22.69
N ARG D 163 -33.91 -10.15 21.82
CA ARG D 163 -32.64 -9.46 22.06
C ARG D 163 -32.54 -8.33 21.04
N PHE D 164 -32.14 -7.17 21.53
CA PHE D 164 -31.91 -5.98 20.74
C PHE D 164 -30.45 -5.58 20.91
N ASN D 165 -29.82 -5.21 19.80
CA ASN D 165 -28.52 -4.57 19.89
C ASN D 165 -28.66 -3.27 20.67
N HIS D 166 -27.90 -3.14 21.76
CA HIS D 166 -28.06 -1.99 22.63
C HIS D 166 -27.55 -0.69 22.01
N THR D 167 -26.83 -0.74 20.89
CA THR D 167 -26.52 0.52 20.26
C THR D 167 -27.73 1.16 19.63
N MET D 168 -28.87 0.46 19.60
CA MET D 168 -30.03 0.96 18.88
C MET D 168 -31.12 1.51 19.75
N THR D 169 -31.21 1.12 21.02
CA THR D 169 -32.31 1.49 21.88
C THR D 169 -32.02 1.00 23.28
N ASP D 170 -32.72 1.55 24.26
CA ASP D 170 -32.63 1.10 25.65
C ASP D 170 -34.00 0.64 26.12
N ALA D 171 -34.03 0.00 27.29
CA ALA D 171 -35.22 -0.63 27.86
C ALA D 171 -36.52 0.13 27.59
N GLN D 172 -36.49 1.44 27.81
CA GLN D 172 -37.64 2.31 27.57
C GLN D 172 -38.08 2.30 26.11
N GLY D 173 -37.14 2.60 25.22
CA GLY D 173 -37.38 2.40 23.81
C GLY D 173 -37.93 1.03 23.51
N LEU D 174 -37.45 -0.01 24.20
CA LEU D 174 -38.02 -1.34 23.98
C LEU D 174 -39.49 -1.34 24.24
N THR D 175 -39.91 -0.73 25.34
CA THR D 175 -41.35 -0.68 25.62
C THR D 175 -42.11 0.02 24.50
N LEU D 176 -41.57 1.14 24.01
CA LEU D 176 -42.21 1.85 22.89
C LEU D 176 -42.31 0.96 21.64
N ILE D 177 -41.17 0.44 21.19
CA ILE D 177 -41.06 -0.33 19.94
C ILE D 177 -41.90 -1.60 20.01
N MET D 178 -41.92 -2.24 21.17
CA MET D 178 -42.73 -3.45 21.33
C MET D 178 -44.21 -3.11 21.33
N SER D 179 -44.58 -1.98 21.94
CA SER D 179 -45.95 -1.49 21.80
C SER D 179 -46.35 -1.36 20.33
N ALA D 180 -45.56 -0.63 19.54
CA ALA D 180 -45.77 -0.64 18.11
C ALA D 180 -46.02 -2.05 17.61
N LEU D 181 -44.98 -2.89 17.66
CA LEU D 181 -45.06 -4.24 17.10
C LEU D 181 -46.36 -4.92 17.48
N GLY D 182 -46.78 -4.79 18.73
CA GLY D 182 -48.01 -5.45 19.14
C GLY D 182 -49.24 -4.86 18.48
N GLU D 183 -49.25 -3.53 18.31
CA GLU D 183 -50.36 -2.89 17.61
C GLU D 183 -50.48 -3.42 16.19
N ILE D 184 -49.35 -3.53 15.47
CA ILE D 184 -49.45 -4.16 14.15
C ILE D 184 -49.87 -5.62 14.29
N ALA D 185 -49.35 -6.33 15.31
CA ALA D 185 -49.71 -7.72 15.58
C ALA D 185 -51.18 -7.91 15.94
N ARG D 186 -51.92 -6.82 16.17
CA ARG D 186 -53.28 -6.88 16.68
C ARG D 186 -54.27 -6.34 15.65
N GLY D 187 -53.78 -6.00 14.46
CA GLY D 187 -54.61 -5.55 13.35
C GLY D 187 -54.17 -4.20 12.81
N ALA D 188 -53.51 -3.39 13.64
CA ALA D 188 -53.18 -2.02 13.26
C ALA D 188 -52.25 -2.01 12.06
N LYS D 189 -52.45 -1.03 11.19
CA LYS D 189 -51.61 -0.87 10.02
C LYS D 189 -50.58 0.25 10.16
N ALA D 190 -50.55 0.96 11.29
CA ALA D 190 -49.41 1.78 11.66
C ALA D 190 -49.34 1.81 13.17
N PRO D 191 -48.15 1.95 13.74
CA PRO D 191 -48.08 2.19 15.18
C PRO D 191 -48.83 3.47 15.50
N SER D 192 -49.44 3.50 16.69
CA SER D 192 -50.03 4.74 17.17
C SER D 192 -48.99 5.87 17.15
N ILE D 193 -47.75 5.60 17.53
CA ILE D 193 -46.68 6.58 17.46
C ILE D 193 -45.81 6.24 16.26
N LEU D 194 -45.57 7.23 15.38
CA LEU D 194 -44.75 7.00 14.18
C LEU D 194 -43.27 7.17 14.51
N PRO D 195 -42.42 6.20 14.17
CA PRO D 195 -41.03 6.25 14.61
C PRO D 195 -40.28 7.34 13.89
N VAL D 196 -39.33 7.94 14.60
CA VAL D 196 -38.43 8.92 14.02
C VAL D 196 -37.00 8.52 14.37
N TRP D 197 -36.09 9.14 13.66
CA TRP D 197 -34.66 8.88 13.81
C TRP D 197 -33.98 10.23 13.77
N GLN D 198 -33.67 10.78 14.93
CA GLN D 198 -32.95 12.03 14.96
C GLN D 198 -31.77 11.91 15.87
N ARG D 199 -30.97 10.89 15.62
CA ARG D 199 -29.76 10.66 16.42
C ARG D 199 -28.81 11.84 16.36
N GLU D 200 -28.79 12.57 15.23
CA GLU D 200 -27.97 13.77 15.10
C GLU D 200 -28.14 14.69 16.29
N LEU D 201 -29.36 14.73 16.87
CA LEU D 201 -29.67 15.60 18.01
C LEU D 201 -28.82 15.31 19.24
N LEU D 202 -28.09 14.21 19.26
CA LEU D 202 -27.23 13.82 20.38
C LEU D 202 -25.78 13.65 19.94
N CYS D 203 -25.40 14.24 18.81
CA CYS D 203 -24.03 14.15 18.32
C CYS D 203 -23.34 15.50 18.40
N SER D 204 -22.01 15.46 18.46
CA SER D 204 -21.16 16.66 18.37
C SER D 204 -19.68 16.31 18.28
N ASP D 224 -12.24 -20.37 35.36
CA ASP D 224 -12.80 -20.80 36.63
C ASP D 224 -13.66 -19.73 37.28
N MET D 225 -14.88 -19.64 36.79
CA MET D 225 -15.92 -18.77 37.32
C MET D 225 -17.08 -19.62 37.83
N THR D 226 -17.91 -19.01 38.68
CA THR D 226 -19.07 -19.71 39.22
C THR D 226 -20.17 -18.69 39.45
N GLN D 227 -21.41 -19.18 39.52
CA GLN D 227 -22.56 -18.31 39.64
C GLN D 227 -23.34 -18.59 40.92
N LYS D 228 -23.69 -17.51 41.63
CA LYS D 228 -24.57 -17.56 42.78
C LYS D 228 -25.67 -16.51 42.61
N SER D 229 -26.86 -16.81 43.14
CA SER D 229 -27.98 -15.88 43.09
C SER D 229 -28.52 -15.74 44.51
N PHE D 230 -28.54 -14.49 45.02
CA PHE D 230 -28.81 -14.27 46.43
C PHE D 230 -30.14 -13.58 46.67
N PHE D 231 -30.73 -13.99 47.82
CA PHE D 231 -31.93 -13.39 48.31
C PHE D 231 -31.66 -12.85 49.73
N ILE D 232 -31.45 -11.55 49.74
CA ILE D 232 -31.32 -10.83 51.00
C ILE D 232 -32.63 -10.06 51.23
N THR D 233 -33.28 -10.27 52.41
CA THR D 233 -34.65 -9.83 52.64
C THR D 233 -34.73 -8.34 53.05
N ASN D 234 -35.93 -7.72 52.93
CA ASN D 234 -35.92 -6.24 52.92
C ASN D 234 -35.73 -5.64 54.29
N THR D 235 -36.52 -6.10 55.25
CA THR D 235 -36.25 -5.67 56.61
C THR D 235 -34.80 -6.01 57.00
N GLU D 236 -34.23 -7.11 56.46
CA GLU D 236 -32.84 -7.39 56.80
C GLU D 236 -31.90 -6.36 56.12
N ILE D 237 -32.23 -5.88 54.89
CA ILE D 237 -31.67 -4.60 54.40
C ILE D 237 -31.71 -3.52 55.48
N SER D 238 -32.90 -3.23 55.99
CA SER D 238 -33.05 -2.08 56.89
C SER D 238 -32.06 -2.18 58.01
N ALA D 239 -31.68 -3.41 58.35
CA ALA D 239 -30.62 -3.59 59.32
C ALA D 239 -29.34 -2.87 58.88
N LEU D 240 -28.90 -3.08 57.62
CA LEU D 240 -27.64 -2.51 57.17
C LEU D 240 -27.77 -0.99 57.07
N ARG D 241 -28.99 -0.54 56.78
CA ARG D 241 -29.42 0.85 56.95
C ARG D 241 -29.26 1.35 58.38
N ARG D 242 -29.46 0.45 59.35
CA ARG D 242 -29.49 0.95 60.70
C ARG D 242 -28.10 0.97 61.25
N HIS D 243 -27.16 0.39 60.51
CA HIS D 243 -25.75 0.45 60.86
C HIS D 243 -24.98 1.50 60.03
N VAL D 244 -25.66 2.52 59.52
CA VAL D 244 -24.98 3.53 58.72
C VAL D 244 -25.50 4.89 59.16
N PRO D 245 -25.06 6.00 58.53
CA PRO D 245 -25.41 7.34 59.06
C PRO D 245 -26.84 7.84 58.83
N THR D 246 -27.16 8.89 59.60
CA THR D 246 -28.51 9.46 59.70
C THR D 246 -28.91 10.21 58.44
N HIS D 247 -28.05 11.16 58.04
CA HIS D 247 -28.23 11.99 56.85
C HIS D 247 -28.18 11.18 55.56
N LEU D 248 -27.98 9.87 55.66
CA LEU D 248 -27.90 8.99 54.52
C LEU D 248 -29.06 7.99 54.44
N GLN D 249 -29.86 7.84 55.50
CA GLN D 249 -30.87 6.77 55.61
C GLN D 249 -32.08 6.94 54.70
N LYS D 250 -32.18 8.02 53.93
CA LYS D 250 -33.30 8.21 53.02
C LYS D 250 -33.01 7.75 51.59
N CYS D 251 -31.85 7.14 51.34
CA CYS D 251 -31.54 6.75 49.97
C CYS D 251 -32.47 5.64 49.49
N THR D 252 -32.41 5.39 48.18
CA THR D 252 -33.20 4.31 47.64
C THR D 252 -32.56 2.98 47.99
N THR D 253 -33.30 1.91 47.78
CA THR D 253 -32.82 0.56 48.04
C THR D 253 -31.62 0.22 47.19
N PHE D 254 -31.67 0.67 45.95
CA PHE D 254 -30.65 0.39 44.97
C PHE D 254 -29.29 0.95 45.29
N GLU D 255 -29.27 2.18 45.75
CA GLU D 255 -28.01 2.80 46.03
C GLU D 255 -27.39 2.00 47.12
N LEU D 256 -28.19 1.71 48.11
CA LEU D 256 -27.72 0.97 49.25
C LEU D 256 -27.30 -0.39 48.78
N LEU D 257 -28.14 -1.03 47.98
CA LEU D 257 -27.70 -2.38 47.52
C LEU D 257 -26.59 -2.27 46.43
N THR D 258 -26.47 -1.11 45.77
CA THR D 258 -25.27 -0.72 45.01
C THR D 258 -24.04 -0.56 45.90
N ALA D 259 -24.13 0.33 46.91
CA ALA D 259 -23.00 0.48 47.84
C ALA D 259 -22.52 -0.85 48.44
N CYS D 260 -23.36 -1.68 49.03
CA CYS D 260 -22.72 -2.87 49.59
C CYS D 260 -22.19 -3.79 48.46
N ILE D 261 -22.87 -3.83 47.29
CA ILE D 261 -22.28 -4.70 46.26
C ILE D 261 -20.88 -4.22 45.90
N TRP D 262 -20.69 -2.92 45.68
CA TRP D 262 -19.35 -2.43 45.36
C TRP D 262 -18.38 -2.64 46.51
N ARG D 263 -18.75 -2.20 47.71
CA ARG D 263 -17.98 -2.48 48.90
C ARG D 263 -17.47 -3.92 48.96
N CYS D 264 -18.41 -4.88 48.84
CA CYS D 264 -18.08 -6.28 48.95
C CYS D 264 -17.16 -6.74 47.83
N HIS D 265 -17.53 -6.52 46.55
CA HIS D 265 -16.61 -6.87 45.47
C HIS D 265 -15.23 -6.28 45.77
N THR D 266 -15.17 -4.98 46.02
CA THR D 266 -13.89 -4.32 46.25
C THR D 266 -13.05 -5.00 47.33
N ILE D 267 -13.62 -5.29 48.49
CA ILE D 267 -12.87 -6.02 49.50
C ILE D 267 -12.41 -7.36 48.94
N ALA D 268 -13.26 -8.04 48.15
CA ALA D 268 -12.90 -9.34 47.60
C ALA D 268 -11.80 -9.26 46.56
N LEU D 269 -11.63 -8.12 45.87
CA LEU D 269 -10.61 -8.15 44.82
C LEU D 269 -9.27 -8.48 45.39
N GLN D 270 -8.90 -7.88 46.51
CA GLN D 270 -7.55 -8.08 47.02
C GLN D 270 -6.50 -7.75 45.94
N PRO D 271 -6.76 -6.67 45.12
CA PRO D 271 -5.75 -6.39 44.08
C PRO D 271 -4.80 -5.34 44.59
N ASP D 272 -3.88 -4.89 43.75
CA ASP D 272 -2.85 -3.96 44.20
C ASP D 272 -3.33 -2.69 44.84
N PRO D 273 -2.60 -2.25 45.85
CA PRO D 273 -2.95 -1.00 46.53
C PRO D 273 -2.82 0.14 45.52
N LYS D 274 -3.50 1.24 45.80
CA LYS D 274 -3.38 2.56 45.18
C LYS D 274 -4.33 2.81 44.01
N GLU D 275 -4.99 1.78 43.45
CA GLU D 275 -5.71 2.06 42.22
C GLU D 275 -7.14 2.54 42.50
N GLU D 276 -7.86 2.71 41.41
CA GLU D 276 -9.08 3.46 41.40
C GLU D 276 -10.24 2.50 41.12
N MET D 277 -11.12 2.32 42.12
CA MET D 277 -12.26 1.43 41.98
C MET D 277 -13.41 2.27 41.45
N HIS D 278 -14.18 1.66 40.54
CA HIS D 278 -15.21 2.33 39.78
C HIS D 278 -16.53 1.59 39.95
N MET D 279 -17.59 2.33 40.24
CA MET D 279 -18.96 1.83 40.29
C MET D 279 -19.75 2.57 39.23
N ILE D 280 -20.36 1.83 38.31
CA ILE D 280 -20.99 2.43 37.14
C ILE D 280 -22.35 1.80 36.93
N TRP D 281 -23.38 2.63 36.81
CA TRP D 281 -24.70 2.09 36.58
C TRP D 281 -25.50 2.98 35.64
N PRO D 282 -26.43 2.41 34.90
CA PRO D 282 -27.22 3.21 33.95
C PRO D 282 -28.47 3.84 34.56
N VAL D 283 -28.58 5.17 34.49
CA VAL D 283 -29.78 5.90 34.90
C VAL D 283 -30.49 6.43 33.64
N ASN D 284 -31.79 6.14 33.55
CA ASN D 284 -32.64 6.60 32.46
C ASN D 284 -33.04 8.05 32.68
N VAL D 285 -32.77 8.90 31.70
CA VAL D 285 -33.07 10.31 31.87
C VAL D 285 -34.13 10.78 30.88
N ARG D 286 -34.95 9.86 30.37
CA ARG D 286 -36.01 10.27 29.44
C ARG D 286 -37.01 11.18 30.13
N ASN D 287 -37.28 10.95 31.41
CA ASN D 287 -38.28 11.71 32.11
C ASN D 287 -37.73 12.53 33.27
N LYS D 288 -36.43 12.44 33.55
CA LYS D 288 -35.86 13.16 34.69
C LYS D 288 -35.63 14.61 34.32
N PHE D 289 -35.32 14.83 33.06
CA PHE D 289 -34.91 16.11 32.51
C PHE D 289 -36.06 16.75 31.74
N LYS D 290 -36.00 18.07 31.63
CA LYS D 290 -36.98 18.84 30.85
C LYS D 290 -36.23 19.53 29.72
N PHE D 291 -36.47 19.10 28.49
CA PHE D 291 -35.57 19.39 27.38
C PHE D 291 -36.05 20.60 26.58
N ILE D 292 -35.11 21.44 26.15
CA ILE D 292 -35.44 22.55 25.29
C ILE D 292 -34.74 22.38 23.94
N PRO D 293 -35.48 22.13 22.86
CA PRO D 293 -36.91 21.88 22.98
C PRO D 293 -37.17 20.41 23.37
N PRO D 294 -38.41 19.97 23.52
CA PRO D 294 -38.65 18.58 23.90
C PRO D 294 -38.20 17.60 22.82
N LEU D 295 -38.19 16.33 23.20
CA LEU D 295 -37.73 15.28 22.30
C LEU D 295 -38.85 14.84 21.38
N PRO D 296 -38.52 14.26 20.23
CA PRO D 296 -39.57 13.80 19.32
C PRO D 296 -40.33 12.66 19.96
N VAL D 297 -41.55 12.47 19.47
CA VAL D 297 -42.45 11.53 20.12
C VAL D 297 -42.08 10.07 19.86
N GLY D 298 -41.30 9.77 18.83
CA GLY D 298 -40.83 8.41 18.66
C GLY D 298 -39.32 8.30 18.54
N TYR D 299 -38.59 8.84 19.51
CA TYR D 299 -37.14 8.93 19.34
C TYR D 299 -36.48 7.55 19.41
N TYR D 300 -36.76 6.80 20.46
CA TYR D 300 -36.36 5.41 20.69
C TYR D 300 -34.84 5.16 20.64
N GLY D 301 -34.02 6.18 20.63
CA GLY D 301 -32.59 5.96 20.77
C GLY D 301 -32.19 5.82 22.22
N ASN D 302 -30.93 5.45 22.43
CA ASN D 302 -30.44 5.33 23.80
C ASN D 302 -30.48 6.70 24.47
N LEU D 303 -30.94 6.71 25.75
CA LEU D 303 -31.09 7.94 26.56
C LEU D 303 -30.64 7.67 28.01
N LEU D 304 -29.33 7.46 28.19
CA LEU D 304 -28.77 6.91 29.42
C LEU D 304 -27.57 7.71 29.89
N ALA D 305 -27.57 8.05 31.17
CA ALA D 305 -26.38 8.58 31.83
C ALA D 305 -25.76 7.49 32.68
N PHE D 306 -24.45 7.59 32.90
CA PHE D 306 -23.71 6.57 33.63
C PHE D 306 -22.93 7.20 34.77
N PRO D 307 -23.56 7.36 35.94
CA PRO D 307 -22.83 7.79 37.13
C PRO D 307 -21.56 6.99 37.35
N ASP D 308 -20.47 7.71 37.65
CA ASP D 308 -19.16 7.13 37.88
C ASP D 308 -18.83 7.44 39.33
N ALA D 309 -18.96 6.42 40.18
CA ALA D 309 -18.63 6.54 41.59
C ALA D 309 -17.23 6.00 41.79
N VAL D 310 -16.37 6.74 42.48
CA VAL D 310 -14.97 6.37 42.38
C VAL D 310 -14.30 6.55 43.73
N SER D 311 -13.40 5.60 44.05
CA SER D 311 -12.73 5.65 45.35
C SER D 311 -11.41 4.87 45.31
N THR D 312 -10.64 4.93 46.41
CA THR D 312 -9.48 4.05 46.54
C THR D 312 -9.90 2.74 47.20
N ALA D 313 -9.21 1.66 46.83
CA ALA D 313 -9.52 0.33 47.36
C ALA D 313 -9.50 0.34 48.87
N ARG D 314 -8.44 0.91 49.43
CA ARG D 314 -8.30 0.88 50.88
C ARG D 314 -9.31 1.78 51.56
N ASP D 315 -9.71 2.90 50.94
CA ASP D 315 -10.73 3.72 51.59
C ASP D 315 -12.07 2.95 51.67
N LEU D 316 -12.44 2.27 50.58
CA LEU D 316 -13.60 1.38 50.58
C LEU D 316 -13.48 0.30 51.65
N CYS D 317 -12.26 -0.23 51.82
CA CYS D 317 -12.00 -1.35 52.72
C CYS D 317 -11.96 -0.93 54.19
N ASN D 318 -11.54 0.30 54.48
CA ASN D 318 -11.31 0.80 55.83
C ASN D 318 -12.38 1.78 56.33
N LYS D 319 -13.28 2.25 55.47
CA LYS D 319 -14.37 3.09 55.94
C LYS D 319 -15.71 2.33 55.96
N PRO D 320 -16.71 2.82 56.81
CA PRO D 320 -18.02 2.15 56.99
C PRO D 320 -18.95 2.23 55.79
N LEU D 321 -20.17 1.68 55.86
CA LEU D 321 -20.91 1.67 54.59
C LEU D 321 -21.28 3.06 54.11
N GLY D 322 -21.57 4.01 55.05
CA GLY D 322 -21.71 5.45 54.70
C GLY D 322 -20.73 5.92 53.65
N TYR D 323 -19.50 5.40 53.66
CA TYR D 323 -18.53 5.85 52.68
C TYR D 323 -18.98 5.52 51.24
N ALA D 324 -18.94 4.23 50.90
CA ALA D 324 -19.39 3.79 49.58
C ALA D 324 -20.74 4.39 49.25
N LEU D 325 -21.72 4.22 50.14
CA LEU D 325 -23.04 4.77 49.85
C LEU D 325 -22.96 6.27 49.57
N GLU D 326 -22.56 7.08 50.55
CA GLU D 326 -22.36 8.53 50.43
C GLU D 326 -21.87 8.94 49.04
N LEU D 327 -20.74 8.35 48.61
CA LEU D 327 -20.23 8.71 47.30
C LEU D 327 -21.19 8.28 46.19
N VAL D 328 -21.86 7.13 46.34
CA VAL D 328 -22.79 6.67 45.30
C VAL D 328 -23.87 7.71 45.05
N MET D 329 -24.50 8.21 46.13
CA MET D 329 -25.49 9.28 45.95
C MET D 329 -24.89 10.55 45.37
N LYS D 330 -23.74 10.98 45.90
CA LYS D 330 -23.22 12.27 45.46
C LYS D 330 -22.81 12.23 44.00
N ALA D 331 -22.30 11.08 43.51
CA ALA D 331 -22.00 10.94 42.08
C ALA D 331 -23.26 10.72 41.25
N ARG D 332 -24.21 9.96 41.77
CA ARG D 332 -25.48 9.76 41.06
C ARG D 332 -26.18 11.09 40.81
N TYR D 333 -26.23 11.94 41.83
CA TYR D 333 -26.88 13.24 41.73
C TYR D 333 -25.92 14.29 41.16
N ASP D 334 -24.62 14.00 41.13
CA ASP D 334 -23.65 14.76 40.34
C ASP D 334 -23.84 14.52 38.85
N VAL D 335 -24.48 13.39 38.49
CA VAL D 335 -24.95 13.15 37.13
C VAL D 335 -26.37 13.68 36.88
N THR D 336 -27.25 13.68 37.89
CA THR D 336 -28.60 14.26 37.75
C THR D 336 -28.68 15.75 38.12
N LYS D 337 -27.54 16.46 38.13
CA LYS D 337 -27.49 17.80 38.74
C LYS D 337 -28.33 18.78 37.93
N LYS D 338 -28.02 18.95 36.66
CA LYS D 338 -28.70 19.92 35.83
C LYS D 338 -29.97 19.28 35.25
N ARG D 339 -31.09 19.97 35.35
CA ARG D 339 -32.38 19.38 34.97
C ARG D 339 -33.05 20.10 33.81
N VAL D 340 -32.43 21.13 33.23
CA VAL D 340 -32.98 21.81 32.05
C VAL D 340 -31.86 22.19 31.07
N GLY D 341 -31.87 21.59 29.89
CA GLY D 341 -30.78 21.77 28.95
C GLY D 341 -31.04 21.03 27.65
N SER D 342 -30.44 21.49 26.57
CA SER D 342 -30.44 20.69 25.35
C SER D 342 -29.87 19.30 25.65
N VAL D 343 -30.41 18.30 24.94
CA VAL D 343 -29.98 16.92 25.15
C VAL D 343 -28.46 16.82 25.08
N SER D 344 -27.86 17.41 24.04
CA SER D 344 -26.40 17.42 23.95
C SER D 344 -25.79 17.96 25.23
N ASP D 345 -26.33 19.05 25.77
CA ASP D 345 -25.78 19.65 26.97
C ASP D 345 -26.18 18.89 28.23
N LEU D 346 -27.23 18.10 28.17
CA LEU D 346 -27.70 17.43 29.37
C LEU D 346 -27.40 15.94 29.42
N VAL D 347 -27.26 15.27 28.27
CA VAL D 347 -26.96 13.86 28.21
C VAL D 347 -25.59 13.70 27.56
N LYS D 348 -24.68 13.06 28.27
CA LYS D 348 -23.33 12.87 27.77
C LYS D 348 -22.91 11.42 27.90
N PRO D 349 -22.14 10.91 26.94
CA PRO D 349 -21.54 9.60 27.10
C PRO D 349 -20.71 9.55 28.37
N PHE D 350 -20.50 8.33 28.85
CA PHE D 350 -19.48 8.09 29.85
C PHE D 350 -18.13 8.48 29.26
N LYS D 351 -17.51 9.52 29.83
CA LYS D 351 -16.29 10.08 29.26
C LYS D 351 -15.07 9.20 29.55
N GLY D 352 -14.15 9.18 28.58
CA GLY D 352 -12.94 8.39 28.67
C GLY D 352 -13.22 6.92 28.43
N PRO D 353 -12.17 6.14 28.17
CA PRO D 353 -12.36 4.69 28.01
C PRO D 353 -12.64 4.04 29.35
N VAL D 354 -13.67 3.20 29.38
CA VAL D 354 -14.02 2.36 30.52
C VAL D 354 -12.77 1.70 31.06
N PRO D 355 -12.38 1.96 32.32
CA PRO D 355 -11.20 1.28 32.88
C PRO D 355 -11.58 -0.13 33.35
N ALA D 356 -10.57 -0.90 33.77
CA ALA D 356 -10.85 -2.31 34.07
C ALA D 356 -11.55 -2.52 35.41
N ARG D 357 -11.20 -1.74 36.43
CA ARG D 357 -11.65 -2.00 37.80
C ARG D 357 -13.13 -1.74 38.04
N HIS D 358 -13.85 -1.20 37.05
CA HIS D 358 -15.27 -0.87 37.19
C HIS D 358 -16.16 -2.03 37.63
N ALA D 359 -17.33 -1.70 38.18
CA ALA D 359 -18.42 -2.65 38.35
C ALA D 359 -19.71 -2.00 37.85
N ILE D 360 -20.67 -2.85 37.48
CA ILE D 360 -21.95 -2.43 36.88
C ILE D 360 -23.11 -3.08 37.61
N VAL D 361 -24.05 -2.25 38.07
CA VAL D 361 -25.30 -2.72 38.67
C VAL D 361 -26.45 -2.09 37.89
N SER D 362 -27.33 -2.93 37.36
CA SER D 362 -28.51 -2.46 36.69
C SER D 362 -29.73 -2.69 37.59
N ASP D 363 -30.59 -1.68 37.65
CA ASP D 363 -31.82 -1.73 38.41
C ASP D 363 -32.91 -2.32 37.54
N LEU D 364 -33.59 -3.34 38.05
CA LEU D 364 -34.70 -3.96 37.33
C LEU D 364 -36.00 -3.92 38.12
N THR D 365 -36.11 -2.99 39.08
CA THR D 365 -37.25 -2.85 39.97
C THR D 365 -38.38 -1.97 39.43
N ARG D 366 -38.15 -1.22 38.36
CA ARG D 366 -39.15 -0.27 37.88
C ARG D 366 -39.44 -0.44 36.40
N THR D 371 -47.60 -4.38 29.24
CA THR D 371 -48.70 -3.73 28.53
C THR D 371 -48.51 -3.82 27.02
N VAL D 372 -47.94 -4.94 26.60
CA VAL D 372 -47.82 -5.28 25.19
C VAL D 372 -48.75 -6.47 24.95
N ASP D 373 -49.56 -6.38 23.90
CA ASP D 373 -50.49 -7.43 23.51
C ASP D 373 -50.23 -7.82 22.07
N TYR D 374 -50.32 -9.12 21.77
CA TYR D 374 -50.28 -9.62 20.40
C TYR D 374 -51.54 -10.37 20.02
N GLY D 375 -52.58 -10.36 20.86
CA GLY D 375 -53.81 -11.09 20.59
C GLY D 375 -54.18 -12.12 21.64
N TRP D 376 -53.35 -12.29 22.68
CA TRP D 376 -53.58 -13.23 23.78
C TRP D 376 -53.73 -12.56 25.14
N GLY D 377 -53.75 -11.22 25.18
CA GLY D 377 -53.80 -10.47 26.42
C GLY D 377 -52.42 -10.00 26.87
N ASN D 378 -52.40 -9.40 28.05
CA ASN D 378 -51.14 -8.93 28.63
C ASN D 378 -50.27 -10.12 29.08
N PRO D 379 -48.94 -9.94 29.13
CA PRO D 379 -48.13 -11.07 29.56
C PRO D 379 -48.38 -11.48 31.02
N PRO D 393 -15.00 -8.83 32.41
CA PRO D 393 -13.95 -9.16 33.38
C PRO D 393 -14.27 -8.62 34.78
N GLY D 394 -14.93 -7.47 34.82
CA GLY D 394 -15.42 -6.94 36.07
C GLY D 394 -16.75 -7.54 36.45
N LEU D 395 -17.37 -6.95 37.48
CA LEU D 395 -18.63 -7.44 38.01
C LEU D 395 -19.80 -6.77 37.29
N THR D 396 -20.68 -7.59 36.72
CA THR D 396 -21.92 -7.14 36.09
C THR D 396 -23.09 -7.88 36.73
N THR D 397 -23.94 -7.15 37.44
CA THR D 397 -25.03 -7.81 38.16
C THR D 397 -26.29 -6.95 38.10
N TYR D 398 -27.37 -7.48 38.66
CA TYR D 398 -28.68 -6.86 38.58
C TYR D 398 -29.37 -6.87 39.93
N LEU D 399 -30.30 -5.94 40.07
CA LEU D 399 -31.19 -5.87 41.23
C LEU D 399 -32.57 -6.29 40.73
N ILE D 400 -32.90 -7.55 40.97
CA ILE D 400 -34.09 -8.18 40.39
C ILE D 400 -35.16 -8.26 41.46
N PRO D 401 -36.27 -7.53 41.31
CA PRO D 401 -37.35 -7.56 42.32
C PRO D 401 -37.84 -8.97 42.53
N HIS D 402 -38.50 -9.17 43.67
CA HIS D 402 -38.69 -10.54 44.13
C HIS D 402 -39.56 -10.66 45.38
N THR D 403 -40.64 -11.44 45.34
CA THR D 403 -41.32 -11.85 46.57
C THR D 403 -40.93 -13.30 46.84
N ASN D 404 -40.39 -13.51 48.04
CA ASN D 404 -39.92 -14.81 48.49
C ASN D 404 -41.00 -15.80 48.85
N ASN D 405 -40.54 -16.97 49.23
CA ASN D 405 -41.37 -18.11 49.58
C ASN D 405 -42.23 -17.75 50.82
N LYS D 406 -41.88 -16.64 51.46
CA LYS D 406 -42.61 -16.07 52.62
C LYS D 406 -43.28 -14.72 52.38
N GLY D 407 -43.85 -14.48 51.18
CA GLY D 407 -44.77 -13.37 50.92
C GLY D 407 -44.14 -12.06 51.28
N GLU D 408 -42.83 -12.13 51.18
CA GLU D 408 -41.89 -11.16 51.68
C GLU D 408 -41.26 -10.61 50.41
N SER D 409 -41.69 -9.42 50.00
CA SER D 409 -40.94 -8.72 48.97
C SER D 409 -39.47 -8.43 49.31
N GLY D 410 -38.61 -8.48 48.32
CA GLY D 410 -37.21 -8.89 48.44
C GLY D 410 -36.49 -8.81 47.11
N ILE D 411 -35.16 -8.88 47.17
CA ILE D 411 -34.35 -8.66 45.97
C ILE D 411 -33.32 -9.78 45.78
N VAL D 412 -33.27 -10.35 44.55
CA VAL D 412 -32.20 -11.27 44.17
C VAL D 412 -31.11 -10.51 43.42
N VAL D 413 -29.87 -10.93 43.67
CA VAL D 413 -28.66 -10.48 42.98
C VAL D 413 -27.95 -11.68 42.34
N PRO D 414 -27.95 -11.79 40.98
CA PRO D 414 -27.17 -12.84 40.25
C PRO D 414 -25.69 -12.53 40.13
N ILE D 415 -24.97 -12.61 41.25
CA ILE D 415 -23.52 -12.38 41.25
C ILE D 415 -22.80 -13.53 40.55
N ARG D 416 -21.74 -13.19 39.83
CA ARG D 416 -20.89 -14.20 39.21
C ARG D 416 -19.45 -13.69 39.18
N LEU D 417 -18.56 -14.39 39.89
CA LEU D 417 -17.14 -14.11 40.09
C LEU D 417 -16.33 -15.41 40.03
N PRO D 418 -15.02 -15.39 40.24
CA PRO D 418 -14.31 -16.63 40.60
C PRO D 418 -14.72 -17.09 41.99
N SER D 419 -14.51 -18.39 42.25
CA SER D 419 -15.10 -18.98 43.44
C SER D 419 -14.51 -18.36 44.70
N GLY D 420 -13.23 -18.01 44.68
CA GLY D 420 -12.62 -17.36 45.82
C GLY D 420 -13.31 -16.06 46.17
N VAL D 421 -13.18 -15.09 45.26
CA VAL D 421 -13.85 -13.81 45.43
C VAL D 421 -15.33 -13.97 45.68
N LEU D 422 -15.96 -15.02 45.12
CA LEU D 422 -17.37 -15.29 45.39
C LEU D 422 -17.62 -15.62 46.85
N ASP D 423 -16.86 -16.57 47.42
CA ASP D 423 -16.98 -16.89 48.83
C ASP D 423 -16.74 -15.67 49.68
N ARG D 424 -15.61 -15.02 49.44
CA ARG D 424 -15.23 -13.83 50.19
C ARG D 424 -16.18 -12.66 49.92
N PHE D 425 -16.80 -12.71 48.76
CA PHE D 425 -17.79 -11.71 48.49
C PHE D 425 -18.83 -12.01 49.57
N VAL D 426 -19.13 -13.30 49.73
CA VAL D 426 -20.08 -13.74 50.70
C VAL D 426 -19.66 -13.43 52.09
N LYS D 427 -18.38 -13.63 52.36
CA LYS D 427 -17.88 -13.42 53.70
C LYS D 427 -18.05 -12.01 54.14
N GLU D 428 -17.86 -11.09 53.23
CA GLU D 428 -17.97 -9.72 53.70
C GLU D 428 -19.43 -9.24 53.69
N ILE D 429 -20.19 -9.49 52.62
CA ILE D 429 -21.63 -9.18 52.64
C ILE D 429 -22.33 -9.91 53.81
N ASN D 430 -21.98 -11.17 54.04
CA ASN D 430 -22.54 -11.91 55.16
C ASN D 430 -22.26 -11.19 56.46
N ASN D 431 -20.98 -10.86 56.73
CA ASN D 431 -20.62 -10.16 57.96
C ASN D 431 -21.35 -8.83 58.08
N MET D 432 -21.49 -8.08 56.99
CA MET D 432 -22.12 -6.76 57.10
C MET D 432 -23.64 -6.91 57.36
N LEU D 433 -24.28 -7.86 56.65
CA LEU D 433 -25.65 -8.32 56.97
C LEU D 433 -25.84 -8.69 58.45
N THR D 434 -24.89 -9.47 59.02
CA THR D 434 -24.92 -9.88 60.43
C THR D 434 -24.86 -8.68 61.38
N GLN D 435 -23.78 -7.89 61.30
CA GLN D 435 -23.63 -6.67 62.11
C GLN D 435 -24.92 -5.88 62.14
N ALA D 436 -25.47 -5.66 60.95
CA ALA D 436 -26.71 -4.94 60.71
C ALA D 436 -27.86 -5.52 61.51
N GLN D 437 -28.16 -6.80 61.31
CA GLN D 437 -29.28 -7.43 62.03
C GLN D 437 -29.09 -7.36 63.55
N LYS D 438 -27.87 -7.58 64.04
CA LYS D 438 -27.59 -7.55 65.48
C LYS D 438 -26.29 -6.78 65.79
#